data_1FHE
# 
_entry.id   1FHE 
# 
_audit_conform.dict_name       mmcif_pdbx.dic 
_audit_conform.dict_version    5.389 
_audit_conform.dict_location   http://mmcif.pdb.org/dictionaries/ascii/mmcif_pdbx.dic 
# 
loop_
_database_2.database_id 
_database_2.database_code 
_database_2.pdbx_database_accession 
_database_2.pdbx_DOI 
PDB   1FHE         pdb_00001fhe 10.2210/pdb1fhe/pdb 
WWPDB D_1000173287 ?            ?                   
# 
loop_
_pdbx_audit_revision_history.ordinal 
_pdbx_audit_revision_history.data_content_type 
_pdbx_audit_revision_history.major_revision 
_pdbx_audit_revision_history.minor_revision 
_pdbx_audit_revision_history.revision_date 
1 'Structure model' 1 0 1998-07-29 
2 'Structure model' 1 1 2008-03-24 
3 'Structure model' 1 2 2011-07-13 
4 'Structure model' 1 3 2012-03-21 
5 'Structure model' 1 4 2024-02-07 
6 'Structure model' 1 5 2024-04-03 
# 
_pdbx_audit_revision_details.ordinal             1 
_pdbx_audit_revision_details.revision_ordinal    1 
_pdbx_audit_revision_details.data_content_type   'Structure model' 
_pdbx_audit_revision_details.provider            repository 
_pdbx_audit_revision_details.type                'Initial release' 
_pdbx_audit_revision_details.description         ? 
_pdbx_audit_revision_details.details             ? 
# 
loop_
_pdbx_audit_revision_group.ordinal 
_pdbx_audit_revision_group.revision_ordinal 
_pdbx_audit_revision_group.data_content_type 
_pdbx_audit_revision_group.group 
1 2 'Structure model' 'Version format compliance' 
2 3 'Structure model' 'Derived calculations'      
3 3 'Structure model' 'Version format compliance' 
4 4 'Structure model' 'Non-polymer description'   
5 5 'Structure model' 'Data collection'           
6 5 'Structure model' 'Database references'       
7 5 'Structure model' 'Derived calculations'      
8 5 'Structure model' Other                       
9 6 'Structure model' 'Refinement description'    
# 
loop_
_pdbx_audit_revision_category.ordinal 
_pdbx_audit_revision_category.revision_ordinal 
_pdbx_audit_revision_category.data_content_type 
_pdbx_audit_revision_category.category 
1 5 'Structure model' chem_comp_atom                
2 5 'Structure model' chem_comp_bond                
3 5 'Structure model' database_2                    
4 5 'Structure model' pdbx_database_status          
5 5 'Structure model' struct_site                   
6 6 'Structure model' pdbx_initial_refinement_model 
# 
loop_
_pdbx_audit_revision_item.ordinal 
_pdbx_audit_revision_item.revision_ordinal 
_pdbx_audit_revision_item.data_content_type 
_pdbx_audit_revision_item.item 
1 5 'Structure model' '_database_2.pdbx_DOI'                
2 5 'Structure model' '_database_2.pdbx_database_accession' 
3 5 'Structure model' '_pdbx_database_status.process_site'  
4 5 'Structure model' '_struct_site.pdbx_auth_asym_id'      
5 5 'Structure model' '_struct_site.pdbx_auth_comp_id'      
6 5 'Structure model' '_struct_site.pdbx_auth_seq_id'       
# 
_pdbx_database_status.status_code                     REL 
_pdbx_database_status.entry_id                        1FHE 
_pdbx_database_status.recvd_initial_deposition_date   1997-07-24 
_pdbx_database_status.deposit_site                    ? 
_pdbx_database_status.process_site                    BNL 
_pdbx_database_status.status_code_sf                  REL 
_pdbx_database_status.status_code_mr                  ? 
_pdbx_database_status.SG_entry                        ? 
_pdbx_database_status.status_code_cs                  ? 
_pdbx_database_status.pdb_format_compatible           Y 
_pdbx_database_status.status_code_nmr_data            ? 
_pdbx_database_status.methods_development_category    ? 
# 
loop_
_audit_author.name 
_audit_author.pdbx_ordinal 
'Rossjohn, J.' 1 
'Parker, M.W.' 2 
# 
_citation.id                        primary 
_citation.title                     
;Crystallization, structural determination and analysis of a novel parasite vaccine candidate: Fasciola hepatica glutathione S-transferase.
;
_citation.journal_abbrev            J.Mol.Biol. 
_citation.journal_volume            273 
_citation.page_first                857 
_citation.page_last                 872 
_citation.year                      1997 
_citation.journal_id_ASTM           JMOBAK 
_citation.country                   UK 
_citation.journal_id_ISSN           0022-2836 
_citation.journal_id_CSD            0070 
_citation.book_publisher            ? 
_citation.pdbx_database_id_PubMed   9367777 
_citation.pdbx_database_id_DOI      10.1006/jmbi.1997.1338 
# 
loop_
_citation_author.citation_id 
_citation_author.name 
_citation_author.ordinal 
_citation_author.identifier_ORCID 
primary 'Rossjohn, J.'   1 ? 
primary 'Feil, S.C.'     2 ? 
primary 'Wilce, M.C.'    3 ? 
primary 'Sexton, J.L.'   4 ? 
primary 'Spithill, T.W.' 5 ? 
primary 'Parker, M.W.'   6 ? 
# 
loop_
_entity.id 
_entity.type 
_entity.src_method 
_entity.pdbx_description 
_entity.formula_weight 
_entity.pdbx_number_of_molecules 
_entity.pdbx_ec 
_entity.pdbx_mutation 
_entity.pdbx_fragment 
_entity.details 
1 polymer     man 'GLUTATHIONE TRANSFERASE' 25318.242 1  2.5.1.18 ? ? ? 
2 non-polymer syn GLUTATHIONE               307.323   1  ?        ? ? ? 
3 water       nat water                     18.015    30 ?        ? ? ? 
# 
_entity_name_com.entity_id   1 
_entity_name_com.name        GST 
# 
_entity_poly.entity_id                      1 
_entity_poly.type                           'polypeptide(L)' 
_entity_poly.nstd_linkage                   no 
_entity_poly.nstd_monomer                   no 
_entity_poly.pdbx_seq_one_letter_code       
;PAKLGYWKLRGLAQPVRLFLEYLGEEYEEHLYGRDDREKWMSEKFNMGLDLPNLPYYIDDKCKLTQSVAIMRYIADKHGM
LGTTPEERARISMIEGAAMDLRIGFGRVCYNPKFEEVKEEYVKELPKTLKMWSDFLGDRHYLTGSSVSHVDFMLYETLDS
IRYLAPHCLDEFPKLKEFKSRIEALPKIKAYMESKRFIKWPLNGWAASFGAGDAPPS
;
_entity_poly.pdbx_seq_one_letter_code_can   
;PAKLGYWKLRGLAQPVRLFLEYLGEEYEEHLYGRDDREKWMSEKFNMGLDLPNLPYYIDDKCKLTQSVAIMRYIADKHGM
LGTTPEERARISMIEGAAMDLRIGFGRVCYNPKFEEVKEEYVKELPKTLKMWSDFLGDRHYLTGSSVSHVDFMLYETLDS
IRYLAPHCLDEFPKLKEFKSRIEALPKIKAYMESKRFIKWPLNGWAASFGAGDAPPS
;
_entity_poly.pdbx_strand_id                 A 
_entity_poly.pdbx_target_identifier         ? 
# 
loop_
_pdbx_entity_nonpoly.entity_id 
_pdbx_entity_nonpoly.name 
_pdbx_entity_nonpoly.comp_id 
2 GLUTATHIONE GSH 
3 water       HOH 
# 
loop_
_entity_poly_seq.entity_id 
_entity_poly_seq.num 
_entity_poly_seq.mon_id 
_entity_poly_seq.hetero 
1 1   PRO n 
1 2   ALA n 
1 3   LYS n 
1 4   LEU n 
1 5   GLY n 
1 6   TYR n 
1 7   TRP n 
1 8   LYS n 
1 9   LEU n 
1 10  ARG n 
1 11  GLY n 
1 12  LEU n 
1 13  ALA n 
1 14  GLN n 
1 15  PRO n 
1 16  VAL n 
1 17  ARG n 
1 18  LEU n 
1 19  PHE n 
1 20  LEU n 
1 21  GLU n 
1 22  TYR n 
1 23  LEU n 
1 24  GLY n 
1 25  GLU n 
1 26  GLU n 
1 27  TYR n 
1 28  GLU n 
1 29  GLU n 
1 30  HIS n 
1 31  LEU n 
1 32  TYR n 
1 33  GLY n 
1 34  ARG n 
1 35  ASP n 
1 36  ASP n 
1 37  ARG n 
1 38  GLU n 
1 39  LYS n 
1 40  TRP n 
1 41  MET n 
1 42  SER n 
1 43  GLU n 
1 44  LYS n 
1 45  PHE n 
1 46  ASN n 
1 47  MET n 
1 48  GLY n 
1 49  LEU n 
1 50  ASP n 
1 51  LEU n 
1 52  PRO n 
1 53  ASN n 
1 54  LEU n 
1 55  PRO n 
1 56  TYR n 
1 57  TYR n 
1 58  ILE n 
1 59  ASP n 
1 60  ASP n 
1 61  LYS n 
1 62  CYS n 
1 63  LYS n 
1 64  LEU n 
1 65  THR n 
1 66  GLN n 
1 67  SER n 
1 68  VAL n 
1 69  ALA n 
1 70  ILE n 
1 71  MET n 
1 72  ARG n 
1 73  TYR n 
1 74  ILE n 
1 75  ALA n 
1 76  ASP n 
1 77  LYS n 
1 78  HIS n 
1 79  GLY n 
1 80  MET n 
1 81  LEU n 
1 82  GLY n 
1 83  THR n 
1 84  THR n 
1 85  PRO n 
1 86  GLU n 
1 87  GLU n 
1 88  ARG n 
1 89  ALA n 
1 90  ARG n 
1 91  ILE n 
1 92  SER n 
1 93  MET n 
1 94  ILE n 
1 95  GLU n 
1 96  GLY n 
1 97  ALA n 
1 98  ALA n 
1 99  MET n 
1 100 ASP n 
1 101 LEU n 
1 102 ARG n 
1 103 ILE n 
1 104 GLY n 
1 105 PHE n 
1 106 GLY n 
1 107 ARG n 
1 108 VAL n 
1 109 CYS n 
1 110 TYR n 
1 111 ASN n 
1 112 PRO n 
1 113 LYS n 
1 114 PHE n 
1 115 GLU n 
1 116 GLU n 
1 117 VAL n 
1 118 LYS n 
1 119 GLU n 
1 120 GLU n 
1 121 TYR n 
1 122 VAL n 
1 123 LYS n 
1 124 GLU n 
1 125 LEU n 
1 126 PRO n 
1 127 LYS n 
1 128 THR n 
1 129 LEU n 
1 130 LYS n 
1 131 MET n 
1 132 TRP n 
1 133 SER n 
1 134 ASP n 
1 135 PHE n 
1 136 LEU n 
1 137 GLY n 
1 138 ASP n 
1 139 ARG n 
1 140 HIS n 
1 141 TYR n 
1 142 LEU n 
1 143 THR n 
1 144 GLY n 
1 145 SER n 
1 146 SER n 
1 147 VAL n 
1 148 SER n 
1 149 HIS n 
1 150 VAL n 
1 151 ASP n 
1 152 PHE n 
1 153 MET n 
1 154 LEU n 
1 155 TYR n 
1 156 GLU n 
1 157 THR n 
1 158 LEU n 
1 159 ASP n 
1 160 SER n 
1 161 ILE n 
1 162 ARG n 
1 163 TYR n 
1 164 LEU n 
1 165 ALA n 
1 166 PRO n 
1 167 HIS n 
1 168 CYS n 
1 169 LEU n 
1 170 ASP n 
1 171 GLU n 
1 172 PHE n 
1 173 PRO n 
1 174 LYS n 
1 175 LEU n 
1 176 LYS n 
1 177 GLU n 
1 178 PHE n 
1 179 LYS n 
1 180 SER n 
1 181 ARG n 
1 182 ILE n 
1 183 GLU n 
1 184 ALA n 
1 185 LEU n 
1 186 PRO n 
1 187 LYS n 
1 188 ILE n 
1 189 LYS n 
1 190 ALA n 
1 191 TYR n 
1 192 MET n 
1 193 GLU n 
1 194 SER n 
1 195 LYS n 
1 196 ARG n 
1 197 PHE n 
1 198 ILE n 
1 199 LYS n 
1 200 TRP n 
1 201 PRO n 
1 202 LEU n 
1 203 ASN n 
1 204 GLY n 
1 205 TRP n 
1 206 ALA n 
1 207 ALA n 
1 208 SER n 
1 209 PHE n 
1 210 GLY n 
1 211 ALA n 
1 212 GLY n 
1 213 ASP n 
1 214 ALA n 
1 215 PRO n 
1 216 PRO n 
1 217 SER n 
# 
_entity_src_gen.entity_id                          1 
_entity_src_gen.pdbx_src_id                        1 
_entity_src_gen.pdbx_alt_source_flag               sample 
_entity_src_gen.pdbx_seq_type                      ? 
_entity_src_gen.pdbx_beg_seq_num                   ? 
_entity_src_gen.pdbx_end_seq_num                   ? 
_entity_src_gen.gene_src_common_name               'liver fluke' 
_entity_src_gen.gene_src_genus                     Fasciola 
_entity_src_gen.pdbx_gene_src_gene                 ? 
_entity_src_gen.gene_src_species                   ? 
_entity_src_gen.gene_src_strain                    ? 
_entity_src_gen.gene_src_tissue                    ? 
_entity_src_gen.gene_src_tissue_fraction           ? 
_entity_src_gen.gene_src_details                   ? 
_entity_src_gen.pdbx_gene_src_fragment             ? 
_entity_src_gen.pdbx_gene_src_scientific_name      'Fasciola hepatica' 
_entity_src_gen.pdbx_gene_src_ncbi_taxonomy_id     6192 
_entity_src_gen.pdbx_gene_src_variant              ? 
_entity_src_gen.pdbx_gene_src_cell_line            ? 
_entity_src_gen.pdbx_gene_src_atcc                 ? 
_entity_src_gen.pdbx_gene_src_organ                LIVER 
_entity_src_gen.pdbx_gene_src_organelle            ? 
_entity_src_gen.pdbx_gene_src_cell                 ? 
_entity_src_gen.pdbx_gene_src_cellular_location    CYTOPLASM 
_entity_src_gen.host_org_common_name               ? 
_entity_src_gen.pdbx_host_org_scientific_name      'Escherichia coli' 
_entity_src_gen.pdbx_host_org_ncbi_taxonomy_id     562 
_entity_src_gen.host_org_genus                     Escherichia 
_entity_src_gen.pdbx_host_org_gene                 ? 
_entity_src_gen.pdbx_host_org_organ                ? 
_entity_src_gen.host_org_species                   ? 
_entity_src_gen.pdbx_host_org_tissue               ? 
_entity_src_gen.pdbx_host_org_tissue_fraction      ? 
_entity_src_gen.pdbx_host_org_strain               ? 
_entity_src_gen.pdbx_host_org_variant              ? 
_entity_src_gen.pdbx_host_org_cell_line            ? 
_entity_src_gen.pdbx_host_org_atcc                 ? 
_entity_src_gen.pdbx_host_org_culture_collection   ? 
_entity_src_gen.pdbx_host_org_cell                 ? 
_entity_src_gen.pdbx_host_org_organelle            ? 
_entity_src_gen.pdbx_host_org_cellular_location    ? 
_entity_src_gen.pdbx_host_org_vector_type          ? 
_entity_src_gen.pdbx_host_org_vector               ? 
_entity_src_gen.host_org_details                   ? 
_entity_src_gen.expression_system_id               ? 
_entity_src_gen.plasmid_name                       ? 
_entity_src_gen.plasmid_details                    ? 
_entity_src_gen.pdbx_description                   'SECRETED AS A MONOMER, FORMS MEMBRANE-BOUND OLIGOMERS' 
# 
loop_
_chem_comp.id 
_chem_comp.type 
_chem_comp.mon_nstd_flag 
_chem_comp.name 
_chem_comp.pdbx_synonyms 
_chem_comp.formula 
_chem_comp.formula_weight 
ALA 'L-peptide linking' y ALANINE         ? 'C3 H7 N O2'      89.093  
ARG 'L-peptide linking' y ARGININE        ? 'C6 H15 N4 O2 1'  175.209 
ASN 'L-peptide linking' y ASPARAGINE      ? 'C4 H8 N2 O3'     132.118 
ASP 'L-peptide linking' y 'ASPARTIC ACID' ? 'C4 H7 N O4'      133.103 
CYS 'L-peptide linking' y CYSTEINE        ? 'C3 H7 N O2 S'    121.158 
GLN 'L-peptide linking' y GLUTAMINE       ? 'C5 H10 N2 O3'    146.144 
GLU 'L-peptide linking' y 'GLUTAMIC ACID' ? 'C5 H9 N O4'      147.129 
GLY 'peptide linking'   y GLYCINE         ? 'C2 H5 N O2'      75.067  
GSH non-polymer         . GLUTATHIONE     ? 'C10 H17 N3 O6 S' 307.323 
HIS 'L-peptide linking' y HISTIDINE       ? 'C6 H10 N3 O2 1'  156.162 
HOH non-polymer         . WATER           ? 'H2 O'            18.015  
ILE 'L-peptide linking' y ISOLEUCINE      ? 'C6 H13 N O2'     131.173 
LEU 'L-peptide linking' y LEUCINE         ? 'C6 H13 N O2'     131.173 
LYS 'L-peptide linking' y LYSINE          ? 'C6 H15 N2 O2 1'  147.195 
MET 'L-peptide linking' y METHIONINE      ? 'C5 H11 N O2 S'   149.211 
PHE 'L-peptide linking' y PHENYLALANINE   ? 'C9 H11 N O2'     165.189 
PRO 'L-peptide linking' y PROLINE         ? 'C5 H9 N O2'      115.130 
SER 'L-peptide linking' y SERINE          ? 'C3 H7 N O3'      105.093 
THR 'L-peptide linking' y THREONINE       ? 'C4 H9 N O3'      119.119 
TRP 'L-peptide linking' y TRYPTOPHAN      ? 'C11 H12 N2 O2'   204.225 
TYR 'L-peptide linking' y TYROSINE        ? 'C9 H11 N O3'     181.189 
VAL 'L-peptide linking' y VALINE          ? 'C5 H11 N O2'     117.146 
# 
loop_
_pdbx_poly_seq_scheme.asym_id 
_pdbx_poly_seq_scheme.entity_id 
_pdbx_poly_seq_scheme.seq_id 
_pdbx_poly_seq_scheme.mon_id 
_pdbx_poly_seq_scheme.ndb_seq_num 
_pdbx_poly_seq_scheme.pdb_seq_num 
_pdbx_poly_seq_scheme.auth_seq_num 
_pdbx_poly_seq_scheme.pdb_mon_id 
_pdbx_poly_seq_scheme.auth_mon_id 
_pdbx_poly_seq_scheme.pdb_strand_id 
_pdbx_poly_seq_scheme.pdb_ins_code 
_pdbx_poly_seq_scheme.hetero 
A 1 1   PRO 1   1   1   PRO PRO A . n 
A 1 2   ALA 2   2   2   ALA ALA A . n 
A 1 3   LYS 3   3   3   LYS LYS A . n 
A 1 4   LEU 4   4   4   LEU LEU A . n 
A 1 5   GLY 5   5   5   GLY GLY A . n 
A 1 6   TYR 6   6   6   TYR TYR A . n 
A 1 7   TRP 7   7   7   TRP TRP A . n 
A 1 8   LYS 8   8   8   LYS LYS A . n 
A 1 9   LEU 9   9   9   LEU LEU A . n 
A 1 10  ARG 10  10  10  ARG ARG A . n 
A 1 11  GLY 11  11  11  GLY GLY A . n 
A 1 12  LEU 12  12  12  LEU LEU A . n 
A 1 13  ALA 13  13  13  ALA ALA A . n 
A 1 14  GLN 14  14  14  GLN GLN A . n 
A 1 15  PRO 15  15  15  PRO PRO A . n 
A 1 16  VAL 16  16  16  VAL VAL A . n 
A 1 17  ARG 17  17  17  ARG ARG A . n 
A 1 18  LEU 18  18  18  LEU LEU A . n 
A 1 19  PHE 19  19  19  PHE PHE A . n 
A 1 20  LEU 20  20  20  LEU LEU A . n 
A 1 21  GLU 21  21  21  GLU GLU A . n 
A 1 22  TYR 22  22  22  TYR TYR A . n 
A 1 23  LEU 23  23  23  LEU LEU A . n 
A 1 24  GLY 24  24  24  GLY GLY A . n 
A 1 25  GLU 25  25  25  GLU GLU A . n 
A 1 26  GLU 26  26  26  GLU GLU A . n 
A 1 27  TYR 27  27  27  TYR TYR A . n 
A 1 28  GLU 28  28  28  GLU GLU A . n 
A 1 29  GLU 29  29  29  GLU GLU A . n 
A 1 30  HIS 30  30  30  HIS HIS A . n 
A 1 31  LEU 31  31  31  LEU LEU A . n 
A 1 32  TYR 32  32  32  TYR TYR A . n 
A 1 33  GLY 33  33  33  GLY GLY A . n 
A 1 34  ARG 34  34  34  ARG ARG A . n 
A 1 35  ASP 35  35  35  ASP ASP A . n 
A 1 36  ASP 36  36  36  ASP ASP A . n 
A 1 37  ARG 37  37  37  ARG ARG A . n 
A 1 38  GLU 38  38  38  GLU GLU A . n 
A 1 39  LYS 39  39  39  LYS LYS A . n 
A 1 40  TRP 40  40  40  TRP TRP A . n 
A 1 41  MET 41  41  41  MET MET A . n 
A 1 42  SER 42  42  42  SER SER A . n 
A 1 43  GLU 43  43  43  GLU GLU A . n 
A 1 44  LYS 44  44  44  LYS LYS A . n 
A 1 45  PHE 45  45  45  PHE PHE A . n 
A 1 46  ASN 46  46  46  ASN ASN A . n 
A 1 47  MET 47  47  47  MET MET A . n 
A 1 48  GLY 48  48  48  GLY GLY A . n 
A 1 49  LEU 49  49  49  LEU LEU A . n 
A 1 50  ASP 50  50  50  ASP ASP A . n 
A 1 51  LEU 51  51  51  LEU LEU A . n 
A 1 52  PRO 52  52  52  PRO PRO A . n 
A 1 53  ASN 53  53  53  ASN ASN A . n 
A 1 54  LEU 54  54  54  LEU LEU A . n 
A 1 55  PRO 55  55  55  PRO PRO A . n 
A 1 56  TYR 56  56  56  TYR TYR A . n 
A 1 57  TYR 57  57  57  TYR TYR A . n 
A 1 58  ILE 58  58  58  ILE ILE A . n 
A 1 59  ASP 59  59  59  ASP ASP A . n 
A 1 60  ASP 60  60  60  ASP ASP A . n 
A 1 61  LYS 61  61  61  LYS LYS A . n 
A 1 62  CYS 62  62  62  CYS CYS A . n 
A 1 63  LYS 63  63  63  LYS LYS A . n 
A 1 64  LEU 64  64  64  LEU LEU A . n 
A 1 65  THR 65  65  65  THR THR A . n 
A 1 66  GLN 66  66  66  GLN GLN A . n 
A 1 67  SER 67  67  67  SER SER A . n 
A 1 68  VAL 68  68  68  VAL VAL A . n 
A 1 69  ALA 69  69  69  ALA ALA A . n 
A 1 70  ILE 70  70  70  ILE ILE A . n 
A 1 71  MET 71  71  71  MET MET A . n 
A 1 72  ARG 72  72  72  ARG ARG A . n 
A 1 73  TYR 73  73  73  TYR TYR A . n 
A 1 74  ILE 74  74  74  ILE ILE A . n 
A 1 75  ALA 75  75  75  ALA ALA A . n 
A 1 76  ASP 76  76  76  ASP ASP A . n 
A 1 77  LYS 77  77  77  LYS LYS A . n 
A 1 78  HIS 78  78  78  HIS HIS A . n 
A 1 79  GLY 79  79  79  GLY GLY A . n 
A 1 80  MET 80  80  80  MET MET A . n 
A 1 81  LEU 81  81  81  LEU LEU A . n 
A 1 82  GLY 82  82  82  GLY GLY A . n 
A 1 83  THR 83  83  83  THR THR A . n 
A 1 84  THR 84  84  84  THR THR A . n 
A 1 85  PRO 85  85  85  PRO PRO A . n 
A 1 86  GLU 86  86  86  GLU GLU A . n 
A 1 87  GLU 87  87  87  GLU GLU A . n 
A 1 88  ARG 88  88  88  ARG ARG A . n 
A 1 89  ALA 89  89  89  ALA ALA A . n 
A 1 90  ARG 90  90  90  ARG ARG A . n 
A 1 91  ILE 91  91  91  ILE ILE A . n 
A 1 92  SER 92  92  92  SER SER A . n 
A 1 93  MET 93  93  93  MET MET A . n 
A 1 94  ILE 94  94  94  ILE ILE A . n 
A 1 95  GLU 95  95  95  GLU GLU A . n 
A 1 96  GLY 96  96  96  GLY GLY A . n 
A 1 97  ALA 97  97  97  ALA ALA A . n 
A 1 98  ALA 98  98  98  ALA ALA A . n 
A 1 99  MET 99  99  99  MET MET A . n 
A 1 100 ASP 100 100 100 ASP ASP A . n 
A 1 101 LEU 101 101 101 LEU LEU A . n 
A 1 102 ARG 102 102 102 ARG ARG A . n 
A 1 103 ILE 103 103 103 ILE ILE A . n 
A 1 104 GLY 104 104 104 GLY GLY A . n 
A 1 105 PHE 105 105 105 PHE PHE A . n 
A 1 106 GLY 106 106 106 GLY GLY A . n 
A 1 107 ARG 107 107 107 ARG ARG A . n 
A 1 108 VAL 108 108 108 VAL VAL A . n 
A 1 109 CYS 109 109 109 CYS CYS A . n 
A 1 110 TYR 110 110 110 TYR TYR A . n 
A 1 111 ASN 111 111 111 ASN ASN A . n 
A 1 112 PRO 112 112 112 PRO PRO A . n 
A 1 113 LYS 113 113 113 LYS LYS A . n 
A 1 114 PHE 114 114 114 PHE PHE A . n 
A 1 115 GLU 115 115 115 GLU GLU A . n 
A 1 116 GLU 116 116 116 GLU GLU A . n 
A 1 117 VAL 117 117 117 VAL VAL A . n 
A 1 118 LYS 118 118 118 LYS LYS A . n 
A 1 119 GLU 119 119 119 GLU GLU A . n 
A 1 120 GLU 120 120 120 GLU GLU A . n 
A 1 121 TYR 121 121 121 TYR TYR A . n 
A 1 122 VAL 122 122 122 VAL VAL A . n 
A 1 123 LYS 123 123 123 LYS LYS A . n 
A 1 124 GLU 124 124 124 GLU GLU A . n 
A 1 125 LEU 125 125 125 LEU LEU A . n 
A 1 126 PRO 126 126 126 PRO PRO A . n 
A 1 127 LYS 127 127 127 LYS LYS A . n 
A 1 128 THR 128 128 128 THR THR A . n 
A 1 129 LEU 129 129 129 LEU LEU A . n 
A 1 130 LYS 130 130 130 LYS LYS A . n 
A 1 131 MET 131 131 131 MET MET A . n 
A 1 132 TRP 132 132 132 TRP TRP A . n 
A 1 133 SER 133 133 133 SER SER A . n 
A 1 134 ASP 134 134 134 ASP ASP A . n 
A 1 135 PHE 135 135 135 PHE PHE A . n 
A 1 136 LEU 136 136 136 LEU LEU A . n 
A 1 137 GLY 137 137 137 GLY GLY A . n 
A 1 138 ASP 138 138 138 ASP ASP A . n 
A 1 139 ARG 139 139 139 ARG ARG A . n 
A 1 140 HIS 140 140 140 HIS HIS A . n 
A 1 141 TYR 141 141 141 TYR TYR A . n 
A 1 142 LEU 142 142 142 LEU LEU A . n 
A 1 143 THR 143 143 143 THR THR A . n 
A 1 144 GLY 144 144 144 GLY GLY A . n 
A 1 145 SER 145 145 145 SER SER A . n 
A 1 146 SER 146 146 146 SER SER A . n 
A 1 147 VAL 147 147 147 VAL VAL A . n 
A 1 148 SER 148 148 148 SER SER A . n 
A 1 149 HIS 149 149 149 HIS HIS A . n 
A 1 150 VAL 150 150 150 VAL VAL A . n 
A 1 151 ASP 151 151 151 ASP ASP A . n 
A 1 152 PHE 152 152 152 PHE PHE A . n 
A 1 153 MET 153 153 153 MET MET A . n 
A 1 154 LEU 154 154 154 LEU LEU A . n 
A 1 155 TYR 155 155 155 TYR TYR A . n 
A 1 156 GLU 156 156 156 GLU GLU A . n 
A 1 157 THR 157 157 157 THR THR A . n 
A 1 158 LEU 158 158 158 LEU LEU A . n 
A 1 159 ASP 159 159 159 ASP ASP A . n 
A 1 160 SER 160 160 160 SER SER A . n 
A 1 161 ILE 161 161 161 ILE ILE A . n 
A 1 162 ARG 162 162 162 ARG ARG A . n 
A 1 163 TYR 163 163 163 TYR TYR A . n 
A 1 164 LEU 164 164 164 LEU LEU A . n 
A 1 165 ALA 165 165 165 ALA ALA A . n 
A 1 166 PRO 166 166 166 PRO PRO A . n 
A 1 167 HIS 167 167 167 HIS HIS A . n 
A 1 168 CYS 168 168 168 CYS CYS A . n 
A 1 169 LEU 169 169 169 LEU LEU A . n 
A 1 170 ASP 170 170 170 ASP ASP A . n 
A 1 171 GLU 171 171 171 GLU GLU A . n 
A 1 172 PHE 172 172 172 PHE PHE A . n 
A 1 173 PRO 173 173 173 PRO PRO A . n 
A 1 174 LYS 174 174 174 LYS LYS A . n 
A 1 175 LEU 175 175 175 LEU LEU A . n 
A 1 176 LYS 176 176 176 LYS LYS A . n 
A 1 177 GLU 177 177 177 GLU GLU A . n 
A 1 178 PHE 178 178 178 PHE PHE A . n 
A 1 179 LYS 179 179 179 LYS LYS A . n 
A 1 180 SER 180 180 180 SER SER A . n 
A 1 181 ARG 181 181 181 ARG ARG A . n 
A 1 182 ILE 182 182 182 ILE ILE A . n 
A 1 183 GLU 183 183 183 GLU GLU A . n 
A 1 184 ALA 184 184 184 ALA ALA A . n 
A 1 185 LEU 185 185 185 LEU LEU A . n 
A 1 186 PRO 186 186 186 PRO PRO A . n 
A 1 187 LYS 187 187 187 LYS LYS A . n 
A 1 188 ILE 188 188 188 ILE ILE A . n 
A 1 189 LYS 189 189 189 LYS LYS A . n 
A 1 190 ALA 190 190 190 ALA ALA A . n 
A 1 191 TYR 191 191 191 TYR TYR A . n 
A 1 192 MET 192 192 192 MET MET A . n 
A 1 193 GLU 193 193 193 GLU GLU A . n 
A 1 194 SER 194 194 194 SER SER A . n 
A 1 195 LYS 195 195 195 LYS LYS A . n 
A 1 196 ARG 196 196 196 ARG ARG A . n 
A 1 197 PHE 197 197 197 PHE PHE A . n 
A 1 198 ILE 198 198 198 ILE ILE A . n 
A 1 199 LYS 199 199 199 LYS LYS A . n 
A 1 200 TRP 200 200 200 TRP TRP A . n 
A 1 201 PRO 201 201 201 PRO PRO A . n 
A 1 202 LEU 202 202 202 LEU LEU A . n 
A 1 203 ASN 203 203 203 ASN ASN A . n 
A 1 204 GLY 204 204 204 GLY GLY A . n 
A 1 205 TRP 205 205 205 TRP TRP A . n 
A 1 206 ALA 206 206 206 ALA ALA A . n 
A 1 207 ALA 207 207 207 ALA ALA A . n 
A 1 208 SER 208 208 208 SER SER A . n 
A 1 209 PHE 209 209 209 PHE PHE A . n 
A 1 210 GLY 210 210 210 GLY GLY A . n 
A 1 211 ALA 211 211 211 ALA ALA A . n 
A 1 212 GLY 212 212 212 GLY GLY A . n 
A 1 213 ASP 213 213 213 ASP ASP A . n 
A 1 214 ALA 214 214 214 ALA ALA A . n 
A 1 215 PRO 215 215 ?   ?   ?   A . n 
A 1 216 PRO 216 216 ?   ?   ?   A . n 
A 1 217 SER 217 217 ?   ?   ?   A . n 
# 
loop_
_pdbx_nonpoly_scheme.asym_id 
_pdbx_nonpoly_scheme.entity_id 
_pdbx_nonpoly_scheme.mon_id 
_pdbx_nonpoly_scheme.ndb_seq_num 
_pdbx_nonpoly_scheme.pdb_seq_num 
_pdbx_nonpoly_scheme.auth_seq_num 
_pdbx_nonpoly_scheme.pdb_mon_id 
_pdbx_nonpoly_scheme.auth_mon_id 
_pdbx_nonpoly_scheme.pdb_strand_id 
_pdbx_nonpoly_scheme.pdb_ins_code 
B 2 GSH 1  300 300 GSH GTT A . 
C 3 HOH 1  301 1   HOH HOH A . 
C 3 HOH 2  302 2   HOH HOH A . 
C 3 HOH 3  303 3   HOH HOH A . 
C 3 HOH 4  304 4   HOH HOH A . 
C 3 HOH 5  305 5   HOH HOH A . 
C 3 HOH 6  306 6   HOH HOH A . 
C 3 HOH 7  307 7   HOH HOH A . 
C 3 HOH 8  308 8   HOH HOH A . 
C 3 HOH 9  309 9   HOH HOH A . 
C 3 HOH 10 310 10  HOH HOH A . 
C 3 HOH 11 311 11  HOH HOH A . 
C 3 HOH 12 312 12  HOH HOH A . 
C 3 HOH 13 313 13  HOH HOH A . 
C 3 HOH 14 314 14  HOH HOH A . 
C 3 HOH 15 315 15  HOH HOH A . 
C 3 HOH 16 316 16  HOH HOH A . 
C 3 HOH 17 317 17  HOH HOH A . 
C 3 HOH 18 318 18  HOH HOH A . 
C 3 HOH 19 319 19  HOH HOH A . 
C 3 HOH 20 320 20  HOH HOH A . 
C 3 HOH 21 321 22  HOH HOH A . 
C 3 HOH 22 322 23  HOH HOH A . 
C 3 HOH 23 323 24  HOH HOH A . 
C 3 HOH 24 324 25  HOH HOH A . 
C 3 HOH 25 325 26  HOH HOH A . 
C 3 HOH 26 326 27  HOH HOH A . 
C 3 HOH 27 327 28  HOH HOH A . 
C 3 HOH 28 328 29  HOH HOH A . 
C 3 HOH 29 329 30  HOH HOH A . 
C 3 HOH 30 330 31  HOH HOH A . 
# 
loop_
_software.name 
_software.classification 
_software.version 
_software.citation_id 
_software.pdbx_ordinal 
X-PLOR   'model building' 3.1 ? 1 
X-PLOR   refinement       3.1 ? 2 
HKL      'data reduction' .   ? 3 
HKL-2000 'data scaling'   .   ? 4 
X-PLOR   phasing          3.1 ? 5 
# 
_cell.entry_id           1FHE 
_cell.length_a           158.040 
_cell.length_b           158.040 
_cell.length_c           74.530 
_cell.angle_alpha        90.00 
_cell.angle_beta         90.00 
_cell.angle_gamma        90.00 
_cell.Z_PDB              16 
_cell.pdbx_unique_axis   ? 
# 
_symmetry.entry_id                         1FHE 
_symmetry.space_group_name_H-M             'I 41 2 2' 
_symmetry.pdbx_full_space_group_name_H-M   ? 
_symmetry.cell_setting                     ? 
_symmetry.Int_Tables_number                98 
# 
_exptl.entry_id          1FHE 
_exptl.method            'X-RAY DIFFRACTION' 
_exptl.crystals_number   1 
# 
_exptl_crystal.id                    1 
_exptl_crystal.density_meas          ? 
_exptl_crystal.density_Matthews      4.6 
_exptl_crystal.density_percent_sol   75 
_exptl_crystal.description           ? 
# 
_exptl_crystal_grow.crystal_id      1 
_exptl_crystal_grow.method          ? 
_exptl_crystal_grow.temp            ? 
_exptl_crystal_grow.temp_details    ? 
_exptl_crystal_grow.pH              8.4 
_exptl_crystal_grow.pdbx_pH_range   ? 
_exptl_crystal_grow.pdbx_details    'AMMONIUM SULFATE, GLUTATHIONE, TRIS PH 8.4' 
# 
_diffrn.id                     1 
_diffrn.ambient_temp           100 
_diffrn.ambient_temp_details   ? 
_diffrn.crystal_id             1 
# 
_diffrn_detector.diffrn_id              1 
_diffrn_detector.detector               'IMAGE PLATE' 
_diffrn_detector.type                   MARRESEARCH 
_diffrn_detector.pdbx_collection_date   1995-10-01 
_diffrn_detector.details                ? 
# 
_diffrn_radiation.diffrn_id                        1 
_diffrn_radiation.wavelength_id                    1 
_diffrn_radiation.pdbx_monochromatic_or_laue_m_l   M 
_diffrn_radiation.monochromator                    'GRAPHITE(002)' 
_diffrn_radiation.pdbx_diffrn_protocol             ? 
_diffrn_radiation.pdbx_scattering_type             x-ray 
# 
_diffrn_radiation_wavelength.id           1 
_diffrn_radiation_wavelength.wavelength   1.5418 
_diffrn_radiation_wavelength.wt           1.0 
# 
_diffrn_source.diffrn_id                   1 
_diffrn_source.source                      'ROTATING ANODE' 
_diffrn_source.type                        RIGAKU 
_diffrn_source.pdbx_synchrotron_site       ? 
_diffrn_source.pdbx_synchrotron_beamline   ? 
_diffrn_source.pdbx_wavelength             1.5418 
_diffrn_source.pdbx_wavelength_list        ? 
# 
_reflns.entry_id                     1FHE 
_reflns.observed_criterion_sigma_I   ? 
_reflns.observed_criterion_sigma_F   ? 
_reflns.d_resolution_low             30 
_reflns.d_resolution_high            3 
_reflns.number_obs                   9266 
_reflns.number_all                   ? 
_reflns.percent_possible_obs         94.3 
_reflns.pdbx_Rmerge_I_obs            ? 
_reflns.pdbx_Rsym_value              0.11 
_reflns.pdbx_netI_over_sigmaI        ? 
_reflns.B_iso_Wilson_estimate        ? 
_reflns.pdbx_redundancy              ? 
_reflns.pdbx_ordinal                 1 
_reflns.pdbx_diffrn_id               1 
# 
_reflns_shell.d_res_high             3.0 
_reflns_shell.d_res_low              3.1 
_reflns_shell.percent_possible_all   ? 
_reflns_shell.Rmerge_I_obs           ? 
_reflns_shell.pdbx_Rsym_value        0.39 
_reflns_shell.meanI_over_sigI_obs    ? 
_reflns_shell.pdbx_redundancy        ? 
_reflns_shell.pdbx_ordinal           1 
_reflns_shell.pdbx_diffrn_id         1 
# 
_refine.entry_id                                 1FHE 
_refine.ls_number_reflns_obs                     9266 
_refine.ls_number_reflns_all                     ? 
_refine.pdbx_ls_sigma_I                          ? 
_refine.pdbx_ls_sigma_F                          0 
_refine.pdbx_data_cutoff_high_absF               10000000.00 
_refine.pdbx_data_cutoff_low_absF                0.001 
_refine.pdbx_data_cutoff_high_rms_absF           ? 
_refine.ls_d_res_low                             30 
_refine.ls_d_res_high                            3 
_refine.ls_percent_reflns_obs                    94 
_refine.ls_R_factor_obs                          0.237 
_refine.ls_R_factor_all                          ? 
_refine.ls_R_factor_R_work                       0.237 
_refine.ls_R_factor_R_free                       0.354 
_refine.ls_R_factor_R_free_error                 ? 
_refine.ls_R_factor_R_free_error_details         ? 
_refine.ls_percent_reflns_R_free                 10 
_refine.ls_number_reflns_R_free                  ? 
_refine.ls_number_parameters                     ? 
_refine.ls_number_restraints                     ? 
_refine.occupancy_min                            ? 
_refine.occupancy_max                            ? 
_refine.B_iso_mean                               ? 
_refine.aniso_B[1][1]                            ? 
_refine.aniso_B[2][2]                            ? 
_refine.aniso_B[3][3]                            ? 
_refine.aniso_B[1][2]                            ? 
_refine.aniso_B[1][3]                            ? 
_refine.aniso_B[2][3]                            ? 
_refine.solvent_model_details                    ? 
_refine.solvent_model_param_ksol                 ? 
_refine.solvent_model_param_bsol                 ? 
_refine.pdbx_ls_cross_valid_method               THROUGHOUT 
_refine.details                                  ? 
_refine.pdbx_starting_model                      'SCHISTOSOMA JAPONICUM GST' 
_refine.pdbx_method_to_determine_struct          'MOLECULAR REPLACEMENT' 
_refine.pdbx_isotropic_thermal_model             ? 
_refine.pdbx_stereochemistry_target_values       ? 
_refine.pdbx_stereochem_target_val_spec_case     ? 
_refine.pdbx_R_Free_selection_details            RANDOM 
_refine.pdbx_overall_ESU_R                       ? 
_refine.pdbx_overall_ESU_R_Free                  ? 
_refine.overall_SU_ML                            ? 
_refine.overall_SU_B                             ? 
_refine.pdbx_refine_id                           'X-RAY DIFFRACTION' 
_refine.pdbx_diffrn_id                           1 
_refine.pdbx_TLS_residual_ADP_flag               ? 
_refine.correlation_coeff_Fo_to_Fc               ? 
_refine.correlation_coeff_Fo_to_Fc_free          ? 
_refine.pdbx_solvent_vdw_probe_radii             ? 
_refine.pdbx_solvent_ion_probe_radii             ? 
_refine.pdbx_solvent_shrinkage_radii             ? 
_refine.pdbx_overall_phase_error                 ? 
_refine.overall_SU_R_Cruickshank_DPI             ? 
_refine.pdbx_overall_SU_R_free_Cruickshank_DPI   ? 
_refine.pdbx_overall_SU_R_Blow_DPI               ? 
_refine.pdbx_overall_SU_R_free_Blow_DPI          ? 
# 
_refine_hist.pdbx_refine_id                   'X-RAY DIFFRACTION' 
_refine_hist.cycle_id                         LAST 
_refine_hist.pdbx_number_atoms_protein        1760 
_refine_hist.pdbx_number_atoms_nucleic_acid   0 
_refine_hist.pdbx_number_atoms_ligand         20 
_refine_hist.number_atoms_solvent             30 
_refine_hist.number_atoms_total               1810 
_refine_hist.d_res_high                       3 
_refine_hist.d_res_low                        30 
# 
loop_
_refine_ls_restr.type 
_refine_ls_restr.dev_ideal 
_refine_ls_restr.dev_ideal_target 
_refine_ls_restr.weight 
_refine_ls_restr.number 
_refine_ls_restr.pdbx_refine_id 
_refine_ls_restr.pdbx_restraint_function 
x_bond_d                0.005 ? ? ? 'X-RAY DIFFRACTION' ? 
x_bond_d_na             ?     ? ? ? 'X-RAY DIFFRACTION' ? 
x_bond_d_prot           ?     ? ? ? 'X-RAY DIFFRACTION' ? 
x_angle_d               ?     ? ? ? 'X-RAY DIFFRACTION' ? 
x_angle_d_na            ?     ? ? ? 'X-RAY DIFFRACTION' ? 
x_angle_d_prot          ?     ? ? ? 'X-RAY DIFFRACTION' ? 
x_angle_deg             1.171 ? ? ? 'X-RAY DIFFRACTION' ? 
x_angle_deg_na          ?     ? ? ? 'X-RAY DIFFRACTION' ? 
x_angle_deg_prot        ?     ? ? ? 'X-RAY DIFFRACTION' ? 
x_dihedral_angle_d      28.56 ? ? ? 'X-RAY DIFFRACTION' ? 
x_dihedral_angle_d_na   ?     ? ? ? 'X-RAY DIFFRACTION' ? 
x_dihedral_angle_d_prot ?     ? ? ? 'X-RAY DIFFRACTION' ? 
x_improper_angle_d      0.550 ? ? ? 'X-RAY DIFFRACTION' ? 
x_improper_angle_d_na   ?     ? ? ? 'X-RAY DIFFRACTION' ? 
x_improper_angle_d_prot ?     ? ? ? 'X-RAY DIFFRACTION' ? 
x_mcbond_it             ?     ? ? ? 'X-RAY DIFFRACTION' ? 
x_mcangle_it            ?     ? ? ? 'X-RAY DIFFRACTION' ? 
x_scbond_it             ?     ? ? ? 'X-RAY DIFFRACTION' ? 
x_scangle_it            ?     ? ? ? 'X-RAY DIFFRACTION' ? 
# 
_refine_ls_shell.pdbx_total_number_of_bins_used   8 
_refine_ls_shell.d_res_high                       3.0 
_refine_ls_shell.d_res_low                        3.1 
_refine_ls_shell.number_reflns_R_work             ? 
_refine_ls_shell.R_factor_R_work                  0.294 
_refine_ls_shell.percent_reflns_obs               ? 
_refine_ls_shell.R_factor_R_free                  0.374 
_refine_ls_shell.R_factor_R_free_error            ? 
_refine_ls_shell.percent_reflns_R_free            ? 
_refine_ls_shell.number_reflns_R_free             ? 
_refine_ls_shell.pdbx_refine_id                   'X-RAY DIFFRACTION' 
_refine_ls_shell.number_reflns_all                ? 
_refine_ls_shell.R_factor_all                     ? 
# 
_struct.entry_id                  1FHE 
_struct.title                     'GLUTATHIONE TRANSFERASE (FH47) FROM FASCIOLA HEPATICA' 
_struct.pdbx_model_details        ? 
_struct.pdbx_CASP_flag            ? 
_struct.pdbx_model_type_details   ? 
# 
_struct_keywords.entry_id        1FHE 
_struct_keywords.pdbx_keywords   TRANSFERASE 
_struct_keywords.text            'TRANSFERASE, DETOXIFICATION, GLUTATHIONE TRANSFERASE' 
# 
loop_
_struct_asym.id 
_struct_asym.pdbx_blank_PDB_chainid_flag 
_struct_asym.pdbx_modified 
_struct_asym.entity_id 
_struct_asym.details 
A N N 1 ? 
B N N 2 ? 
C N N 3 ? 
# 
_struct_ref.id                         1 
_struct_ref.db_name                    UNP 
_struct_ref.db_code                    GST27_FASHE 
_struct_ref.entity_id                  1 
_struct_ref.pdbx_db_accession          P31670 
_struct_ref.pdbx_align_begin           1 
_struct_ref.pdbx_seq_one_letter_code   
;PAKLGYWKLRGLAQPVRLFLEYLGEEYEEHLYGRDDREKWMSEKFNMGLDLPNLPYYIDDKCKLTQSVAIMRYIADKHGM
LGTTPEERARISMIEGAAMDLRIGFGRVCYNPKFEEVKEEYVKELPKTLKMWSDFLGDRHYLTGSSVSHVDFMLYETLDS
IRYLAPHCLDEFPKLKEFKSRIEALPKIKAYMESKRFIKWPLNGWAASFGAGDAPPS
;
_struct_ref.pdbx_db_isoform            ? 
# 
_struct_ref_seq.align_id                      1 
_struct_ref_seq.ref_id                        1 
_struct_ref_seq.pdbx_PDB_id_code              1FHE 
_struct_ref_seq.pdbx_strand_id                A 
_struct_ref_seq.seq_align_beg                 1 
_struct_ref_seq.pdbx_seq_align_beg_ins_code   ? 
_struct_ref_seq.seq_align_end                 217 
_struct_ref_seq.pdbx_seq_align_end_ins_code   ? 
_struct_ref_seq.pdbx_db_accession             P31670 
_struct_ref_seq.db_align_beg                  1 
_struct_ref_seq.pdbx_db_align_beg_ins_code    ? 
_struct_ref_seq.db_align_end                  217 
_struct_ref_seq.pdbx_db_align_end_ins_code    ? 
_struct_ref_seq.pdbx_auth_seq_align_beg       1 
_struct_ref_seq.pdbx_auth_seq_align_end       217 
# 
_pdbx_struct_assembly.id                   1 
_pdbx_struct_assembly.details              author_and_software_defined_assembly 
_pdbx_struct_assembly.method_details       PISA,PQS 
_pdbx_struct_assembly.oligomeric_details   dimeric 
_pdbx_struct_assembly.oligomeric_count     2 
# 
loop_
_pdbx_struct_assembly_prop.biol_id 
_pdbx_struct_assembly_prop.type 
_pdbx_struct_assembly_prop.value 
_pdbx_struct_assembly_prop.details 
1 'ABSA (A^2)' 4310  ? 
1 MORE         -23   ? 
1 'SSA (A^2)'  19510 ? 
# 
_pdbx_struct_assembly_gen.assembly_id       1 
_pdbx_struct_assembly_gen.oper_expression   1,2 
_pdbx_struct_assembly_gen.asym_id_list      A,B,C 
# 
loop_
_pdbx_struct_oper_list.id 
_pdbx_struct_oper_list.type 
_pdbx_struct_oper_list.name 
_pdbx_struct_oper_list.symmetry_operation 
_pdbx_struct_oper_list.matrix[1][1] 
_pdbx_struct_oper_list.matrix[1][2] 
_pdbx_struct_oper_list.matrix[1][3] 
_pdbx_struct_oper_list.vector[1] 
_pdbx_struct_oper_list.matrix[2][1] 
_pdbx_struct_oper_list.matrix[2][2] 
_pdbx_struct_oper_list.matrix[2][3] 
_pdbx_struct_oper_list.vector[2] 
_pdbx_struct_oper_list.matrix[3][1] 
_pdbx_struct_oper_list.matrix[3][2] 
_pdbx_struct_oper_list.matrix[3][3] 
_pdbx_struct_oper_list.vector[3] 
1 'identity operation'         1_555  x,y,z    1.0000000000 0.0000000000 0.0000000000 0.0000000000  0.0000000000 1.0000000000  0.0000000000 0.0000000000   0.0000000000 0.0000000000 1.0000000000  0.0000000000 
2 'crystal symmetry operation' 15_556 y,x,-z+1 0.5695336144 0.8215254929 0.0269689931 11.1845279938 0.8215254929 -0.5699970174 0.0141161139 -21.4727256373 0.0269689931 0.0141161139 -0.9995365970 3.1850972573 
# 
_struct_biol.id   1 
# 
loop_
_struct_conf.conf_type_id 
_struct_conf.id 
_struct_conf.pdbx_PDB_helix_id 
_struct_conf.beg_label_comp_id 
_struct_conf.beg_label_asym_id 
_struct_conf.beg_label_seq_id 
_struct_conf.pdbx_beg_PDB_ins_code 
_struct_conf.end_label_comp_id 
_struct_conf.end_label_asym_id 
_struct_conf.end_label_seq_id 
_struct_conf.pdbx_end_PDB_ins_code 
_struct_conf.beg_auth_comp_id 
_struct_conf.beg_auth_asym_id 
_struct_conf.beg_auth_seq_id 
_struct_conf.end_auth_comp_id 
_struct_conf.end_auth_asym_id 
_struct_conf.end_auth_seq_id 
_struct_conf.pdbx_PDB_helix_class 
_struct_conf.details 
_struct_conf.pdbx_PDB_helix_length 
HELX_P HELX_P1 1 GLN A 14  ? TYR A 22  ? GLN A 14  TYR A 22  1 ? 9  
HELX_P HELX_P2 2 GLU A 38  ? GLU A 43  ? GLU A 38  GLU A 43  1 ? 6  
HELX_P HELX_P3 3 ALA A 69  ? HIS A 78  ? ALA A 69  HIS A 78  1 ? 10 
HELX_P HELX_P4 4 PRO A 85  ? VAL A 108 ? PRO A 85  VAL A 108 1 ? 24 
HELX_P HELX_P5 5 PRO A 112 ? LEU A 136 ? PRO A 112 LEU A 136 5 ? 25 
HELX_P HELX_P6 6 HIS A 149 ? TYR A 163 ? HIS A 149 TYR A 163 1 ? 15 
HELX_P HELX_P7 7 PRO A 166 ? LEU A 169 ? PRO A 166 LEU A 169 1 ? 4  
HELX_P HELX_P8 8 PRO A 173 ? ALA A 184 ? PRO A 173 ALA A 184 1 ? 12 
HELX_P HELX_P9 9 PRO A 186 ? TYR A 191 ? PRO A 186 TYR A 191 1 ? 6  
# 
_struct_conf_type.id          HELX_P 
_struct_conf_type.criteria    ? 
_struct_conf_type.reference   ? 
# 
loop_
_struct_mon_prot_cis.pdbx_id 
_struct_mon_prot_cis.label_comp_id 
_struct_mon_prot_cis.label_seq_id 
_struct_mon_prot_cis.label_asym_id 
_struct_mon_prot_cis.label_alt_id 
_struct_mon_prot_cis.pdbx_PDB_ins_code 
_struct_mon_prot_cis.auth_comp_id 
_struct_mon_prot_cis.auth_seq_id 
_struct_mon_prot_cis.auth_asym_id 
_struct_mon_prot_cis.pdbx_label_comp_id_2 
_struct_mon_prot_cis.pdbx_label_seq_id_2 
_struct_mon_prot_cis.pdbx_label_asym_id_2 
_struct_mon_prot_cis.pdbx_PDB_ins_code_2 
_struct_mon_prot_cis.pdbx_auth_comp_id_2 
_struct_mon_prot_cis.pdbx_auth_seq_id_2 
_struct_mon_prot_cis.pdbx_auth_asym_id_2 
_struct_mon_prot_cis.pdbx_PDB_model_num 
_struct_mon_prot_cis.pdbx_omega_angle 
1 LEU 54  A . ? LEU 54  A PRO 55  A ? PRO 55  A 1 0.13 
2 TRP 200 A . ? TRP 200 A PRO 201 A ? PRO 201 A 1 0.21 
# 
loop_
_struct_sheet.id 
_struct_sheet.type 
_struct_sheet.number_strands 
_struct_sheet.details 
A ? 2 ? 
B ? 2 ? 
# 
loop_
_struct_sheet_order.sheet_id 
_struct_sheet_order.range_id_1 
_struct_sheet_order.range_id_2 
_struct_sheet_order.offset 
_struct_sheet_order.sense 
A 1 2 ? parallel      
B 1 2 ? anti-parallel 
# 
loop_
_struct_sheet_range.sheet_id 
_struct_sheet_range.id 
_struct_sheet_range.beg_label_comp_id 
_struct_sheet_range.beg_label_asym_id 
_struct_sheet_range.beg_label_seq_id 
_struct_sheet_range.pdbx_beg_PDB_ins_code 
_struct_sheet_range.end_label_comp_id 
_struct_sheet_range.end_label_asym_id 
_struct_sheet_range.end_label_seq_id 
_struct_sheet_range.pdbx_end_PDB_ins_code 
_struct_sheet_range.beg_auth_comp_id 
_struct_sheet_range.beg_auth_asym_id 
_struct_sheet_range.beg_auth_seq_id 
_struct_sheet_range.end_auth_comp_id 
_struct_sheet_range.end_auth_asym_id 
_struct_sheet_range.end_auth_seq_id 
A 1 LYS A 3  ? TRP A 7  ? LYS A 3  TRP A 7  
A 2 GLU A 28 ? TYR A 32 ? GLU A 28 TYR A 32 
B 1 TYR A 56 ? ILE A 58 ? TYR A 56 ILE A 58 
B 2 LYS A 63 ? THR A 65 ? LYS A 63 THR A 65 
# 
loop_
_pdbx_struct_sheet_hbond.sheet_id 
_pdbx_struct_sheet_hbond.range_id_1 
_pdbx_struct_sheet_hbond.range_id_2 
_pdbx_struct_sheet_hbond.range_1_label_atom_id 
_pdbx_struct_sheet_hbond.range_1_label_comp_id 
_pdbx_struct_sheet_hbond.range_1_label_asym_id 
_pdbx_struct_sheet_hbond.range_1_label_seq_id 
_pdbx_struct_sheet_hbond.range_1_PDB_ins_code 
_pdbx_struct_sheet_hbond.range_1_auth_atom_id 
_pdbx_struct_sheet_hbond.range_1_auth_comp_id 
_pdbx_struct_sheet_hbond.range_1_auth_asym_id 
_pdbx_struct_sheet_hbond.range_1_auth_seq_id 
_pdbx_struct_sheet_hbond.range_2_label_atom_id 
_pdbx_struct_sheet_hbond.range_2_label_comp_id 
_pdbx_struct_sheet_hbond.range_2_label_asym_id 
_pdbx_struct_sheet_hbond.range_2_label_seq_id 
_pdbx_struct_sheet_hbond.range_2_PDB_ins_code 
_pdbx_struct_sheet_hbond.range_2_auth_atom_id 
_pdbx_struct_sheet_hbond.range_2_auth_comp_id 
_pdbx_struct_sheet_hbond.range_2_auth_asym_id 
_pdbx_struct_sheet_hbond.range_2_auth_seq_id 
A 1 2 O LEU A 4  ? O LEU A 4  N GLU A 28 ? N GLU A 28 
B 1 2 O TYR A 57 ? O TYR A 57 N LEU A 64 ? N LEU A 64 
# 
_struct_site.id                   AC1 
_struct_site.pdbx_evidence_code   Software 
_struct_site.pdbx_auth_asym_id    A 
_struct_site.pdbx_auth_comp_id    GSH 
_struct_site.pdbx_auth_seq_id     300 
_struct_site.pdbx_auth_ins_code   ? 
_struct_site.pdbx_num_residues    7 
_struct_site.details              'BINDING SITE FOR RESIDUE GSH A 300' 
# 
loop_
_struct_site_gen.id 
_struct_site_gen.site_id 
_struct_site_gen.pdbx_num_res 
_struct_site_gen.label_comp_id 
_struct_site_gen.label_asym_id 
_struct_site_gen.label_seq_id 
_struct_site_gen.pdbx_auth_ins_code 
_struct_site_gen.auth_comp_id 
_struct_site_gen.auth_asym_id 
_struct_site_gen.auth_seq_id 
_struct_site_gen.label_atom_id 
_struct_site_gen.label_alt_id 
_struct_site_gen.symmetry 
_struct_site_gen.details 
1 AC1 7 TRP A 7   ? TRP A 7   . ? 1_555  ? 
2 AC1 7 LYS A 44  ? LYS A 44  . ? 1_555  ? 
3 AC1 7 ASN A 53  ? ASN A 53  . ? 1_555  ? 
4 AC1 7 LEU A 54  ? LEU A 54  . ? 1_555  ? 
5 AC1 7 GLN A 66  ? GLN A 66  . ? 1_555  ? 
6 AC1 7 SER A 67  ? SER A 67  . ? 1_555  ? 
7 AC1 7 ASP A 100 ? ASP A 100 . ? 15_556 ? 
# 
_pdbx_validate_rmsd_angle.id                         1 
_pdbx_validate_rmsd_angle.PDB_model_num              1 
_pdbx_validate_rmsd_angle.auth_atom_id_1             C 
_pdbx_validate_rmsd_angle.auth_asym_id_1             A 
_pdbx_validate_rmsd_angle.auth_comp_id_1             LEU 
_pdbx_validate_rmsd_angle.auth_seq_id_1              185 
_pdbx_validate_rmsd_angle.PDB_ins_code_1             ? 
_pdbx_validate_rmsd_angle.label_alt_id_1             ? 
_pdbx_validate_rmsd_angle.auth_atom_id_2             N 
_pdbx_validate_rmsd_angle.auth_asym_id_2             A 
_pdbx_validate_rmsd_angle.auth_comp_id_2             PRO 
_pdbx_validate_rmsd_angle.auth_seq_id_2              186 
_pdbx_validate_rmsd_angle.PDB_ins_code_2             ? 
_pdbx_validate_rmsd_angle.label_alt_id_2             ? 
_pdbx_validate_rmsd_angle.auth_atom_id_3             CA 
_pdbx_validate_rmsd_angle.auth_asym_id_3             A 
_pdbx_validate_rmsd_angle.auth_comp_id_3             PRO 
_pdbx_validate_rmsd_angle.auth_seq_id_3              186 
_pdbx_validate_rmsd_angle.PDB_ins_code_3             ? 
_pdbx_validate_rmsd_angle.label_alt_id_3             ? 
_pdbx_validate_rmsd_angle.angle_value                129.50 
_pdbx_validate_rmsd_angle.angle_target_value         119.30 
_pdbx_validate_rmsd_angle.angle_deviation            10.20 
_pdbx_validate_rmsd_angle.angle_standard_deviation   1.50 
_pdbx_validate_rmsd_angle.linker_flag                Y 
# 
loop_
_pdbx_validate_torsion.id 
_pdbx_validate_torsion.PDB_model_num 
_pdbx_validate_torsion.auth_comp_id 
_pdbx_validate_torsion.auth_asym_id 
_pdbx_validate_torsion.auth_seq_id 
_pdbx_validate_torsion.PDB_ins_code 
_pdbx_validate_torsion.label_alt_id 
_pdbx_validate_torsion.phi 
_pdbx_validate_torsion.psi 
1  1 ALA A 2   ? ? -53.29  -174.31 
2  1 TYR A 6   ? ? 166.36  159.43  
3  1 LYS A 8   ? ? -56.18  78.15   
4  1 LEU A 23  ? ? -96.95  40.85   
5  1 MET A 47  ? ? -59.55  2.20    
6  1 ASP A 50  ? ? -30.31  -33.59  
7  1 PRO A 52  ? ? -46.17  153.03  
8  1 ASN A 53  ? ? 166.13  -170.63 
9  1 GLN A 66  ? ? 106.83  106.79  
10 1 LEU A 81  ? ? -70.54  31.16   
11 1 THR A 83  ? ? -136.13 -42.57  
12 1 LEU A 101 ? ? -69.11  -83.38  
13 1 ASP A 138 ? ? -152.44 5.44    
14 1 VAL A 147 ? ? -52.63  108.90  
15 1 LEU A 164 ? ? -162.18 27.61   
16 1 ALA A 165 ? ? -171.60 25.64   
17 1 PRO A 173 ? ? -54.09  -78.23  
18 1 LYS A 174 ? ? -35.49  -72.03  
19 1 PHE A 178 ? ? -44.41  -71.63  
20 1 LYS A 179 ? ? -32.90  -39.17  
21 1 LEU A 185 ? ? -34.29  139.94  
22 1 PRO A 186 ? ? -26.89  -114.81 
23 1 MET A 192 ? ? -70.58  31.21   
24 1 GLU A 193 ? ? -162.27 -21.33  
25 1 PRO A 201 ? ? -78.86  -138.73 
26 1 LEU A 202 ? ? -157.13 4.44    
27 1 ASN A 203 ? ? -142.69 -28.47  
28 1 ALA A 206 ? ? -65.91  79.19   
29 1 ALA A 211 ? ? -86.37  -155.06 
30 1 ASP A 213 ? ? -70.53  -77.34  
# 
_pdbx_validate_chiral.id              1 
_pdbx_validate_chiral.PDB_model_num   1 
_pdbx_validate_chiral.auth_atom_id    CA1 
_pdbx_validate_chiral.label_alt_id    ? 
_pdbx_validate_chiral.auth_asym_id    A 
_pdbx_validate_chiral.auth_comp_id    GSH 
_pdbx_validate_chiral.auth_seq_id     300 
_pdbx_validate_chiral.PDB_ins_code    ? 
_pdbx_validate_chiral.details         'WRONG HAND' 
_pdbx_validate_chiral.omega           . 
# 
loop_
_pdbx_unobs_or_zero_occ_residues.id 
_pdbx_unobs_or_zero_occ_residues.PDB_model_num 
_pdbx_unobs_or_zero_occ_residues.polymer_flag 
_pdbx_unobs_or_zero_occ_residues.occupancy_flag 
_pdbx_unobs_or_zero_occ_residues.auth_asym_id 
_pdbx_unobs_or_zero_occ_residues.auth_comp_id 
_pdbx_unobs_or_zero_occ_residues.auth_seq_id 
_pdbx_unobs_or_zero_occ_residues.PDB_ins_code 
_pdbx_unobs_or_zero_occ_residues.label_asym_id 
_pdbx_unobs_or_zero_occ_residues.label_comp_id 
_pdbx_unobs_or_zero_occ_residues.label_seq_id 
1 1 Y 1 A PRO 215 ? A PRO 215 
2 1 Y 1 A PRO 216 ? A PRO 216 
3 1 Y 1 A SER 217 ? A SER 217 
# 
loop_
_chem_comp_atom.comp_id 
_chem_comp_atom.atom_id 
_chem_comp_atom.type_symbol 
_chem_comp_atom.pdbx_aromatic_flag 
_chem_comp_atom.pdbx_stereo_config 
_chem_comp_atom.pdbx_ordinal 
ALA N    N N N 1   
ALA CA   C N S 2   
ALA C    C N N 3   
ALA O    O N N 4   
ALA CB   C N N 5   
ALA OXT  O N N 6   
ALA H    H N N 7   
ALA H2   H N N 8   
ALA HA   H N N 9   
ALA HB1  H N N 10  
ALA HB2  H N N 11  
ALA HB3  H N N 12  
ALA HXT  H N N 13  
ARG N    N N N 14  
ARG CA   C N S 15  
ARG C    C N N 16  
ARG O    O N N 17  
ARG CB   C N N 18  
ARG CG   C N N 19  
ARG CD   C N N 20  
ARG NE   N N N 21  
ARG CZ   C N N 22  
ARG NH1  N N N 23  
ARG NH2  N N N 24  
ARG OXT  O N N 25  
ARG H    H N N 26  
ARG H2   H N N 27  
ARG HA   H N N 28  
ARG HB2  H N N 29  
ARG HB3  H N N 30  
ARG HG2  H N N 31  
ARG HG3  H N N 32  
ARG HD2  H N N 33  
ARG HD3  H N N 34  
ARG HE   H N N 35  
ARG HH11 H N N 36  
ARG HH12 H N N 37  
ARG HH21 H N N 38  
ARG HH22 H N N 39  
ARG HXT  H N N 40  
ASN N    N N N 41  
ASN CA   C N S 42  
ASN C    C N N 43  
ASN O    O N N 44  
ASN CB   C N N 45  
ASN CG   C N N 46  
ASN OD1  O N N 47  
ASN ND2  N N N 48  
ASN OXT  O N N 49  
ASN H    H N N 50  
ASN H2   H N N 51  
ASN HA   H N N 52  
ASN HB2  H N N 53  
ASN HB3  H N N 54  
ASN HD21 H N N 55  
ASN HD22 H N N 56  
ASN HXT  H N N 57  
ASP N    N N N 58  
ASP CA   C N S 59  
ASP C    C N N 60  
ASP O    O N N 61  
ASP CB   C N N 62  
ASP CG   C N N 63  
ASP OD1  O N N 64  
ASP OD2  O N N 65  
ASP OXT  O N N 66  
ASP H    H N N 67  
ASP H2   H N N 68  
ASP HA   H N N 69  
ASP HB2  H N N 70  
ASP HB3  H N N 71  
ASP HD2  H N N 72  
ASP HXT  H N N 73  
CYS N    N N N 74  
CYS CA   C N R 75  
CYS C    C N N 76  
CYS O    O N N 77  
CYS CB   C N N 78  
CYS SG   S N N 79  
CYS OXT  O N N 80  
CYS H    H N N 81  
CYS H2   H N N 82  
CYS HA   H N N 83  
CYS HB2  H N N 84  
CYS HB3  H N N 85  
CYS HG   H N N 86  
CYS HXT  H N N 87  
GLN N    N N N 88  
GLN CA   C N S 89  
GLN C    C N N 90  
GLN O    O N N 91  
GLN CB   C N N 92  
GLN CG   C N N 93  
GLN CD   C N N 94  
GLN OE1  O N N 95  
GLN NE2  N N N 96  
GLN OXT  O N N 97  
GLN H    H N N 98  
GLN H2   H N N 99  
GLN HA   H N N 100 
GLN HB2  H N N 101 
GLN HB3  H N N 102 
GLN HG2  H N N 103 
GLN HG3  H N N 104 
GLN HE21 H N N 105 
GLN HE22 H N N 106 
GLN HXT  H N N 107 
GLU N    N N N 108 
GLU CA   C N S 109 
GLU C    C N N 110 
GLU O    O N N 111 
GLU CB   C N N 112 
GLU CG   C N N 113 
GLU CD   C N N 114 
GLU OE1  O N N 115 
GLU OE2  O N N 116 
GLU OXT  O N N 117 
GLU H    H N N 118 
GLU H2   H N N 119 
GLU HA   H N N 120 
GLU HB2  H N N 121 
GLU HB3  H N N 122 
GLU HG2  H N N 123 
GLU HG3  H N N 124 
GLU HE2  H N N 125 
GLU HXT  H N N 126 
GLY N    N N N 127 
GLY CA   C N N 128 
GLY C    C N N 129 
GLY O    O N N 130 
GLY OXT  O N N 131 
GLY H    H N N 132 
GLY H2   H N N 133 
GLY HA2  H N N 134 
GLY HA3  H N N 135 
GLY HXT  H N N 136 
GSH N1   N N N 137 
GSH CA1  C N S 138 
GSH C1   C N N 139 
GSH O11  O N N 140 
GSH O12  O N N 141 
GSH CB1  C N N 142 
GSH CG1  C N N 143 
GSH CD1  C N N 144 
GSH OE1  O N N 145 
GSH N2   N N N 146 
GSH CA2  C N R 147 
GSH C2   C N N 148 
GSH O2   O N N 149 
GSH CB2  C N N 150 
GSH SG2  S N N 151 
GSH N3   N N N 152 
GSH CA3  C N N 153 
GSH C3   C N N 154 
GSH O31  O N N 155 
GSH O32  O N N 156 
GSH HN11 H N N 157 
GSH HN12 H N N 158 
GSH HA1  H N N 159 
GSH H12  H N N 160 
GSH HB12 H N N 161 
GSH HB13 H N N 162 
GSH HG12 H N N 163 
GSH HG13 H N N 164 
GSH HN2  H N N 165 
GSH HA2  H N N 166 
GSH HB22 H N N 167 
GSH HB23 H N N 168 
GSH HSG  H N N 169 
GSH HN3  H N N 170 
GSH HA31 H N N 171 
GSH HA32 H N N 172 
GSH H32  H N N 173 
HIS N    N N N 174 
HIS CA   C N S 175 
HIS C    C N N 176 
HIS O    O N N 177 
HIS CB   C N N 178 
HIS CG   C Y N 179 
HIS ND1  N Y N 180 
HIS CD2  C Y N 181 
HIS CE1  C Y N 182 
HIS NE2  N Y N 183 
HIS OXT  O N N 184 
HIS H    H N N 185 
HIS H2   H N N 186 
HIS HA   H N N 187 
HIS HB2  H N N 188 
HIS HB3  H N N 189 
HIS HD1  H N N 190 
HIS HD2  H N N 191 
HIS HE1  H N N 192 
HIS HE2  H N N 193 
HIS HXT  H N N 194 
HOH O    O N N 195 
HOH H1   H N N 196 
HOH H2   H N N 197 
ILE N    N N N 198 
ILE CA   C N S 199 
ILE C    C N N 200 
ILE O    O N N 201 
ILE CB   C N S 202 
ILE CG1  C N N 203 
ILE CG2  C N N 204 
ILE CD1  C N N 205 
ILE OXT  O N N 206 
ILE H    H N N 207 
ILE H2   H N N 208 
ILE HA   H N N 209 
ILE HB   H N N 210 
ILE HG12 H N N 211 
ILE HG13 H N N 212 
ILE HG21 H N N 213 
ILE HG22 H N N 214 
ILE HG23 H N N 215 
ILE HD11 H N N 216 
ILE HD12 H N N 217 
ILE HD13 H N N 218 
ILE HXT  H N N 219 
LEU N    N N N 220 
LEU CA   C N S 221 
LEU C    C N N 222 
LEU O    O N N 223 
LEU CB   C N N 224 
LEU CG   C N N 225 
LEU CD1  C N N 226 
LEU CD2  C N N 227 
LEU OXT  O N N 228 
LEU H    H N N 229 
LEU H2   H N N 230 
LEU HA   H N N 231 
LEU HB2  H N N 232 
LEU HB3  H N N 233 
LEU HG   H N N 234 
LEU HD11 H N N 235 
LEU HD12 H N N 236 
LEU HD13 H N N 237 
LEU HD21 H N N 238 
LEU HD22 H N N 239 
LEU HD23 H N N 240 
LEU HXT  H N N 241 
LYS N    N N N 242 
LYS CA   C N S 243 
LYS C    C N N 244 
LYS O    O N N 245 
LYS CB   C N N 246 
LYS CG   C N N 247 
LYS CD   C N N 248 
LYS CE   C N N 249 
LYS NZ   N N N 250 
LYS OXT  O N N 251 
LYS H    H N N 252 
LYS H2   H N N 253 
LYS HA   H N N 254 
LYS HB2  H N N 255 
LYS HB3  H N N 256 
LYS HG2  H N N 257 
LYS HG3  H N N 258 
LYS HD2  H N N 259 
LYS HD3  H N N 260 
LYS HE2  H N N 261 
LYS HE3  H N N 262 
LYS HZ1  H N N 263 
LYS HZ2  H N N 264 
LYS HZ3  H N N 265 
LYS HXT  H N N 266 
MET N    N N N 267 
MET CA   C N S 268 
MET C    C N N 269 
MET O    O N N 270 
MET CB   C N N 271 
MET CG   C N N 272 
MET SD   S N N 273 
MET CE   C N N 274 
MET OXT  O N N 275 
MET H    H N N 276 
MET H2   H N N 277 
MET HA   H N N 278 
MET HB2  H N N 279 
MET HB3  H N N 280 
MET HG2  H N N 281 
MET HG3  H N N 282 
MET HE1  H N N 283 
MET HE2  H N N 284 
MET HE3  H N N 285 
MET HXT  H N N 286 
PHE N    N N N 287 
PHE CA   C N S 288 
PHE C    C N N 289 
PHE O    O N N 290 
PHE CB   C N N 291 
PHE CG   C Y N 292 
PHE CD1  C Y N 293 
PHE CD2  C Y N 294 
PHE CE1  C Y N 295 
PHE CE2  C Y N 296 
PHE CZ   C Y N 297 
PHE OXT  O N N 298 
PHE H    H N N 299 
PHE H2   H N N 300 
PHE HA   H N N 301 
PHE HB2  H N N 302 
PHE HB3  H N N 303 
PHE HD1  H N N 304 
PHE HD2  H N N 305 
PHE HE1  H N N 306 
PHE HE2  H N N 307 
PHE HZ   H N N 308 
PHE HXT  H N N 309 
PRO N    N N N 310 
PRO CA   C N S 311 
PRO C    C N N 312 
PRO O    O N N 313 
PRO CB   C N N 314 
PRO CG   C N N 315 
PRO CD   C N N 316 
PRO OXT  O N N 317 
PRO H    H N N 318 
PRO HA   H N N 319 
PRO HB2  H N N 320 
PRO HB3  H N N 321 
PRO HG2  H N N 322 
PRO HG3  H N N 323 
PRO HD2  H N N 324 
PRO HD3  H N N 325 
PRO HXT  H N N 326 
SER N    N N N 327 
SER CA   C N S 328 
SER C    C N N 329 
SER O    O N N 330 
SER CB   C N N 331 
SER OG   O N N 332 
SER OXT  O N N 333 
SER H    H N N 334 
SER H2   H N N 335 
SER HA   H N N 336 
SER HB2  H N N 337 
SER HB3  H N N 338 
SER HG   H N N 339 
SER HXT  H N N 340 
THR N    N N N 341 
THR CA   C N S 342 
THR C    C N N 343 
THR O    O N N 344 
THR CB   C N R 345 
THR OG1  O N N 346 
THR CG2  C N N 347 
THR OXT  O N N 348 
THR H    H N N 349 
THR H2   H N N 350 
THR HA   H N N 351 
THR HB   H N N 352 
THR HG1  H N N 353 
THR HG21 H N N 354 
THR HG22 H N N 355 
THR HG23 H N N 356 
THR HXT  H N N 357 
TRP N    N N N 358 
TRP CA   C N S 359 
TRP C    C N N 360 
TRP O    O N N 361 
TRP CB   C N N 362 
TRP CG   C Y N 363 
TRP CD1  C Y N 364 
TRP CD2  C Y N 365 
TRP NE1  N Y N 366 
TRP CE2  C Y N 367 
TRP CE3  C Y N 368 
TRP CZ2  C Y N 369 
TRP CZ3  C Y N 370 
TRP CH2  C Y N 371 
TRP OXT  O N N 372 
TRP H    H N N 373 
TRP H2   H N N 374 
TRP HA   H N N 375 
TRP HB2  H N N 376 
TRP HB3  H N N 377 
TRP HD1  H N N 378 
TRP HE1  H N N 379 
TRP HE3  H N N 380 
TRP HZ2  H N N 381 
TRP HZ3  H N N 382 
TRP HH2  H N N 383 
TRP HXT  H N N 384 
TYR N    N N N 385 
TYR CA   C N S 386 
TYR C    C N N 387 
TYR O    O N N 388 
TYR CB   C N N 389 
TYR CG   C Y N 390 
TYR CD1  C Y N 391 
TYR CD2  C Y N 392 
TYR CE1  C Y N 393 
TYR CE2  C Y N 394 
TYR CZ   C Y N 395 
TYR OH   O N N 396 
TYR OXT  O N N 397 
TYR H    H N N 398 
TYR H2   H N N 399 
TYR HA   H N N 400 
TYR HB2  H N N 401 
TYR HB3  H N N 402 
TYR HD1  H N N 403 
TYR HD2  H N N 404 
TYR HE1  H N N 405 
TYR HE2  H N N 406 
TYR HH   H N N 407 
TYR HXT  H N N 408 
VAL N    N N N 409 
VAL CA   C N S 410 
VAL C    C N N 411 
VAL O    O N N 412 
VAL CB   C N N 413 
VAL CG1  C N N 414 
VAL CG2  C N N 415 
VAL OXT  O N N 416 
VAL H    H N N 417 
VAL H2   H N N 418 
VAL HA   H N N 419 
VAL HB   H N N 420 
VAL HG11 H N N 421 
VAL HG12 H N N 422 
VAL HG13 H N N 423 
VAL HG21 H N N 424 
VAL HG22 H N N 425 
VAL HG23 H N N 426 
VAL HXT  H N N 427 
# 
loop_
_chem_comp_bond.comp_id 
_chem_comp_bond.atom_id_1 
_chem_comp_bond.atom_id_2 
_chem_comp_bond.value_order 
_chem_comp_bond.pdbx_aromatic_flag 
_chem_comp_bond.pdbx_stereo_config 
_chem_comp_bond.pdbx_ordinal 
ALA N   CA   sing N N 1   
ALA N   H    sing N N 2   
ALA N   H2   sing N N 3   
ALA CA  C    sing N N 4   
ALA CA  CB   sing N N 5   
ALA CA  HA   sing N N 6   
ALA C   O    doub N N 7   
ALA C   OXT  sing N N 8   
ALA CB  HB1  sing N N 9   
ALA CB  HB2  sing N N 10  
ALA CB  HB3  sing N N 11  
ALA OXT HXT  sing N N 12  
ARG N   CA   sing N N 13  
ARG N   H    sing N N 14  
ARG N   H2   sing N N 15  
ARG CA  C    sing N N 16  
ARG CA  CB   sing N N 17  
ARG CA  HA   sing N N 18  
ARG C   O    doub N N 19  
ARG C   OXT  sing N N 20  
ARG CB  CG   sing N N 21  
ARG CB  HB2  sing N N 22  
ARG CB  HB3  sing N N 23  
ARG CG  CD   sing N N 24  
ARG CG  HG2  sing N N 25  
ARG CG  HG3  sing N N 26  
ARG CD  NE   sing N N 27  
ARG CD  HD2  sing N N 28  
ARG CD  HD3  sing N N 29  
ARG NE  CZ   sing N N 30  
ARG NE  HE   sing N N 31  
ARG CZ  NH1  sing N N 32  
ARG CZ  NH2  doub N N 33  
ARG NH1 HH11 sing N N 34  
ARG NH1 HH12 sing N N 35  
ARG NH2 HH21 sing N N 36  
ARG NH2 HH22 sing N N 37  
ARG OXT HXT  sing N N 38  
ASN N   CA   sing N N 39  
ASN N   H    sing N N 40  
ASN N   H2   sing N N 41  
ASN CA  C    sing N N 42  
ASN CA  CB   sing N N 43  
ASN CA  HA   sing N N 44  
ASN C   O    doub N N 45  
ASN C   OXT  sing N N 46  
ASN CB  CG   sing N N 47  
ASN CB  HB2  sing N N 48  
ASN CB  HB3  sing N N 49  
ASN CG  OD1  doub N N 50  
ASN CG  ND2  sing N N 51  
ASN ND2 HD21 sing N N 52  
ASN ND2 HD22 sing N N 53  
ASN OXT HXT  sing N N 54  
ASP N   CA   sing N N 55  
ASP N   H    sing N N 56  
ASP N   H2   sing N N 57  
ASP CA  C    sing N N 58  
ASP CA  CB   sing N N 59  
ASP CA  HA   sing N N 60  
ASP C   O    doub N N 61  
ASP C   OXT  sing N N 62  
ASP CB  CG   sing N N 63  
ASP CB  HB2  sing N N 64  
ASP CB  HB3  sing N N 65  
ASP CG  OD1  doub N N 66  
ASP CG  OD2  sing N N 67  
ASP OD2 HD2  sing N N 68  
ASP OXT HXT  sing N N 69  
CYS N   CA   sing N N 70  
CYS N   H    sing N N 71  
CYS N   H2   sing N N 72  
CYS CA  C    sing N N 73  
CYS CA  CB   sing N N 74  
CYS CA  HA   sing N N 75  
CYS C   O    doub N N 76  
CYS C   OXT  sing N N 77  
CYS CB  SG   sing N N 78  
CYS CB  HB2  sing N N 79  
CYS CB  HB3  sing N N 80  
CYS SG  HG   sing N N 81  
CYS OXT HXT  sing N N 82  
GLN N   CA   sing N N 83  
GLN N   H    sing N N 84  
GLN N   H2   sing N N 85  
GLN CA  C    sing N N 86  
GLN CA  CB   sing N N 87  
GLN CA  HA   sing N N 88  
GLN C   O    doub N N 89  
GLN C   OXT  sing N N 90  
GLN CB  CG   sing N N 91  
GLN CB  HB2  sing N N 92  
GLN CB  HB3  sing N N 93  
GLN CG  CD   sing N N 94  
GLN CG  HG2  sing N N 95  
GLN CG  HG3  sing N N 96  
GLN CD  OE1  doub N N 97  
GLN CD  NE2  sing N N 98  
GLN NE2 HE21 sing N N 99  
GLN NE2 HE22 sing N N 100 
GLN OXT HXT  sing N N 101 
GLU N   CA   sing N N 102 
GLU N   H    sing N N 103 
GLU N   H2   sing N N 104 
GLU CA  C    sing N N 105 
GLU CA  CB   sing N N 106 
GLU CA  HA   sing N N 107 
GLU C   O    doub N N 108 
GLU C   OXT  sing N N 109 
GLU CB  CG   sing N N 110 
GLU CB  HB2  sing N N 111 
GLU CB  HB3  sing N N 112 
GLU CG  CD   sing N N 113 
GLU CG  HG2  sing N N 114 
GLU CG  HG3  sing N N 115 
GLU CD  OE1  doub N N 116 
GLU CD  OE2  sing N N 117 
GLU OE2 HE2  sing N N 118 
GLU OXT HXT  sing N N 119 
GLY N   CA   sing N N 120 
GLY N   H    sing N N 121 
GLY N   H2   sing N N 122 
GLY CA  C    sing N N 123 
GLY CA  HA2  sing N N 124 
GLY CA  HA3  sing N N 125 
GLY C   O    doub N N 126 
GLY C   OXT  sing N N 127 
GLY OXT HXT  sing N N 128 
GSH N1  CA1  sing N N 129 
GSH N1  HN11 sing N N 130 
GSH N1  HN12 sing N N 131 
GSH CA1 C1   sing N N 132 
GSH CA1 CB1  sing N N 133 
GSH CA1 HA1  sing N N 134 
GSH C1  O11  doub N N 135 
GSH C1  O12  sing N N 136 
GSH O12 H12  sing N N 137 
GSH CB1 CG1  sing N N 138 
GSH CB1 HB12 sing N N 139 
GSH CB1 HB13 sing N N 140 
GSH CG1 CD1  sing N N 141 
GSH CG1 HG12 sing N N 142 
GSH CG1 HG13 sing N N 143 
GSH CD1 OE1  doub N N 144 
GSH CD1 N2   sing N N 145 
GSH N2  CA2  sing N N 146 
GSH N2  HN2  sing N N 147 
GSH CA2 C2   sing N N 148 
GSH CA2 CB2  sing N N 149 
GSH CA2 HA2  sing N N 150 
GSH C2  O2   doub N N 151 
GSH C2  N3   sing N N 152 
GSH CB2 SG2  sing N N 153 
GSH CB2 HB22 sing N N 154 
GSH CB2 HB23 sing N N 155 
GSH SG2 HSG  sing N N 156 
GSH N3  CA3  sing N N 157 
GSH N3  HN3  sing N N 158 
GSH CA3 C3   sing N N 159 
GSH CA3 HA31 sing N N 160 
GSH CA3 HA32 sing N N 161 
GSH C3  O31  doub N N 162 
GSH C3  O32  sing N N 163 
GSH O32 H32  sing N N 164 
HIS N   CA   sing N N 165 
HIS N   H    sing N N 166 
HIS N   H2   sing N N 167 
HIS CA  C    sing N N 168 
HIS CA  CB   sing N N 169 
HIS CA  HA   sing N N 170 
HIS C   O    doub N N 171 
HIS C   OXT  sing N N 172 
HIS CB  CG   sing N N 173 
HIS CB  HB2  sing N N 174 
HIS CB  HB3  sing N N 175 
HIS CG  ND1  sing Y N 176 
HIS CG  CD2  doub Y N 177 
HIS ND1 CE1  doub Y N 178 
HIS ND1 HD1  sing N N 179 
HIS CD2 NE2  sing Y N 180 
HIS CD2 HD2  sing N N 181 
HIS CE1 NE2  sing Y N 182 
HIS CE1 HE1  sing N N 183 
HIS NE2 HE2  sing N N 184 
HIS OXT HXT  sing N N 185 
HOH O   H1   sing N N 186 
HOH O   H2   sing N N 187 
ILE N   CA   sing N N 188 
ILE N   H    sing N N 189 
ILE N   H2   sing N N 190 
ILE CA  C    sing N N 191 
ILE CA  CB   sing N N 192 
ILE CA  HA   sing N N 193 
ILE C   O    doub N N 194 
ILE C   OXT  sing N N 195 
ILE CB  CG1  sing N N 196 
ILE CB  CG2  sing N N 197 
ILE CB  HB   sing N N 198 
ILE CG1 CD1  sing N N 199 
ILE CG1 HG12 sing N N 200 
ILE CG1 HG13 sing N N 201 
ILE CG2 HG21 sing N N 202 
ILE CG2 HG22 sing N N 203 
ILE CG2 HG23 sing N N 204 
ILE CD1 HD11 sing N N 205 
ILE CD1 HD12 sing N N 206 
ILE CD1 HD13 sing N N 207 
ILE OXT HXT  sing N N 208 
LEU N   CA   sing N N 209 
LEU N   H    sing N N 210 
LEU N   H2   sing N N 211 
LEU CA  C    sing N N 212 
LEU CA  CB   sing N N 213 
LEU CA  HA   sing N N 214 
LEU C   O    doub N N 215 
LEU C   OXT  sing N N 216 
LEU CB  CG   sing N N 217 
LEU CB  HB2  sing N N 218 
LEU CB  HB3  sing N N 219 
LEU CG  CD1  sing N N 220 
LEU CG  CD2  sing N N 221 
LEU CG  HG   sing N N 222 
LEU CD1 HD11 sing N N 223 
LEU CD1 HD12 sing N N 224 
LEU CD1 HD13 sing N N 225 
LEU CD2 HD21 sing N N 226 
LEU CD2 HD22 sing N N 227 
LEU CD2 HD23 sing N N 228 
LEU OXT HXT  sing N N 229 
LYS N   CA   sing N N 230 
LYS N   H    sing N N 231 
LYS N   H2   sing N N 232 
LYS CA  C    sing N N 233 
LYS CA  CB   sing N N 234 
LYS CA  HA   sing N N 235 
LYS C   O    doub N N 236 
LYS C   OXT  sing N N 237 
LYS CB  CG   sing N N 238 
LYS CB  HB2  sing N N 239 
LYS CB  HB3  sing N N 240 
LYS CG  CD   sing N N 241 
LYS CG  HG2  sing N N 242 
LYS CG  HG3  sing N N 243 
LYS CD  CE   sing N N 244 
LYS CD  HD2  sing N N 245 
LYS CD  HD3  sing N N 246 
LYS CE  NZ   sing N N 247 
LYS CE  HE2  sing N N 248 
LYS CE  HE3  sing N N 249 
LYS NZ  HZ1  sing N N 250 
LYS NZ  HZ2  sing N N 251 
LYS NZ  HZ3  sing N N 252 
LYS OXT HXT  sing N N 253 
MET N   CA   sing N N 254 
MET N   H    sing N N 255 
MET N   H2   sing N N 256 
MET CA  C    sing N N 257 
MET CA  CB   sing N N 258 
MET CA  HA   sing N N 259 
MET C   O    doub N N 260 
MET C   OXT  sing N N 261 
MET CB  CG   sing N N 262 
MET CB  HB2  sing N N 263 
MET CB  HB3  sing N N 264 
MET CG  SD   sing N N 265 
MET CG  HG2  sing N N 266 
MET CG  HG3  sing N N 267 
MET SD  CE   sing N N 268 
MET CE  HE1  sing N N 269 
MET CE  HE2  sing N N 270 
MET CE  HE3  sing N N 271 
MET OXT HXT  sing N N 272 
PHE N   CA   sing N N 273 
PHE N   H    sing N N 274 
PHE N   H2   sing N N 275 
PHE CA  C    sing N N 276 
PHE CA  CB   sing N N 277 
PHE CA  HA   sing N N 278 
PHE C   O    doub N N 279 
PHE C   OXT  sing N N 280 
PHE CB  CG   sing N N 281 
PHE CB  HB2  sing N N 282 
PHE CB  HB3  sing N N 283 
PHE CG  CD1  doub Y N 284 
PHE CG  CD2  sing Y N 285 
PHE CD1 CE1  sing Y N 286 
PHE CD1 HD1  sing N N 287 
PHE CD2 CE2  doub Y N 288 
PHE CD2 HD2  sing N N 289 
PHE CE1 CZ   doub Y N 290 
PHE CE1 HE1  sing N N 291 
PHE CE2 CZ   sing Y N 292 
PHE CE2 HE2  sing N N 293 
PHE CZ  HZ   sing N N 294 
PHE OXT HXT  sing N N 295 
PRO N   CA   sing N N 296 
PRO N   CD   sing N N 297 
PRO N   H    sing N N 298 
PRO CA  C    sing N N 299 
PRO CA  CB   sing N N 300 
PRO CA  HA   sing N N 301 
PRO C   O    doub N N 302 
PRO C   OXT  sing N N 303 
PRO CB  CG   sing N N 304 
PRO CB  HB2  sing N N 305 
PRO CB  HB3  sing N N 306 
PRO CG  CD   sing N N 307 
PRO CG  HG2  sing N N 308 
PRO CG  HG3  sing N N 309 
PRO CD  HD2  sing N N 310 
PRO CD  HD3  sing N N 311 
PRO OXT HXT  sing N N 312 
SER N   CA   sing N N 313 
SER N   H    sing N N 314 
SER N   H2   sing N N 315 
SER CA  C    sing N N 316 
SER CA  CB   sing N N 317 
SER CA  HA   sing N N 318 
SER C   O    doub N N 319 
SER C   OXT  sing N N 320 
SER CB  OG   sing N N 321 
SER CB  HB2  sing N N 322 
SER CB  HB3  sing N N 323 
SER OG  HG   sing N N 324 
SER OXT HXT  sing N N 325 
THR N   CA   sing N N 326 
THR N   H    sing N N 327 
THR N   H2   sing N N 328 
THR CA  C    sing N N 329 
THR CA  CB   sing N N 330 
THR CA  HA   sing N N 331 
THR C   O    doub N N 332 
THR C   OXT  sing N N 333 
THR CB  OG1  sing N N 334 
THR CB  CG2  sing N N 335 
THR CB  HB   sing N N 336 
THR OG1 HG1  sing N N 337 
THR CG2 HG21 sing N N 338 
THR CG2 HG22 sing N N 339 
THR CG2 HG23 sing N N 340 
THR OXT HXT  sing N N 341 
TRP N   CA   sing N N 342 
TRP N   H    sing N N 343 
TRP N   H2   sing N N 344 
TRP CA  C    sing N N 345 
TRP CA  CB   sing N N 346 
TRP CA  HA   sing N N 347 
TRP C   O    doub N N 348 
TRP C   OXT  sing N N 349 
TRP CB  CG   sing N N 350 
TRP CB  HB2  sing N N 351 
TRP CB  HB3  sing N N 352 
TRP CG  CD1  doub Y N 353 
TRP CG  CD2  sing Y N 354 
TRP CD1 NE1  sing Y N 355 
TRP CD1 HD1  sing N N 356 
TRP CD2 CE2  doub Y N 357 
TRP CD2 CE3  sing Y N 358 
TRP NE1 CE2  sing Y N 359 
TRP NE1 HE1  sing N N 360 
TRP CE2 CZ2  sing Y N 361 
TRP CE3 CZ3  doub Y N 362 
TRP CE3 HE3  sing N N 363 
TRP CZ2 CH2  doub Y N 364 
TRP CZ2 HZ2  sing N N 365 
TRP CZ3 CH2  sing Y N 366 
TRP CZ3 HZ3  sing N N 367 
TRP CH2 HH2  sing N N 368 
TRP OXT HXT  sing N N 369 
TYR N   CA   sing N N 370 
TYR N   H    sing N N 371 
TYR N   H2   sing N N 372 
TYR CA  C    sing N N 373 
TYR CA  CB   sing N N 374 
TYR CA  HA   sing N N 375 
TYR C   O    doub N N 376 
TYR C   OXT  sing N N 377 
TYR CB  CG   sing N N 378 
TYR CB  HB2  sing N N 379 
TYR CB  HB3  sing N N 380 
TYR CG  CD1  doub Y N 381 
TYR CG  CD2  sing Y N 382 
TYR CD1 CE1  sing Y N 383 
TYR CD1 HD1  sing N N 384 
TYR CD2 CE2  doub Y N 385 
TYR CD2 HD2  sing N N 386 
TYR CE1 CZ   doub Y N 387 
TYR CE1 HE1  sing N N 388 
TYR CE2 CZ   sing Y N 389 
TYR CE2 HE2  sing N N 390 
TYR CZ  OH   sing N N 391 
TYR OH  HH   sing N N 392 
TYR OXT HXT  sing N N 393 
VAL N   CA   sing N N 394 
VAL N   H    sing N N 395 
VAL N   H2   sing N N 396 
VAL CA  C    sing N N 397 
VAL CA  CB   sing N N 398 
VAL CA  HA   sing N N 399 
VAL C   O    doub N N 400 
VAL C   OXT  sing N N 401 
VAL CB  CG1  sing N N 402 
VAL CB  CG2  sing N N 403 
VAL CB  HB   sing N N 404 
VAL CG1 HG11 sing N N 405 
VAL CG1 HG12 sing N N 406 
VAL CG1 HG13 sing N N 407 
VAL CG2 HG21 sing N N 408 
VAL CG2 HG22 sing N N 409 
VAL CG2 HG23 sing N N 410 
VAL OXT HXT  sing N N 411 
# 
_pdbx_initial_refinement_model.accession_code   ? 
_pdbx_initial_refinement_model.id               1 
_pdbx_initial_refinement_model.entity_id_list   ? 
_pdbx_initial_refinement_model.type             'experimental model' 
_pdbx_initial_refinement_model.source_name      Other 
_pdbx_initial_refinement_model.details          'SCHISTOSOMA JAPONICUM GST' 
# 
_atom_sites.entry_id                    1FHE 
_atom_sites.fract_transf_matrix[1][1]   0.00534954 
_atom_sites.fract_transf_matrix[1][2]   -0.00067898 
_atom_sites.fract_transf_matrix[1][3]   0.00331134 
_atom_sites.fract_transf_matrix[2][1]   0.00257824 
_atom_sites.fract_transf_matrix[2][2]   0.00482854 
_atom_sites.fract_transf_matrix[2][3]   -0.00317512 
_atom_sites.fract_transf_matrix[3][1]   -0.00463492 
_atom_sites.fract_transf_matrix[3][2]   0.00855170 
_atom_sites.fract_transf_matrix[3][3]   0.00924131 
_atom_sites.fract_transf_vector[1]      0.558481 
_atom_sites.fract_transf_vector[2]      0.643440 
_atom_sites.fract_transf_vector[3]      0.603001 
# 
loop_
_atom_type.symbol 
C 
N 
O 
S 
# 
loop_
_atom_site.group_PDB 
_atom_site.id 
_atom_site.type_symbol 
_atom_site.label_atom_id 
_atom_site.label_alt_id 
_atom_site.label_comp_id 
_atom_site.label_asym_id 
_atom_site.label_entity_id 
_atom_site.label_seq_id 
_atom_site.pdbx_PDB_ins_code 
_atom_site.Cartn_x 
_atom_site.Cartn_y 
_atom_site.Cartn_z 
_atom_site.occupancy 
_atom_site.B_iso_or_equiv 
_atom_site.pdbx_formal_charge 
_atom_site.auth_seq_id 
_atom_site.auth_comp_id 
_atom_site.auth_asym_id 
_atom_site.auth_atom_id 
_atom_site.pdbx_PDB_model_num 
ATOM   1    N N   . PRO A 1 1   ? -16.444 1.207   15.423  1.00 86.99  ? 1   PRO A N   1 
ATOM   2    C CA  . PRO A 1 1   ? -15.531 1.554   14.310  1.00 86.99  ? 1   PRO A CA  1 
ATOM   3    C C   . PRO A 1 1   ? -14.191 0.841   14.453  1.00 86.99  ? 1   PRO A C   1 
ATOM   4    O O   . PRO A 1 1   ? -13.517 0.968   15.476  1.00 39.53  ? 1   PRO A O   1 
ATOM   5    C CB  . PRO A 1 1   ? -15.326 3.061   14.306  1.00 39.53  ? 1   PRO A CB  1 
ATOM   6    C CG  . PRO A 1 1   ? -16.408 3.572   15.240  1.00 39.53  ? 1   PRO A CG  1 
ATOM   7    C CD  . PRO A 1 1   ? -16.993 2.416   16.064  1.00 39.53  ? 1   PRO A CD  1 
ATOM   8    N N   . ALA A 1 2   ? -13.810 0.093   13.421  1.00 36.36  ? 2   ALA A N   1 
ATOM   9    C CA  . ALA A 1 2   ? -12.551 -0.647  13.416  1.00 36.36  ? 2   ALA A CA  1 
ATOM   10   C C   . ALA A 1 2   ? -11.366 0.269   13.736  1.00 36.36  ? 2   ALA A C   1 
ATOM   11   O O   . ALA A 1 2   ? -11.557 1.440   14.059  1.00 14.57  ? 2   ALA A O   1 
ATOM   12   C CB  . ALA A 1 2   ? -12.358 -1.302  12.060  1.00 14.57  ? 2   ALA A CB  1 
ATOM   13   N N   . LYS A 1 3   ? -10.143 -0.253  13.650  1.00 38.71  ? 3   LYS A N   1 
ATOM   14   C CA  . LYS A 1 3   ? -8.967  0.566   13.948  1.00 38.71  ? 3   LYS A CA  1 
ATOM   15   C C   . LYS A 1 3   ? -7.692  0.161   13.209  1.00 38.71  ? 3   LYS A C   1 
ATOM   16   O O   . LYS A 1 3   ? -7.258  -0.987  13.287  1.00 27.63  ? 3   LYS A O   1 
ATOM   17   C CB  . LYS A 1 3   ? -8.699  0.564   15.455  1.00 27.63  ? 3   LYS A CB  1 
ATOM   18   C CG  . LYS A 1 3   ? -8.990  1.895   16.125  1.00 27.63  ? 3   LYS A CG  1 
ATOM   19   C CD  . LYS A 1 3   ? -8.521  1.914   17.572  1.00 27.63  ? 3   LYS A CD  1 
ATOM   20   C CE  . LYS A 1 3   ? -9.555  2.578   18.472  1.00 27.63  ? 3   LYS A CE  1 
ATOM   21   N NZ  . LYS A 1 3   ? -9.108  3.902   18.989  1.00 27.63  ? 3   LYS A NZ  1 
ATOM   22   N N   . LEU A 1 4   ? -7.087  1.120   12.509  1.00 93.51  ? 4   LEU A N   1 
ATOM   23   C CA  . LEU A 1 4   ? -5.856  0.885   11.752  1.00 93.51  ? 4   LEU A CA  1 
ATOM   24   C C   . LEU A 1 4   ? -4.723  1.765   12.288  1.00 93.51  ? 4   LEU A C   1 
ATOM   25   O O   . LEU A 1 4   ? -4.733  2.985   12.103  1.00 10.99  ? 4   LEU A O   1 
ATOM   26   C CB  . LEU A 1 4   ? -6.084  1.187   10.268  1.00 10.99  ? 4   LEU A CB  1 
ATOM   27   C CG  . LEU A 1 4   ? -5.405  0.266   9.253   1.00 10.99  ? 4   LEU A CG  1 
ATOM   28   C CD1 . LEU A 1 4   ? -6.374  -0.085  8.136   1.00 10.99  ? 4   LEU A CD1 1 
ATOM   29   C CD2 . LEU A 1 4   ? -4.185  0.960   8.690   1.00 10.99  ? 4   LEU A CD2 1 
ATOM   30   N N   . GLY A 1 5   ? -3.750  1.133   12.943  1.00 43.36  ? 5   GLY A N   1 
ATOM   31   C CA  . GLY A 1 5   ? -2.631  1.865   13.510  1.00 43.36  ? 5   GLY A CA  1 
ATOM   32   C C   . GLY A 1 5   ? -1.441  2.032   12.585  1.00 43.36  ? 5   GLY A C   1 
ATOM   33   O O   . GLY A 1 5   ? -1.136  1.159   11.774  1.00 2.00   ? 5   GLY A O   1 
ATOM   34   N N   . TYR A 1 6   ? -0.763  3.165   12.733  1.00 19.04  ? 6   TYR A N   1 
ATOM   35   C CA  . TYR A 1 6   ? 0.406   3.514   11.931  1.00 19.04  ? 6   TYR A CA  1 
ATOM   36   C C   . TYR A 1 6   ? 0.672   4.995   12.160  1.00 19.04  ? 6   TYR A C   1 
ATOM   37   O O   . TYR A 1 6   ? -0.218  5.733   12.587  1.00 20.64  ? 6   TYR A O   1 
ATOM   38   C CB  . TYR A 1 6   ? 0.131   3.287   10.445  1.00 20.64  ? 6   TYR A CB  1 
ATOM   39   C CG  . TYR A 1 6   ? 1.322   2.833   9.637   1.00 20.64  ? 6   TYR A CG  1 
ATOM   40   C CD1 . TYR A 1 6   ? 1.662   1.485   9.563   1.00 20.64  ? 6   TYR A CD1 1 
ATOM   41   C CD2 . TYR A 1 6   ? 2.072   3.742   8.894   1.00 20.64  ? 6   TYR A CD2 1 
ATOM   42   C CE1 . TYR A 1 6   ? 2.711   1.048   8.765   1.00 20.64  ? 6   TYR A CE1 1 
ATOM   43   C CE2 . TYR A 1 6   ? 3.125   3.314   8.091   1.00 20.64  ? 6   TYR A CE2 1 
ATOM   44   C CZ  . TYR A 1 6   ? 3.437   1.965   8.030   1.00 20.64  ? 6   TYR A CZ  1 
ATOM   45   O OH  . TYR A 1 6   ? 4.448   1.516   7.214   1.00 20.64  ? 6   TYR A OH  1 
ATOM   46   N N   . TRP A 1 7   ? 1.895   5.429   11.882  1.00 70.13  ? 7   TRP A N   1 
ATOM   47   C CA  . TRP A 1 7   ? 2.235   6.834   12.045  1.00 70.13  ? 7   TRP A CA  1 
ATOM   48   C C   . TRP A 1 7   ? 1.807   7.574   10.791  1.00 70.13  ? 7   TRP A C   1 
ATOM   49   O O   . TRP A 1 7   ? 1.591   6.951   9.751   1.00 41.95  ? 7   TRP A O   1 
ATOM   50   C CB  . TRP A 1 7   ? 3.740   7.034   12.241  1.00 41.95  ? 7   TRP A CB  1 
ATOM   51   C CG  . TRP A 1 7   ? 4.552   5.794   12.444  1.00 41.95  ? 7   TRP A CG  1 
ATOM   52   C CD1 . TRP A 1 7   ? 4.730   4.766   11.558  1.00 41.95  ? 7   TRP A CD1 1 
ATOM   53   C CD2 . TRP A 1 7   ? 5.364   5.489   13.580  1.00 41.95  ? 7   TRP A CD2 1 
ATOM   54   N NE1 . TRP A 1 7   ? 5.607   3.843   12.079  1.00 41.95  ? 7   TRP A NE1 1 
ATOM   55   C CE2 . TRP A 1 7   ? 6.010   4.261   13.315  1.00 41.95  ? 7   TRP A CE2 1 
ATOM   56   C CE3 . TRP A 1 7   ? 5.609   6.137   14.799  1.00 41.95  ? 7   TRP A CE3 1 
ATOM   57   C CZ2 . TRP A 1 7   ? 6.888   3.668   14.230  1.00 41.95  ? 7   TRP A CZ2 1 
ATOM   58   C CZ3 . TRP A 1 7   ? 6.482   5.546   15.705  1.00 41.95  ? 7   TRP A CZ3 1 
ATOM   59   C CH2 . TRP A 1 7   ? 7.111   4.324   15.415  1.00 41.95  ? 7   TRP A CH2 1 
ATOM   60   N N   . LYS A 1 8   ? 1.686   8.896   10.888  1.00 41.23  ? 8   LYS A N   1 
ATOM   61   C CA  . LYS A 1 8   ? 1.293   9.704   9.741   1.00 41.23  ? 8   LYS A CA  1 
ATOM   62   C C   . LYS A 1 8   ? 2.275   9.431   8.606   1.00 41.23  ? 8   LYS A C   1 
ATOM   63   O O   . LYS A 1 8   ? 3.181   10.221  8.347   1.00 38.29  ? 8   LYS A O   1 
ATOM   64   C CB  . LYS A 1 8   ? 1.306   11.191  10.108  1.00 38.29  ? 8   LYS A CB  1 
ATOM   65   C CG  . LYS A 1 8   ? 0.336   11.553  11.222  1.00 38.29  ? 8   LYS A CG  1 
ATOM   66   C CD  . LYS A 1 8   ? 0.108   13.058  11.321  1.00 38.29  ? 8   LYS A CD  1 
ATOM   67   C CE  . LYS A 1 8   ? 0.408   13.575  12.725  1.00 38.29  ? 8   LYS A CE  1 
ATOM   68   N NZ  . LYS A 1 8   ? 0.014   15.000  12.910  1.00 38.29  ? 8   LYS A NZ  1 
ATOM   69   N N   . LEU A 1 9   ? 2.082   8.295   7.942   1.00 2.00   ? 9   LEU A N   1 
ATOM   70   C CA  . LEU A 1 9   ? 2.938   7.875   6.842   1.00 2.00   ? 9   LEU A CA  1 
ATOM   71   C C   . LEU A 1 9   ? 2.194   6.925   5.924   1.00 2.00   ? 9   LEU A C   1 
ATOM   72   O O   . LEU A 1 9   ? 1.553   5.980   6.381   1.00 46.32  ? 9   LEU A O   1 
ATOM   73   C CB  . LEU A 1 9   ? 4.178   7.155   7.374   1.00 46.32  ? 9   LEU A CB  1 
ATOM   74   C CG  . LEU A 1 9   ? 5.055   7.859   8.406   1.00 46.32  ? 9   LEU A CG  1 
ATOM   75   C CD1 . LEU A 1 9   ? 6.142   6.901   8.884   1.00 46.32  ? 9   LEU A CD1 1 
ATOM   76   C CD2 . LEU A 1 9   ? 5.675   9.101   7.796   1.00 46.32  ? 9   LEU A CD2 1 
ATOM   77   N N   . ARG A 1 10  ? 2.287   7.175   4.626   1.00 53.90  ? 10  ARG A N   1 
ATOM   78   C CA  . ARG A 1 10  ? 1.634   6.316   3.650   1.00 53.90  ? 10  ARG A CA  1 
ATOM   79   C C   . ARG A 1 10  ? 2.188   4.901   3.801   1.00 53.90  ? 10  ARG A C   1 
ATOM   80   O O   . ARG A 1 10  ? 1.557   3.936   3.372   1.00 90.91  ? 10  ARG A O   1 
ATOM   81   C CB  . ARG A 1 10  ? 1.891   6.841   2.233   1.00 90.91  ? 10  ARG A CB  1 
ATOM   82   C CG  . ARG A 1 10  ? 1.454   8.289   2.008   1.00 90.91  ? 10  ARG A CG  1 
ATOM   83   C CD  . ARG A 1 10  ? 0.367   8.375   0.943   1.00 90.91  ? 10  ARG A CD  1 
ATOM   84   N NE  . ARG A 1 10  ? 0.373   9.647   0.224   1.00 90.91  ? 10  ARG A NE  1 
ATOM   85   C CZ  . ARG A 1 10  ? 0.980   9.843   -0.944  1.00 90.91  ? 10  ARG A CZ  1 
ATOM   86   N NH1 . ARG A 1 10  ? 1.639   8.851   -1.530  1.00 90.91  ? 10  ARG A NH1 1 
ATOM   87   N NH2 . ARG A 1 10  ? 0.918   11.030  -1.535  1.00 90.91  ? 10  ARG A NH2 1 
ATOM   88   N N   . GLY A 1 11  ? 3.363   4.798   4.424   1.00 21.76  ? 11  GLY A N   1 
ATOM   89   C CA  . GLY A 1 11  ? 4.018   3.515   4.643   1.00 21.76  ? 11  GLY A CA  1 
ATOM   90   C C   . GLY A 1 11  ? 3.366   2.351   3.923   1.00 21.76  ? 11  GLY A C   1 
ATOM   91   O O   . GLY A 1 11  ? 3.348   2.305   2.689   1.00 28.06  ? 11  GLY A O   1 
ATOM   92   N N   . LEU A 1 12  ? 2.837   1.405   4.695   1.00 54.16  ? 12  LEU A N   1 
ATOM   93   C CA  . LEU A 1 12  ? 2.165   0.239   4.134   1.00 54.16  ? 12  LEU A CA  1 
ATOM   94   C C   . LEU A 1 12  ? 0.729   0.236   4.645   1.00 54.16  ? 12  LEU A C   1 
ATOM   95   O O   . LEU A 1 12  ? 0.061   -0.799  4.651   1.00 14.65  ? 12  LEU A O   1 
ATOM   96   C CB  . LEU A 1 12  ? 2.859   -1.054  4.566   1.00 14.65  ? 12  LEU A CB  1 
ATOM   97   C CG  . LEU A 1 12  ? 4.315   -1.270  4.150   1.00 14.65  ? 12  LEU A CG  1 
ATOM   98   C CD1 . LEU A 1 12  ? 4.647   -2.748  4.259   1.00 14.65  ? 12  LEU A CD1 1 
ATOM   99   C CD2 . LEU A 1 12  ? 4.541   -0.775  2.729   1.00 14.65  ? 12  LEU A CD2 1 
ATOM   100  N N   . ALA A 1 13  ? 0.272   1.406   5.075   1.00 13.94  ? 13  ALA A N   1 
ATOM   101  C CA  . ALA A 1 13  ? -1.073  1.576   5.596   1.00 13.94  ? 13  ALA A CA  1 
ATOM   102  C C   . ALA A 1 13  ? -1.952  2.295   4.596   1.00 13.94  ? 13  ALA A C   1 
ATOM   103  O O   . ALA A 1 13  ? -3.112  2.596   4.874   1.00 33.81  ? 13  ALA A O   1 
ATOM   104  C CB  . ALA A 1 13  ? -1.038  2.354   6.907   1.00 33.81  ? 13  ALA A CB  1 
ATOM   105  N N   . GLN A 1 14  ? -1.407  2.571   3.416   1.00 41.92  ? 14  GLN A N   1 
ATOM   106  C CA  . GLN A 1 14  ? -2.181  3.258   2.390   1.00 41.92  ? 14  GLN A CA  1 
ATOM   107  C C   . GLN A 1 14  ? -3.143  2.308   1.683   1.00 41.92  ? 14  GLN A C   1 
ATOM   108  O O   . GLN A 1 14  ? -4.358  2.525   1.702   1.00 80.95  ? 14  GLN A O   1 
ATOM   109  C CB  . GLN A 1 14  ? -1.259  3.925   1.372   1.00 80.95  ? 14  GLN A CB  1 
ATOM   110  C CG  . GLN A 1 14  ? -1.126  5.437   1.544   1.00 80.95  ? 14  GLN A CG  1 
ATOM   111  C CD  . GLN A 1 14  ? -2.389  6.086   2.081   1.00 80.95  ? 14  GLN A CD  1 
ATOM   112  O OE1 . GLN A 1 14  ? -2.730  5.934   3.257   1.00 80.95  ? 14  GLN A OE1 1 
ATOM   113  N NE2 . GLN A 1 14  ? -3.082  6.824   1.223   1.00 80.95  ? 14  GLN A NE2 1 
ATOM   114  N N   . PRO A 1 15  ? -2.630  1.251   1.044   1.00 69.71  ? 15  PRO A N   1 
ATOM   115  C CA  . PRO A 1 15  ? -3.558  0.343   0.359   1.00 69.71  ? 15  PRO A CA  1 
ATOM   116  C C   . PRO A 1 15  ? -4.629  -0.188  1.309   1.00 69.71  ? 15  PRO A C   1 
ATOM   117  O O   . PRO A 1 15  ? -5.796  -0.297  0.950   1.00 8.78   ? 15  PRO A O   1 
ATOM   118  C CB  . PRO A 1 15  ? -2.661  -0.760  -0.189  1.00 8.78   ? 15  PRO A CB  1 
ATOM   119  C CG  . PRO A 1 15  ? -1.286  -0.114  -0.277  1.00 8.78   ? 15  PRO A CG  1 
ATOM   120  C CD  . PRO A 1 15  ? -1.225  0.827   0.898   1.00 8.78   ? 15  PRO A CD  1 
ATOM   121  N N   . VAL A 1 16  ? -4.216  -0.511  2.533   1.00 35.35  ? 16  VAL A N   1 
ATOM   122  C CA  . VAL A 1 16  ? -5.137  -1.029  3.533   1.00 35.35  ? 16  VAL A CA  1 
ATOM   123  C C   . VAL A 1 16  ? -6.143  0.018   3.989   1.00 35.35  ? 16  VAL A C   1 
ATOM   124  O O   . VAL A 1 16  ? -7.269  -0.312  4.362   1.00 37.63  ? 16  VAL A O   1 
ATOM   125  C CB  . VAL A 1 16  ? -4.362  -1.569  4.758   1.00 37.63  ? 16  VAL A CB  1 
ATOM   126  C CG1 . VAL A 1 16  ? -3.967  -0.448  5.679   1.00 37.63  ? 16  VAL A CG1 1 
ATOM   127  C CG2 . VAL A 1 16  ? -5.195  -2.603  5.483   1.00 37.63  ? 16  VAL A CG2 1 
ATOM   128  N N   . ARG A 1 17  ? -5.739  1.287   3.975   1.00 18.07  ? 17  ARG A N   1 
ATOM   129  C CA  . ARG A 1 17  ? -6.638  2.376   4.390   1.00 18.07  ? 17  ARG A CA  1 
ATOM   130  C C   . ARG A 1 17  ? -7.570  2.725   3.240   1.00 18.07  ? 17  ARG A C   1 
ATOM   131  O O   . ARG A 1 17  ? -8.720  3.122   3.440   1.00 39.51  ? 17  ARG A O   1 
ATOM   132  C CB  . ARG A 1 17  ? -5.833  3.615   4.763   1.00 39.51  ? 17  ARG A CB  1 
ATOM   133  C CG  . ARG A 1 17  ? -6.603  4.622   5.612   1.00 39.51  ? 17  ARG A CG  1 
ATOM   134  C CD  . ARG A 1 17  ? -5.647  5.402   6.513   1.00 39.51  ? 17  ARG A CD  1 
ATOM   135  N NE  . ARG A 1 17  ? -4.240  5.162   6.192   1.00 39.51  ? 17  ARG A NE  1 
ATOM   136  C CZ  . ARG A 1 17  ? -3.214  5.628   6.898   1.00 39.51  ? 17  ARG A CZ  1 
ATOM   137  N NH1 . ARG A 1 17  ? -3.424  6.369   7.976   1.00 39.51  ? 17  ARG A NH1 1 
ATOM   138  N NH2 . ARG A 1 17  ? -1.975  5.355   6.523   1.00 39.51  ? 17  ARG A NH2 1 
ATOM   139  N N   . LEU A 1 18  ? -7.034  2.595   2.032   1.00 74.03  ? 18  LEU A N   1 
ATOM   140  C CA  . LEU A 1 18  ? -7.756  2.872   0.805   1.00 74.03  ? 18  LEU A CA  1 
ATOM   141  C C   . LEU A 1 18  ? -8.801  1.781   0.629   1.00 74.03  ? 18  LEU A C   1 
ATOM   142  O O   . LEU A 1 18  ? -9.971  2.051   0.338   1.00 37.90  ? 18  LEU A O   1 
ATOM   143  C CB  . LEU A 1 18  ? -6.774  2.883   -0.372  1.00 37.90  ? 18  LEU A CB  1 
ATOM   144  C CG  . LEU A 1 18  ? -6.653  4.092   -1.283  1.00 37.90  ? 18  LEU A CG  1 
ATOM   145  C CD1 . LEU A 1 18  ? -6.134  5.288   -0.508  1.00 37.90  ? 18  LEU A CD1 1 
ATOM   146  C CD2 . LEU A 1 18  ? -5.713  3.770   -2.435  1.00 37.90  ? 18  LEU A CD2 1 
ATOM   147  N N   . PHE A 1 19  ? -8.370  0.539   0.828   1.00 15.72  ? 19  PHE A N   1 
ATOM   148  C CA  . PHE A 1 19  ? -9.258  -0.605  0.699   1.00 15.72  ? 19  PHE A CA  1 
ATOM   149  C C   . PHE A 1 19  ? -10.457 -0.495  1.632   1.00 15.72  ? 19  PHE A C   1 
ATOM   150  O O   . PHE A 1 19  ? -11.509 -1.053  1.342   1.00 34.74  ? 19  PHE A O   1 
ATOM   151  C CB  . PHE A 1 19  ? -8.489  -1.897  0.988   1.00 34.74  ? 19  PHE A CB  1 
ATOM   152  C CG  . PHE A 1 19  ? -9.254  -3.132  0.652   1.00 34.74  ? 19  PHE A CG  1 
ATOM   153  C CD1 . PHE A 1 19  ? -9.551  -3.447  -0.669  1.00 34.74  ? 19  PHE A CD1 1 
ATOM   154  C CD2 . PHE A 1 19  ? -9.667  -4.004  1.651   1.00 34.74  ? 19  PHE A CD2 1 
ATOM   155  C CE1 . PHE A 1 19  ? -10.249 -4.611  -0.982  1.00 34.74  ? 19  PHE A CE1 1 
ATOM   156  C CE2 . PHE A 1 19  ? -10.363 -5.169  1.347   1.00 34.74  ? 19  PHE A CE2 1 
ATOM   157  C CZ  . PHE A 1 19  ? -10.652 -5.473  0.024   1.00 34.74  ? 19  PHE A CZ  1 
ATOM   158  N N   . LEU A 1 20  ? -10.312 0.228   2.736   1.00 18.32  ? 20  LEU A N   1 
ATOM   159  C CA  . LEU A 1 20  ? -11.420 0.379   3.683   1.00 18.32  ? 20  LEU A CA  1 
ATOM   160  C C   . LEU A 1 20  ? -12.383 1.469   3.257   1.00 18.32  ? 20  LEU A C   1 
ATOM   161  O O   . LEU A 1 20  ? -13.599 1.355   3.475   1.00 44.58  ? 20  LEU A O   1 
ATOM   162  C CB  . LEU A 1 20  ? -10.882 0.690   5.073   1.00 44.58  ? 20  LEU A CB  1 
ATOM   163  C CG  . LEU A 1 20  ? -9.998  -0.351  5.739   1.00 44.58  ? 20  LEU A CG  1 
ATOM   164  C CD1 . LEU A 1 20  ? -9.559  0.157   7.104   1.00 44.58  ? 20  LEU A CD1 1 
ATOM   165  C CD2 . LEU A 1 20  ? -10.769 -1.657  5.881   1.00 44.58  ? 20  LEU A CD2 1 
ATOM   166  N N   . GLU A 1 21  ? -11.856 2.537   2.662   1.00 36.80  ? 21  GLU A N   1 
ATOM   167  C CA  . GLU A 1 21  ? -12.689 3.641   2.204   1.00 36.80  ? 21  GLU A CA  1 
ATOM   168  C C   . GLU A 1 21  ? -13.460 3.233   0.957   1.00 36.80  ? 21  GLU A C   1 
ATOM   169  O O   . GLU A 1 21  ? -14.576 3.686   0.736   1.00 33.00  ? 21  GLU A O   1 
ATOM   170  C CB  . GLU A 1 21  ? -11.832 4.866   1.903   1.00 33.00  ? 21  GLU A CB  1 
ATOM   171  C CG  . GLU A 1 21  ? -11.578 5.724   3.140   1.00 33.00  ? 21  GLU A CG  1 
ATOM   172  C CD  . GLU A 1 21  ? -12.741 6.661   3.424   1.00 33.00  ? 21  GLU A CD  1 
ATOM   173  O OE1 . GLU A 1 21  ? -13.884 6.171   3.564   1.00 33.00  ? 21  GLU A OE1 1 
ATOM   174  O OE2 . GLU A 1 21  ? -12.519 7.886   3.489   1.00 33.00  ? 21  GLU A OE2 1 
ATOM   175  N N   . TYR A 1 22  ? -12.842 2.382   0.146   1.00 8.55   ? 22  TYR A N   1 
ATOM   176  C CA  . TYR A 1 22  ? -13.464 1.881   -1.071  1.00 8.55   ? 22  TYR A CA  1 
ATOM   177  C C   . TYR A 1 22  ? -14.667 1.067   -0.609  1.00 8.55   ? 22  TYR A C   1 
ATOM   178  O O   . TYR A 1 22  ? -15.768 1.204   -1.144  1.00 12.59  ? 22  TYR A O   1 
ATOM   179  C CB  . TYR A 1 22  ? -12.460 1.004   -1.830  1.00 12.59  ? 22  TYR A CB  1 
ATOM   180  C CG  . TYR A 1 22  ? -12.985 0.186   -2.984  1.00 12.59  ? 22  TYR A CG  1 
ATOM   181  C CD1 . TYR A 1 22  ? -14.304 0.286   -3.413  1.00 12.59  ? 22  TYR A CD1 1 
ATOM   182  C CD2 . TYR A 1 22  ? -12.145 -0.710  -3.643  1.00 12.59  ? 22  TYR A CD2 1 
ATOM   183  C CE1 . TYR A 1 22  ? -14.778 -0.496  -4.476  1.00 12.59  ? 22  TYR A CE1 1 
ATOM   184  C CE2 . TYR A 1 22  ? -12.605 -1.481  -4.689  1.00 12.59  ? 22  TYR A CE2 1 
ATOM   185  C CZ  . TYR A 1 22  ? -13.918 -1.374  -5.103  1.00 12.59  ? 22  TYR A CZ  1 
ATOM   186  O OH  . TYR A 1 22  ? -14.363 -2.156  -6.151  1.00 12.59  ? 22  TYR A OH  1 
ATOM   187  N N   . LEU A 1 23  ? -14.443 0.209   0.377   1.00 5.68   ? 23  LEU A N   1 
ATOM   188  C CA  . LEU A 1 23  ? -15.497 -0.624  0.931   1.00 5.68   ? 23  LEU A CA  1 
ATOM   189  C C   . LEU A 1 23  ? -16.044 0.039   2.183   1.00 5.68   ? 23  LEU A C   1 
ATOM   190  O O   . LEU A 1 23  ? -16.328 -0.616  3.187   1.00 10.62  ? 23  LEU A O   1 
ATOM   191  C CB  . LEU A 1 23  ? -14.970 -2.028  1.246   1.00 10.62  ? 23  LEU A CB  1 
ATOM   192  C CG  . LEU A 1 23  ? -14.483 -2.824  0.023   1.00 10.62  ? 23  LEU A CG  1 
ATOM   193  C CD1 . LEU A 1 23  ? -14.393 -4.305  0.347   1.00 10.62  ? 23  LEU A CD1 1 
ATOM   194  C CD2 . LEU A 1 23  ? -15.434 -2.609  -1.143  1.00 10.62  ? 23  LEU A CD2 1 
ATOM   195  N N   . GLY A 1 24  ? -16.185 1.358   2.081   1.00 2.00   ? 24  GLY A N   1 
ATOM   196  C CA  . GLY A 1 24  ? -16.698 2.213   3.138   1.00 2.00   ? 24  GLY A CA  1 
ATOM   197  C C   . GLY A 1 24  ? -16.895 1.744   4.567   1.00 2.00   ? 24  GLY A C   1 
ATOM   198  O O   . GLY A 1 24  ? -17.910 2.074   5.176   1.00 24.03  ? 24  GLY A O   1 
ATOM   199  N N   . GLU A 1 25  ? -15.941 1.006   5.125   1.00 14.62  ? 25  GLU A N   1 
ATOM   200  C CA  . GLU A 1 25  ? -16.075 0.550   6.506   1.00 14.62  ? 25  GLU A CA  1 
ATOM   201  C C   . GLU A 1 25  ? -15.780 1.739   7.415   1.00 14.62  ? 25  GLU A C   1 
ATOM   202  O O   . GLU A 1 25  ? -14.749 2.389   7.268   1.00 50.77  ? 25  GLU A O   1 
ATOM   203  C CB  . GLU A 1 25  ? -15.094 -0.590  6.799   1.00 50.77  ? 25  GLU A CB  1 
ATOM   204  C CG  . GLU A 1 25  ? -15.683 -1.735  7.621   1.00 50.77  ? 25  GLU A CG  1 
ATOM   205  C CD  . GLU A 1 25  ? -15.124 -3.090  7.226   1.00 50.77  ? 25  GLU A CD  1 
ATOM   206  O OE1 . GLU A 1 25  ? -15.031 -3.362  6.010   1.00 50.77  ? 25  GLU A OE1 1 
ATOM   207  O OE2 . GLU A 1 25  ? -14.776 -3.881  8.129   1.00 50.77  ? 25  GLU A OE2 1 
ATOM   208  N N   . GLU A 1 26  ? -16.693 2.034   8.338   1.00 75.57  ? 26  GLU A N   1 
ATOM   209  C CA  . GLU A 1 26  ? -16.519 3.155   9.264   1.00 75.57  ? 26  GLU A CA  1 
ATOM   210  C C   . GLU A 1 26  ? -15.429 2.831   10.278  1.00 75.57  ? 26  GLU A C   1 
ATOM   211  O O   . GLU A 1 26  ? -15.720 2.437   11.405  1.00 55.93  ? 26  GLU A O   1 
ATOM   212  C CB  . GLU A 1 26  ? -17.839 3.450   9.993   1.00 55.93  ? 26  GLU A CB  1 
ATOM   213  C CG  . GLU A 1 26  ? -17.820 4.701   10.872  1.00 55.93  ? 26  GLU A CG  1 
ATOM   214  C CD  . GLU A 1 26  ? -18.916 4.697   11.933  1.00 55.93  ? 26  GLU A CD  1 
ATOM   215  O OE1 . GLU A 1 26  ? -19.711 3.736   11.966  1.00 55.93  ? 26  GLU A OE1 1 
ATOM   216  O OE2 . GLU A 1 26  ? -18.986 5.654   12.735  1.00 55.93  ? 26  GLU A OE2 1 
ATOM   217  N N   . TYR A 1 27  ? -14.175 3.005   9.878   1.00 31.06  ? 27  TYR A N   1 
ATOM   218  C CA  . TYR A 1 27  ? -13.053 2.705   10.756  1.00 31.06  ? 27  TYR A CA  1 
ATOM   219  C C   . TYR A 1 27  ? -12.507 3.914   11.507  1.00 31.06  ? 27  TYR A C   1 
ATOM   220  O O   . TYR A 1 27  ? -12.785 5.064   11.162  1.00 54.48  ? 27  TYR A O   1 
ATOM   221  C CB  . TYR A 1 27  ? -11.921 2.051   9.954   1.00 54.48  ? 27  TYR A CB  1 
ATOM   222  C CG  . TYR A 1 27  ? -11.365 2.909   8.836   1.00 54.48  ? 27  TYR A CG  1 
ATOM   223  C CD1 . TYR A 1 27  ? -10.396 3.880   9.087   1.00 54.48  ? 27  TYR A CD1 1 
ATOM   224  C CD2 . TYR A 1 27  ? -11.796 2.740   7.519   1.00 54.48  ? 27  TYR A CD2 1 
ATOM   225  C CE1 . TYR A 1 27  ? -9.867  4.661   8.051   1.00 54.48  ? 27  TYR A CE1 1 
ATOM   226  C CE2 . TYR A 1 27  ? -11.276 3.514   6.478   1.00 54.48  ? 27  TYR A CE2 1 
ATOM   227  C CZ  . TYR A 1 27  ? -10.312 4.472   6.749   1.00 54.48  ? 27  TYR A CZ  1 
ATOM   228  O OH  . TYR A 1 27  ? -9.785  5.230   5.723   1.00 54.48  ? 27  TYR A OH  1 
ATOM   229  N N   . GLU A 1 28  ? -11.733 3.628   12.548  1.00 63.59  ? 28  GLU A N   1 
ATOM   230  C CA  . GLU A 1 28  ? -11.093 4.644   13.372  1.00 63.59  ? 28  GLU A CA  1 
ATOM   231  C C   . GLU A 1 28  ? -9.621  4.580   12.964  1.00 63.59  ? 28  GLU A C   1 
ATOM   232  O O   . GLU A 1 28  ? -9.205  3.611   12.328  1.00 88.07  ? 28  GLU A O   1 
ATOM   233  C CB  . GLU A 1 28  ? -11.258 4.282   14.854  1.00 88.07  ? 28  GLU A CB  1 
ATOM   234  C CG  . GLU A 1 28  ? -11.110 5.432   15.848  1.00 88.07  ? 28  GLU A CG  1 
ATOM   235  C CD  . GLU A 1 28  ? -10.730 6.748   15.202  1.00 88.07  ? 28  GLU A CD  1 
ATOM   236  O OE1 . GLU A 1 28  ? -11.640 7.468   14.742  1.00 88.07  ? 28  GLU A OE1 1 
ATOM   237  O OE2 . GLU A 1 28  ? -9.522  7.067   15.159  1.00 88.07  ? 28  GLU A OE2 1 
ATOM   238  N N   . GLU A 1 29  ? -8.832  5.593   13.305  1.00 28.76  ? 29  GLU A N   1 
ATOM   239  C CA  . GLU A 1 29  ? -7.416  5.571   12.946  1.00 28.76  ? 29  GLU A CA  1 
ATOM   240  C C   . GLU A 1 29  ? -6.511  5.914   14.128  1.00 28.76  ? 29  GLU A C   1 
ATOM   241  O O   . GLU A 1 29  ? -6.722  6.908   14.817  1.00 30.96  ? 29  GLU A O   1 
ATOM   242  C CB  . GLU A 1 29  ? -7.144  6.531   11.777  1.00 30.96  ? 29  GLU A CB  1 
ATOM   243  C CG  . GLU A 1 29  ? -6.593  5.840   10.522  1.00 30.96  ? 29  GLU A CG  1 
ATOM   244  C CD  . GLU A 1 29  ? -6.661  6.713   9.272   1.00 30.96  ? 29  GLU A CD  1 
ATOM   245  O OE1 . GLU A 1 29  ? -7.754  6.822   8.677   1.00 30.96  ? 29  GLU A OE1 1 
ATOM   246  O OE2 . GLU A 1 29  ? -5.620  7.286   8.881   1.00 30.96  ? 29  GLU A OE2 1 
ATOM   247  N N   . HIS A 1 30  ? -5.513  5.065   14.366  1.00 24.94  ? 30  HIS A N   1 
ATOM   248  C CA  . HIS A 1 30  ? -4.555  5.268   15.452  1.00 24.94  ? 30  HIS A CA  1 
ATOM   249  C C   . HIS A 1 30  ? -3.239  5.735   14.842  1.00 24.94  ? 30  HIS A C   1 
ATOM   250  O O   . HIS A 1 30  ? -2.396  4.920   14.462  1.00 54.63  ? 30  HIS A O   1 
ATOM   251  C CB  . HIS A 1 30  ? -4.326  3.963   16.219  1.00 54.63  ? 30  HIS A CB  1 
ATOM   252  C CG  . HIS A 1 30  ? -4.985  3.921   17.565  1.00 54.63  ? 30  HIS A CG  1 
ATOM   253  N ND1 . HIS A 1 30  ? -5.410  5.055   18.225  1.00 54.63  ? 30  HIS A ND1 1 
ATOM   254  C CD2 . HIS A 1 30  ? -5.301  2.876   18.367  1.00 54.63  ? 30  HIS A CD2 1 
ATOM   255  C CE1 . HIS A 1 30  ? -5.960  4.708   19.379  1.00 54.63  ? 30  HIS A CE1 1 
ATOM   256  N NE2 . HIS A 1 30  ? -5.905  3.394   19.486  1.00 54.63  ? 30  HIS A NE2 1 
ATOM   257  N N   . LEU A 1 31  ? -3.072  7.051   14.752  1.00 73.17  ? 31  LEU A N   1 
ATOM   258  C CA  . LEU A 1 31  ? -1.870  7.635   14.171  1.00 73.17  ? 31  LEU A CA  1 
ATOM   259  C C   . LEU A 1 31  ? -0.680  7.649   15.120  1.00 73.17  ? 31  LEU A C   1 
ATOM   260  O O   . LEU A 1 31  ? -0.841  7.650   16.341  1.00 65.82  ? 31  LEU A O   1 
ATOM   261  C CB  . LEU A 1 31  ? -2.159  9.062   13.703  1.00 65.82  ? 31  LEU A CB  1 
ATOM   262  C CG  . LEU A 1 31  ? -2.813  9.208   12.328  1.00 65.82  ? 31  LEU A CG  1 
ATOM   263  C CD1 . LEU A 1 31  ? -2.870  10.679  11.967  1.00 65.82  ? 31  LEU A CD1 1 
ATOM   264  C CD2 . LEU A 1 31  ? -2.029  8.428   11.279  1.00 65.82  ? 31  LEU A CD2 1 
ATOM   265  N N   . TYR A 1 32  ? 0.517   7.660   14.544  1.00 37.97  ? 32  TYR A N   1 
ATOM   266  C CA  . TYR A 1 32  ? 1.746   7.687   15.323  1.00 37.97  ? 32  TYR A CA  1 
ATOM   267  C C   . TYR A 1 32  ? 2.665   8.753   14.743  1.00 37.97  ? 32  TYR A C   1 
ATOM   268  O O   . TYR A 1 32  ? 2.377   9.322   13.689  1.00 70.77  ? 32  TYR A O   1 
ATOM   269  C CB  . TYR A 1 32  ? 2.436   6.323   15.274  1.00 70.77  ? 32  TYR A CB  1 
ATOM   270  C CG  . TYR A 1 32  ? 1.833   5.296   16.201  1.00 70.77  ? 32  TYR A CG  1 
ATOM   271  C CD1 . TYR A 1 32  ? 1.618   5.586   17.548  1.00 70.77  ? 32  TYR A CD1 1 
ATOM   272  C CD2 . TYR A 1 32  ? 1.472   4.033   15.732  1.00 70.77  ? 32  TYR A CD2 1 
ATOM   273  C CE1 . TYR A 1 32  ? 1.058   4.647   18.406  1.00 70.77  ? 32  TYR A CE1 1 
ATOM   274  C CE2 . TYR A 1 32  ? 0.913   3.086   16.580  1.00 70.77  ? 32  TYR A CE2 1 
ATOM   275  C CZ  . TYR A 1 32  ? 0.707   3.400   17.916  1.00 70.77  ? 32  TYR A CZ  1 
ATOM   276  O OH  . TYR A 1 32  ? 0.144   2.468   18.759  1.00 70.77  ? 32  TYR A OH  1 
ATOM   277  N N   . GLY A 1 33  ? 3.766   9.028   15.431  1.00 40.64  ? 33  GLY A N   1 
ATOM   278  C CA  . GLY A 1 33  ? 4.693   10.035  14.949  1.00 40.64  ? 33  GLY A CA  1 
ATOM   279  C C   . GLY A 1 33  ? 6.122   9.825   15.413  1.00 40.64  ? 33  GLY A C   1 
ATOM   280  O O   . GLY A 1 33  ? 6.456   8.791   15.991  1.00 17.47  ? 33  GLY A O   1 
ATOM   281  N N   . ARG A 1 34  ? 6.965   10.816  15.150  1.00 73.84  ? 34  ARG A N   1 
ATOM   282  C CA  . ARG A 1 34  ? 8.371   10.765  15.536  1.00 73.84  ? 34  ARG A CA  1 
ATOM   283  C C   . ARG A 1 34  ? 8.510   11.021  17.029  1.00 73.84  ? 34  ARG A C   1 
ATOM   284  O O   . ARG A 1 34  ? 9.334   10.404  17.706  1.00 97.07  ? 34  ARG A O   1 
ATOM   285  C CB  . ARG A 1 34  ? 9.168   11.819  14.765  1.00 97.07  ? 34  ARG A CB  1 
ATOM   286  C CG  . ARG A 1 34  ? 9.612   11.369  13.388  1.00 97.07  ? 34  ARG A CG  1 
ATOM   287  C CD  . ARG A 1 34  ? 10.505  12.406  12.735  1.00 97.07  ? 34  ARG A CD  1 
ATOM   288  N NE  . ARG A 1 34  ? 11.765  11.828  12.280  1.00 97.07  ? 34  ARG A NE  1 
ATOM   289  C CZ  . ARG A 1 34  ? 12.614  12.442  11.461  1.00 97.07  ? 34  ARG A CZ  1 
ATOM   290  N NH1 . ARG A 1 34  ? 12.334  13.657  11.004  1.00 97.07  ? 34  ARG A NH1 1 
ATOM   291  N NH2 . ARG A 1 34  ? 13.740  11.841  11.094  1.00 97.07  ? 34  ARG A NH2 1 
ATOM   292  N N   . ASP A 1 35  ? 7.705   11.950  17.532  1.00 16.20  ? 35  ASP A N   1 
ATOM   293  C CA  . ASP A 1 35  ? 7.712   12.289  18.946  1.00 16.20  ? 35  ASP A CA  1 
ATOM   294  C C   . ASP A 1 35  ? 7.113   11.090  19.666  1.00 16.20  ? 35  ASP A C   1 
ATOM   295  O O   . ASP A 1 35  ? 7.022   11.061  20.894  1.00 100.00 ? 35  ASP A O   1 
ATOM   296  C CB  . ASP A 1 35  ? 6.862   13.553  19.169  1.00 100.00 ? 35  ASP A CB  1 
ATOM   297  C CG  . ASP A 1 35  ? 6.103   13.557  20.502  1.00 100.00 ? 35  ASP A CG  1 
ATOM   298  O OD1 . ASP A 1 35  ? 5.342   12.605  20.788  1.00 100.00 ? 35  ASP A OD1 1 
ATOM   299  O OD2 . ASP A 1 35  ? 6.258   14.537  21.264  1.00 100.00 ? 35  ASP A OD2 1 
ATOM   300  N N   . ASP A 1 36  ? 6.739   10.077  18.892  1.00 38.25  ? 36  ASP A N   1 
ATOM   301  C CA  . ASP A 1 36  ? 6.105   8.906   19.471  1.00 38.25  ? 36  ASP A CA  1 
ATOM   302  C C   . ASP A 1 36  ? 6.576   7.507   19.066  1.00 38.25  ? 36  ASP A C   1 
ATOM   303  O O   . ASP A 1 36  ? 5.745   6.619   18.897  1.00 42.42  ? 36  ASP A O   1 
ATOM   304  C CB  . ASP A 1 36  ? 4.592   9.006   19.246  1.00 42.42  ? 36  ASP A CB  1 
ATOM   305  C CG  . ASP A 1 36  ? 4.139   10.421  18.936  1.00 42.42  ? 36  ASP A CG  1 
ATOM   306  O OD1 . ASP A 1 36  ? 4.536   10.962  17.883  1.00 42.42  ? 36  ASP A OD1 1 
ATOM   307  O OD2 . ASP A 1 36  ? 3.381   10.994  19.748  1.00 42.42  ? 36  ASP A OD2 1 
ATOM   308  N N   . ARG A 1 37  ? 7.877   7.287   18.897  1.00 15.75  ? 37  ARG A N   1 
ATOM   309  C CA  . ARG A 1 37  ? 8.324   5.933   18.573  1.00 15.75  ? 37  ARG A CA  1 
ATOM   310  C C   . ARG A 1 37  ? 8.275   5.230   19.916  1.00 15.75  ? 37  ARG A C   1 
ATOM   311  O O   . ARG A 1 37  ? 7.934   4.053   20.016  1.00 83.23  ? 37  ARG A O   1 
ATOM   312  C CB  . ARG A 1 37  ? 9.764   5.892   18.058  1.00 83.23  ? 37  ARG A CB  1 
ATOM   313  C CG  . ARG A 1 37  ? 10.479  4.580   18.421  1.00 83.23  ? 37  ARG A CG  1 
ATOM   314  C CD  . ARG A 1 37  ? 11.309  4.018   17.278  1.00 83.23  ? 37  ARG A CD  1 
ATOM   315  N NE  . ARG A 1 37  ? 10.699  2.844   16.659  1.00 83.23  ? 37  ARG A NE  1 
ATOM   316  C CZ  . ARG A 1 37  ? 11.340  1.699   16.436  1.00 83.23  ? 37  ARG A CZ  1 
ATOM   317  N NH1 . ARG A 1 37  ? 12.614  1.573   16.785  1.00 83.23  ? 37  ARG A NH1 1 
ATOM   318  N NH2 . ARG A 1 37  ? 10.713  0.686   15.849  1.00 83.23  ? 37  ARG A NH2 1 
ATOM   319  N N   . GLU A 1 38  ? 8.634   5.986   20.950  1.00 60.54  ? 38  GLU A N   1 
ATOM   320  C CA  . GLU A 1 38  ? 8.627   5.501   22.321  1.00 60.54  ? 38  GLU A CA  1 
ATOM   321  C C   . GLU A 1 38  ? 7.176   5.489   22.777  1.00 60.54  ? 38  GLU A C   1 
ATOM   322  O O   . GLU A 1 38  ? 6.728   4.544   23.426  1.00 57.32  ? 38  GLU A O   1 
ATOM   323  C CB  . GLU A 1 38  ? 9.439   6.436   23.214  1.00 57.32  ? 38  GLU A CB  1 
ATOM   324  C CG  . GLU A 1 38  ? 9.193   7.909   22.923  1.00 57.32  ? 38  GLU A CG  1 
ATOM   325  C CD  . GLU A 1 38  ? 8.798   8.693   24.156  1.00 57.32  ? 38  GLU A CD  1 
ATOM   326  O OE1 . GLU A 1 38  ? 9.697   9.036   24.955  1.00 57.32  ? 38  GLU A OE1 1 
ATOM   327  O OE2 . GLU A 1 38  ? 7.592   8.972   24.327  1.00 57.32  ? 38  GLU A OE2 1 
ATOM   328  N N   . LYS A 1 39  ? 6.444   6.545   22.430  1.00 39.65  ? 39  LYS A N   1 
ATOM   329  C CA  . LYS A 1 39  ? 5.035   6.635   22.796  1.00 39.65  ? 39  LYS A CA  1 
ATOM   330  C C   . LYS A 1 39  ? 4.360   5.390   22.246  1.00 39.65  ? 39  LYS A C   1 
ATOM   331  O O   . LYS A 1 39  ? 3.284   4.993   22.693  1.00 57.16  ? 39  LYS A O   1 
ATOM   332  C CB  . LYS A 1 39  ? 4.389   7.879   22.185  1.00 57.16  ? 39  LYS A CB  1 
ATOM   333  C CG  . LYS A 1 39  ? 3.366   8.569   23.084  1.00 57.16  ? 39  LYS A CG  1 
ATOM   334  C CD  . LYS A 1 39  ? 2.354   7.584   23.662  1.00 57.16  ? 39  LYS A CD  1 
ATOM   335  C CE  . LYS A 1 39  ? 1.131   7.439   22.764  1.00 57.16  ? 39  LYS A CE  1 
ATOM   336  N NZ  . LYS A 1 39  ? -0.009  8.285   23.219  1.00 57.16  ? 39  LYS A NZ  1 
ATOM   337  N N   . TRP A 1 40  ? 5.006   4.783   21.259  1.00 42.40  ? 40  TRP A N   1 
ATOM   338  C CA  . TRP A 1 40  ? 4.492   3.574   20.648  1.00 42.40  ? 40  TRP A CA  1 
ATOM   339  C C   . TRP A 1 40  ? 5.161   2.374   21.311  1.00 42.40  ? 40  TRP A C   1 
ATOM   340  O O   . TRP A 1 40  ? 4.483   1.469   21.797  1.00 47.82  ? 40  TRP A O   1 
ATOM   341  C CB  . TRP A 1 40  ? 4.783   3.578   19.147  1.00 47.82  ? 40  TRP A CB  1 
ATOM   342  C CG  . TRP A 1 40  ? 4.785   2.218   18.550  1.00 47.82  ? 40  TRP A CG  1 
ATOM   343  C CD1 . TRP A 1 40  ? 5.735   1.687   17.732  1.00 47.82  ? 40  TRP A CD1 1 
ATOM   344  C CD2 . TRP A 1 40  ? 3.798   1.199   18.740  1.00 47.82  ? 40  TRP A CD2 1 
ATOM   345  N NE1 . TRP A 1 40  ? 5.404   0.396   17.398  1.00 47.82  ? 40  TRP A NE1 1 
ATOM   346  C CE2 . TRP A 1 40  ? 4.218   0.070   18.002  1.00 47.82  ? 40  TRP A CE2 1 
ATOM   347  C CE3 . TRP A 1 40  ? 2.598   1.128   19.463  1.00 47.82  ? 40  TRP A CE3 1 
ATOM   348  C CZ2 . TRP A 1 40  ? 3.480   -1.120  17.966  1.00 47.82  ? 40  TRP A CZ2 1 
ATOM   349  C CZ3 . TRP A 1 40  ? 1.864   -0.054  19.425  1.00 47.82  ? 40  TRP A CZ3 1 
ATOM   350  C CH2 . TRP A 1 40  ? 2.309   -1.161  18.680  1.00 47.82  ? 40  TRP A CH2 1 
ATOM   351  N N   . MET A 1 41  ? 6.492   2.384   21.334  1.00 39.32  ? 41  MET A N   1 
ATOM   352  C CA  . MET A 1 41  ? 7.284   1.308   21.929  1.00 39.32  ? 41  MET A CA  1 
ATOM   353  C C   . MET A 1 41  ? 6.622   0.671   23.148  1.00 39.32  ? 41  MET A C   1 
ATOM   354  O O   . MET A 1 41  ? 6.304   -0.520  23.149  1.00 62.09  ? 41  MET A O   1 
ATOM   355  C CB  . MET A 1 41  ? 8.661   1.838   22.333  1.00 62.09  ? 41  MET A CB  1 
ATOM   356  C CG  . MET A 1 41  ? 9.673   1.897   21.202  1.00 62.09  ? 41  MET A CG  1 
ATOM   357  S SD  . MET A 1 41  ? 9.374   0.641   19.950  1.00 62.09  ? 41  MET A SD  1 
ATOM   358  C CE  . MET A 1 41  ? 9.946   -0.827  20.815  1.00 62.09  ? 41  MET A CE  1 
ATOM   359  N N   . SER A 1 42  ? 6.417   1.475   24.184  1.00 26.36  ? 42  SER A N   1 
ATOM   360  C CA  . SER A 1 42  ? 5.807   0.996   25.418  1.00 26.36  ? 42  SER A CA  1 
ATOM   361  C C   . SER A 1 42  ? 4.450   0.330   25.206  1.00 26.36  ? 42  SER A C   1 
ATOM   362  O O   . SER A 1 42  ? 4.052   -0.530  25.987  1.00 100.00 ? 42  SER A O   1 
ATOM   363  C CB  . SER A 1 42  ? 5.657   2.152   26.410  1.00 100.00 ? 42  SER A CB  1 
ATOM   364  O OG  . SER A 1 42  ? 5.008   1.725   27.597  1.00 100.00 ? 42  SER A OG  1 
ATOM   365  N N   . GLU A 1 43  ? 3.745   0.725   24.150  1.00 49.47  ? 43  GLU A N   1 
ATOM   366  C CA  . GLU A 1 43  ? 2.428   0.163   23.855  1.00 49.47  ? 43  GLU A CA  1 
ATOM   367  C C   . GLU A 1 43  ? 2.491   -1.075  22.959  1.00 49.47  ? 43  GLU A C   1 
ATOM   368  O O   . GLU A 1 43  ? 1.561   -1.884  22.943  1.00 62.65  ? 43  GLU A O   1 
ATOM   369  C CB  . GLU A 1 43  ? 1.542   1.219   23.184  1.00 62.65  ? 43  GLU A CB  1 
ATOM   370  C CG  . GLU A 1 43  ? 1.524   2.574   23.879  1.00 62.65  ? 43  GLU A CG  1 
ATOM   371  C CD  . GLU A 1 43  ? 0.534   3.540   23.245  1.00 62.65  ? 43  GLU A CD  1 
ATOM   372  O OE1 . GLU A 1 43  ? 0.076   3.268   22.114  1.00 62.65  ? 43  GLU A OE1 1 
ATOM   373  O OE2 . GLU A 1 43  ? 0.214   4.570   23.874  1.00 62.65  ? 43  GLU A OE2 1 
ATOM   374  N N   . LYS A 1 44  ? 3.590   -1.216  22.224  1.00 26.30  ? 44  LYS A N   1 
ATOM   375  C CA  . LYS A 1 44  ? 3.782   -2.336  21.305  1.00 26.30  ? 44  LYS A CA  1 
ATOM   376  C C   . LYS A 1 44  ? 3.354   -3.709  21.828  1.00 26.30  ? 44  LYS A C   1 
ATOM   377  O O   . LYS A 1 44  ? 3.033   -4.601  21.039  1.00 23.57  ? 44  LYS A O   1 
ATOM   378  C CB  . LYS A 1 44  ? 5.249   -2.390  20.854  1.00 23.57  ? 44  LYS A CB  1 
ATOM   379  C CG  . LYS A 1 44  ? 5.710   -3.759  20.367  1.00 23.57  ? 44  LYS A CG  1 
ATOM   380  C CD  . LYS A 1 44  ? 6.213   -3.713  18.939  1.00 23.57  ? 44  LYS A CD  1 
ATOM   381  C CE  . LYS A 1 44  ? 6.661   -5.088  18.485  1.00 23.57  ? 44  LYS A CE  1 
ATOM   382  N NZ  . LYS A 1 44  ? 7.487   -5.015  17.255  1.00 23.57  ? 44  LYS A NZ  1 
ATOM   383  N N   . PHE A 1 45  ? 3.337   -3.885  23.145  1.00 21.60  ? 45  PHE A N   1 
ATOM   384  C CA  . PHE A 1 45  ? 2.956   -5.174  23.718  1.00 21.60  ? 45  PHE A CA  1 
ATOM   385  C C   . PHE A 1 45  ? 1.780   -5.114  24.692  1.00 21.60  ? 45  PHE A C   1 
ATOM   386  O O   . PHE A 1 45  ? 1.787   -5.792  25.721  1.00 51.68  ? 45  PHE A O   1 
ATOM   387  C CB  . PHE A 1 45  ? 4.164   -5.810  24.418  1.00 51.68  ? 45  PHE A CB  1 
ATOM   388  C CG  . PHE A 1 45  ? 5.386   -5.911  23.549  1.00 51.68  ? 45  PHE A CG  1 
ATOM   389  C CD1 . PHE A 1 45  ? 5.516   -6.942  22.622  1.00 51.68  ? 45  PHE A CD1 1 
ATOM   390  C CD2 . PHE A 1 45  ? 6.412   -4.978  23.661  1.00 51.68  ? 45  PHE A CD2 1 
ATOM   391  C CE1 . PHE A 1 45  ? 6.654   -7.043  21.816  1.00 51.68  ? 45  PHE A CE1 1 
ATOM   392  C CE2 . PHE A 1 45  ? 7.552   -5.069  22.861  1.00 51.68  ? 45  PHE A CE2 1 
ATOM   393  C CZ  . PHE A 1 45  ? 7.673   -6.104  21.936  1.00 51.68  ? 45  PHE A CZ  1 
ATOM   394  N N   . ASN A 1 46  ? 0.767   -4.314  24.371  1.00 51.65  ? 46  ASN A N   1 
ATOM   395  C CA  . ASN A 1 46  ? -0.404  -4.201  25.239  1.00 51.65  ? 46  ASN A CA  1 
ATOM   396  C C   . ASN A 1 46  ? -1.687  -4.601  24.526  1.00 51.65  ? 46  ASN A C   1 
ATOM   397  O O   . ASN A 1 46  ? -2.470  -5.393  25.047  1.00 40.37  ? 46  ASN A O   1 
ATOM   398  C CB  . ASN A 1 46  ? -0.550  -2.775  25.773  1.00 40.37  ? 46  ASN A CB  1 
ATOM   399  C CG  . ASN A 1 46  ? -1.481  -2.694  26.973  1.00 40.37  ? 46  ASN A CG  1 
ATOM   400  O OD1 . ASN A 1 46  ? -1.998  -1.628  27.297  1.00 40.37  ? 46  ASN A OD1 1 
ATOM   401  N ND2 . ASN A 1 46  ? -1.695  -3.822  27.635  1.00 40.37  ? 46  ASN A ND2 1 
ATOM   402  N N   . MET A 1 47  ? -1.903  -4.049  23.335  1.00 64.16  ? 47  MET A N   1 
ATOM   403  C CA  . MET A 1 47  ? -3.101  -4.356  22.556  1.00 64.16  ? 47  MET A CA  1 
ATOM   404  C C   . MET A 1 47  ? -3.159  -5.850  22.263  1.00 64.16  ? 47  MET A C   1 
ATOM   405  O O   . MET A 1 47  ? -4.057  -6.320  21.571  1.00 37.19  ? 47  MET A O   1 
ATOM   406  C CB  . MET A 1 47  ? -3.106  -3.568  21.241  1.00 37.19  ? 47  MET A CB  1 
ATOM   407  C CG  . MET A 1 47  ? -3.053  -2.048  21.406  1.00 37.19  ? 47  MET A CG  1 
ATOM   408  S SD  . MET A 1 47  ? -1.879  -1.190  20.313  1.00 37.19  ? 47  MET A SD  1 
ATOM   409  C CE  . MET A 1 47  ? -1.048  -2.561  19.492  1.00 37.19  ? 47  MET A CE  1 
ATOM   410  N N   . GLY A 1 48  ? -2.178  -6.580  22.786  1.00 17.31  ? 48  GLY A N   1 
ATOM   411  C CA  . GLY A 1 48  ? -2.121  -8.020  22.612  1.00 17.31  ? 48  GLY A CA  1 
ATOM   412  C C   . GLY A 1 48  ? -2.180  -8.535  21.190  1.00 17.31  ? 48  GLY A C   1 
ATOM   413  O O   . GLY A 1 48  ? -3.225  -8.991  20.732  1.00 7.82   ? 48  GLY A O   1 
ATOM   414  N N   . LEU A 1 49  ? -1.053  -8.475  20.491  1.00 2.00   ? 49  LEU A N   1 
ATOM   415  C CA  . LEU A 1 49  ? -0.992  -8.958  19.119  1.00 2.00   ? 49  LEU A CA  1 
ATOM   416  C C   . LEU A 1 49  ? 0.013   -10.103 19.018  1.00 2.00   ? 49  LEU A C   1 
ATOM   417  O O   . LEU A 1 49  ? 1.216   -9.891  19.090  1.00 20.92  ? 49  LEU A O   1 
ATOM   418  C CB  . LEU A 1 49  ? -0.611  -7.806  18.176  1.00 20.92  ? 49  LEU A CB  1 
ATOM   419  C CG  . LEU A 1 49  ? -1.151  -6.423  18.580  1.00 20.92  ? 49  LEU A CG  1 
ATOM   420  C CD1 . LEU A 1 49  ? -0.796  -5.387  17.523  1.00 20.92  ? 49  LEU A CD1 1 
ATOM   421  C CD2 . LEU A 1 49  ? -2.658  -6.492  18.769  1.00 20.92  ? 49  LEU A CD2 1 
ATOM   422  N N   . ASP A 1 50  ? -0.501  -11.319 18.866  1.00 42.94  ? 50  ASP A N   1 
ATOM   423  C CA  . ASP A 1 50  ? 0.315   -12.530 18.764  1.00 42.94  ? 50  ASP A CA  1 
ATOM   424  C C   . ASP A 1 50  ? 1.689   -12.302 18.129  1.00 42.94  ? 50  ASP A C   1 
ATOM   425  O O   . ASP A 1 50  ? 2.671   -12.957 18.485  1.00 50.27  ? 50  ASP A O   1 
ATOM   426  C CB  . ASP A 1 50  ? -0.459  -13.588 17.980  1.00 50.27  ? 50  ASP A CB  1 
ATOM   427  C CG  . ASP A 1 50  ? -1.872  -13.782 18.506  1.00 50.27  ? 50  ASP A CG  1 
ATOM   428  O OD1 . ASP A 1 50  ? -2.475  -12.795 18.982  1.00 50.27  ? 50  ASP A OD1 1 
ATOM   429  O OD2 . ASP A 1 50  ? -2.378  -14.924 18.442  1.00 50.27  ? 50  ASP A OD2 1 
ATOM   430  N N   . LEU A 1 51  ? 1.743   -11.372 17.185  1.00 2.00   ? 51  LEU A N   1 
ATOM   431  C CA  . LEU A 1 51  ? 2.979   -11.011 16.501  1.00 2.00   ? 51  LEU A CA  1 
ATOM   432  C C   . LEU A 1 51  ? 2.894   -9.501  16.319  1.00 2.00   ? 51  LEU A C   1 
ATOM   433  O O   . LEU A 1 51  ? 2.550   -9.013  15.243  1.00 32.95  ? 51  LEU A O   1 
ATOM   434  C CB  . LEU A 1 51  ? 3.057   -11.712 15.145  1.00 32.95  ? 51  LEU A CB  1 
ATOM   435  C CG  . LEU A 1 51  ? 3.287   -13.227 15.200  1.00 32.95  ? 51  LEU A CG  1 
ATOM   436  C CD1 . LEU A 1 51  ? 2.649   -13.875 13.984  1.00 32.95  ? 51  LEU A CD1 1 
ATOM   437  C CD2 . LEU A 1 51  ? 4.776   -13.540 15.242  1.00 32.95  ? 51  LEU A CD2 1 
ATOM   438  N N   . PRO A 1 52  ? 3.225   -8.737  17.376  1.00 31.03  ? 52  PRO A N   1 
ATOM   439  C CA  . PRO A 1 52  ? 3.171   -7.273  17.338  1.00 31.03  ? 52  PRO A CA  1 
ATOM   440  C C   . PRO A 1 52  ? 3.793   -6.669  16.096  1.00 31.03  ? 52  PRO A C   1 
ATOM   441  O O   . PRO A 1 52  ? 4.679   -7.263  15.485  1.00 29.99  ? 52  PRO A O   1 
ATOM   442  C CB  . PRO A 1 52  ? 3.895   -6.854  18.614  1.00 29.99  ? 52  PRO A CB  1 
ATOM   443  C CG  . PRO A 1 52  ? 3.685   -7.989  19.536  1.00 29.99  ? 52  PRO A CG  1 
ATOM   444  C CD  . PRO A 1 52  ? 3.747   -9.220  18.666  1.00 29.99  ? 52  PRO A CD  1 
ATOM   445  N N   . ASN A 1 53  ? 3.311   -5.484  15.728  1.00 27.89  ? 53  ASN A N   1 
ATOM   446  C CA  . ASN A 1 53  ? 3.803   -4.766  14.555  1.00 27.89  ? 53  ASN A CA  1 
ATOM   447  C C   . ASN A 1 53  ? 2.875   -3.619  14.158  1.00 27.89  ? 53  ASN A C   1 
ATOM   448  O O   . ASN A 1 53  ? 1.949   -3.273  14.894  1.00 31.40  ? 53  ASN A O   1 
ATOM   449  C CB  . ASN A 1 53  ? 3.949   -5.724  13.372  1.00 31.40  ? 53  ASN A CB  1 
ATOM   450  C CG  . ASN A 1 53  ? 4.741   -5.126  12.233  1.00 31.40  ? 53  ASN A CG  1 
ATOM   451  O OD1 . ASN A 1 53  ? 5.947   -4.909  12.344  1.00 31.40  ? 53  ASN A OD1 1 
ATOM   452  N ND2 . ASN A 1 53  ? 4.062   -4.857  11.125  1.00 31.40  ? 53  ASN A ND2 1 
ATOM   453  N N   . LEU A 1 54  ? 3.145   -3.038  12.991  1.00 28.25  ? 54  LEU A N   1 
ATOM   454  C CA  . LEU A 1 54  ? 2.355   -1.938  12.442  1.00 28.25  ? 54  LEU A CA  1 
ATOM   455  C C   . LEU A 1 54  ? 2.311   -2.100  10.917  1.00 28.25  ? 54  LEU A C   1 
ATOM   456  O O   . LEU A 1 54  ? 3.304   -2.477  10.289  1.00 25.17  ? 54  LEU A O   1 
ATOM   457  C CB  . LEU A 1 54  ? 2.991   -0.592  12.811  1.00 25.17  ? 54  LEU A CB  1 
ATOM   458  C CG  . LEU A 1 54  ? 2.258   0.321   13.802  1.00 25.17  ? 54  LEU A CG  1 
ATOM   459  C CD1 . LEU A 1 54  ? 1.903   -0.445  15.056  1.00 25.17  ? 54  LEU A CD1 1 
ATOM   460  C CD2 . LEU A 1 54  ? 3.143   1.503   14.157  1.00 25.17  ? 54  LEU A CD2 1 
ATOM   461  N N   . PRO A 1 55  ? 1.157   -1.811  10.290  1.00 10.75  ? 55  PRO A N   1 
ATOM   462  C CA  . PRO A 1 55  ? -0.080  -1.348  10.924  1.00 10.75  ? 55  PRO A CA  1 
ATOM   463  C C   . PRO A 1 55  ? -0.847  -2.473  11.602  1.00 10.75  ? 55  PRO A C   1 
ATOM   464  O O   . PRO A 1 55  ? -0.928  -3.580  11.074  1.00 6.78   ? 55  PRO A O   1 
ATOM   465  C CB  . PRO A 1 55  ? -0.864  -0.754  9.761   1.00 6.78   ? 55  PRO A CB  1 
ATOM   466  C CG  . PRO A 1 55  ? -0.422  -1.556  8.580   1.00 6.78   ? 55  PRO A CG  1 
ATOM   467  C CD  . PRO A 1 55  ? 1.005   -1.973  8.837   1.00 6.78   ? 55  PRO A CD  1 
ATOM   468  N N   . TYR A 1 56  ? -1.401  -2.189  12.770  1.00 24.12  ? 56  TYR A N   1 
ATOM   469  C CA  . TYR A 1 56  ? -2.175  -3.182  13.496  1.00 24.12  ? 56  TYR A CA  1 
ATOM   470  C C   . TYR A 1 56  ? -3.664  -2.897  13.347  1.00 24.12  ? 56  TYR A C   1 
ATOM   471  O O   . TYR A 1 56  ? -4.080  -1.744  13.208  1.00 22.61  ? 56  TYR A O   1 
ATOM   472  C CB  . TYR A 1 56  ? -1.765  -3.218  14.977  1.00 22.61  ? 56  TYR A CB  1 
ATOM   473  C CG  . TYR A 1 56  ? -2.068  -1.984  15.799  1.00 22.61  ? 56  TYR A CG  1 
ATOM   474  C CD1 . TYR A 1 56  ? -3.379  -1.646  16.145  1.00 22.61  ? 56  TYR A CD1 1 
ATOM   475  C CD2 . TYR A 1 56  ? -1.037  -1.192  16.285  1.00 22.61  ? 56  TYR A CD2 1 
ATOM   476  C CE1 . TYR A 1 56  ? -3.647  -0.553  16.962  1.00 22.61  ? 56  TYR A CE1 1 
ATOM   477  C CE2 . TYR A 1 56  ? -1.295  -0.103  17.098  1.00 22.61  ? 56  TYR A CE2 1 
ATOM   478  C CZ  . TYR A 1 56  ? -2.597  0.207   17.433  1.00 22.61  ? 56  TYR A CZ  1 
ATOM   479  O OH  . TYR A 1 56  ? -2.843  1.277   18.259  1.00 22.61  ? 56  TYR A OH  1 
ATOM   480  N N   . TYR A 1 57  ? -4.462  -3.956  13.348  1.00 25.19  ? 57  TYR A N   1 
ATOM   481  C CA  . TYR A 1 57  ? -5.901  -3.826  13.196  1.00 25.19  ? 57  TYR A CA  1 
ATOM   482  C C   . TYR A 1 57  ? -6.612  -4.332  14.440  1.00 25.19  ? 57  TYR A C   1 
ATOM   483  O O   . TYR A 1 57  ? -6.438  -5.478  14.836  1.00 31.39  ? 57  TYR A O   1 
ATOM   484  C CB  . TYR A 1 57  ? -6.364  -4.621  11.971  1.00 31.39  ? 57  TYR A CB  1 
ATOM   485  C CG  . TYR A 1 57  ? -7.702  -4.195  11.409  1.00 31.39  ? 57  TYR A CG  1 
ATOM   486  C CD1 . TYR A 1 57  ? -8.414  -3.140  11.976  1.00 31.39  ? 57  TYR A CD1 1 
ATOM   487  C CD2 . TYR A 1 57  ? -8.263  -4.860  10.322  1.00 31.39  ? 57  TYR A CD2 1 
ATOM   488  C CE1 . TYR A 1 57  ? -9.651  -2.760  11.477  1.00 31.39  ? 57  TYR A CE1 1 
ATOM   489  C CE2 . TYR A 1 57  ? -9.499  -4.486  9.817   1.00 31.39  ? 57  TYR A CE2 1 
ATOM   490  C CZ  . TYR A 1 57  ? -10.184 -3.438  10.401  1.00 31.39  ? 57  TYR A CZ  1 
ATOM   491  O OH  . TYR A 1 57  ? -11.413 -3.073  9.908   1.00 31.39  ? 57  TYR A OH  1 
ATOM   492  N N   . ILE A 1 58  ? -7.414  -3.474  15.060  1.00 2.00   ? 58  ILE A N   1 
ATOM   493  C CA  . ILE A 1 58  ? -8.139  -3.863  16.258  1.00 2.00   ? 58  ILE A CA  1 
ATOM   494  C C   . ILE A 1 58  ? -9.636  -3.962  15.981  1.00 2.00   ? 58  ILE A C   1 
ATOM   495  O O   . ILE A 1 58  ? -10.272 -2.995  15.560  1.00 56.69  ? 58  ILE A O   1 
ATOM   496  C CB  . ILE A 1 58  ? -7.907  -2.851  17.409  1.00 56.69  ? 58  ILE A CB  1 
ATOM   497  C CG1 . ILE A 1 58  ? -6.491  -3.003  17.968  1.00 56.69  ? 58  ILE A CG1 1 
ATOM   498  C CG2 . ILE A 1 58  ? -8.909  -3.081  18.520  1.00 56.69  ? 58  ILE A CG2 1 
ATOM   499  C CD1 . ILE A 1 58  ? -6.118  -4.419  18.346  1.00 56.69  ? 58  ILE A CD1 1 
ATOM   500  N N   . ASP A 1 59  ? -10.187 -5.146  16.218  1.00 77.01  ? 59  ASP A N   1 
ATOM   501  C CA  . ASP A 1 59  ? -11.606 -5.407  16.021  1.00 77.01  ? 59  ASP A CA  1 
ATOM   502  C C   . ASP A 1 59  ? -12.150 -5.973  17.328  1.00 77.01  ? 59  ASP A C   1 
ATOM   503  O O   . ASP A 1 59  ? -11.386 -6.405  18.193  1.00 58.34  ? 59  ASP A O   1 
ATOM   504  C CB  . ASP A 1 59  ? -11.813 -6.443  14.908  1.00 58.34  ? 59  ASP A CB  1 
ATOM   505  C CG  . ASP A 1 59  ? -12.531 -5.875  13.702  1.00 58.34  ? 59  ASP A CG  1 
ATOM   506  O OD1 . ASP A 1 59  ? -13.559 -5.190  13.891  1.00 58.34  ? 59  ASP A OD1 1 
ATOM   507  O OD2 . ASP A 1 59  ? -12.064 -6.113  12.567  1.00 58.34  ? 59  ASP A OD2 1 
ATOM   508  N N   . ASP A 1 60  ? -13.469 -5.955  17.476  1.00 58.33  ? 60  ASP A N   1 
ATOM   509  C CA  . ASP A 1 60  ? -14.092 -6.502  18.671  1.00 58.33  ? 60  ASP A CA  1 
ATOM   510  C C   . ASP A 1 60  ? -13.901 -8.012  18.576  1.00 58.33  ? 60  ASP A C   1 
ATOM   511  O O   . ASP A 1 60  ? -13.827 -8.715  19.584  1.00 49.22  ? 60  ASP A O   1 
ATOM   512  C CB  . ASP A 1 60  ? -15.584 -6.161  18.697  1.00 49.22  ? 60  ASP A CB  1 
ATOM   513  C CG  . ASP A 1 60  ? -16.135 -6.016  20.107  1.00 49.22  ? 60  ASP A CG  1 
ATOM   514  O OD1 . ASP A 1 60  ? -15.356 -5.710  21.038  1.00 49.22  ? 60  ASP A OD1 1 
ATOM   515  O OD2 . ASP A 1 60  ? -17.357 -6.207  20.288  1.00 49.22  ? 60  ASP A OD2 1 
ATOM   516  N N   . LYS A 1 61  ? -13.802 -8.493  17.341  1.00 15.11  ? 61  LYS A N   1 
ATOM   517  C CA  . LYS A 1 61  ? -13.629 -9.913  17.071  1.00 15.11  ? 61  LYS A CA  1 
ATOM   518  C C   . LYS A 1 61  ? -12.175 -10.313 16.840  1.00 15.11  ? 61  LYS A C   1 
ATOM   519  O O   . LYS A 1 61  ? -11.671 -11.229 17.486  1.00 66.75  ? 61  LYS A O   1 
ATOM   520  C CB  . LYS A 1 61  ? -14.457 -10.313 15.846  1.00 66.75  ? 61  LYS A CB  1 
ATOM   521  C CG  . LYS A 1 61  ? -15.466 -11.430 16.102  1.00 66.75  ? 61  LYS A CG  1 
ATOM   522  C CD  . LYS A 1 61  ? -16.490 -11.529 14.975  1.00 66.75  ? 61  LYS A CD  1 
ATOM   523  C CE  . LYS A 1 61  ? -15.933 -12.289 13.786  1.00 66.75  ? 61  LYS A CE  1 
ATOM   524  N NZ  . LYS A 1 61  ? -15.609 -11.382 12.655  1.00 66.75  ? 61  LYS A NZ  1 
ATOM   525  N N   . CYS A 1 62  ? -11.501 -9.630  15.919  1.00 46.40  ? 62  CYS A N   1 
ATOM   526  C CA  . CYS A 1 62  ? -10.120 -9.971  15.602  1.00 46.40  ? 62  CYS A CA  1 
ATOM   527  C C   . CYS A 1 62  ? -9.106  -8.859  15.826  1.00 46.40  ? 62  CYS A C   1 
ATOM   528  O O   . CYS A 1 62  ? -9.409  -7.680  15.656  1.00 53.27  ? 62  CYS A O   1 
ATOM   529  C CB  . CYS A 1 62  ? -10.021 -10.447 14.151  1.00 53.27  ? 62  CYS A CB  1 
ATOM   530  S SG  . CYS A 1 62  ? -8.695  -11.632 13.848  1.00 53.27  ? 62  CYS A SG  1 
ATOM   531  N N   . LYS A 1 63  ? -7.897  -9.262  16.206  1.00 41.63  ? 63  LYS A N   1 
ATOM   532  C CA  . LYS A 1 63  ? -6.784  -8.346  16.446  1.00 41.63  ? 63  LYS A CA  1 
ATOM   533  C C   . LYS A 1 63  ? -5.644  -8.777  15.536  1.00 41.63  ? 63  LYS A C   1 
ATOM   534  O O   . LYS A 1 63  ? -4.724  -9.470  15.968  1.00 15.16  ? 63  LYS A O   1 
ATOM   535  C CB  . LYS A 1 63  ? -6.326  -8.431  17.900  1.00 15.16  ? 63  LYS A CB  1 
ATOM   536  C CG  . LYS A 1 63  ? -7.183  -7.646  18.858  1.00 15.16  ? 63  LYS A CG  1 
ATOM   537  C CD  . LYS A 1 63  ? -6.393  -7.314  20.100  1.00 15.16  ? 63  LYS A CD  1 
ATOM   538  C CE  . LYS A 1 63  ? -7.280  -7.290  21.325  1.00 15.16  ? 63  LYS A CE  1 
ATOM   539  N NZ  . LYS A 1 63  ? -8.003  -5.998  21.440  1.00 15.16  ? 63  LYS A NZ  1 
ATOM   540  N N   . LEU A 1 64  ? -5.703  -8.368  14.275  1.00 43.81  ? 64  LEU A N   1 
ATOM   541  C CA  . LEU A 1 64  ? -4.679  -8.753  13.316  1.00 43.81  ? 64  LEU A CA  1 
ATOM   542  C C   . LEU A 1 64  ? -3.551  -7.747  13.124  1.00 43.81  ? 64  LEU A C   1 
ATOM   543  O O   . LEU A 1 64  ? -3.671  -6.575  13.470  1.00 2.00   ? 64  LEU A O   1 
ATOM   544  C CB  . LEU A 1 64  ? -5.326  -9.048  11.965  1.00 2.00   ? 64  LEU A CB  1 
ATOM   545  C CG  . LEU A 1 64  ? -5.072  -10.447 11.409  1.00 2.00   ? 64  LEU A CG  1 
ATOM   546  C CD1 . LEU A 1 64  ? -5.701  -11.487 12.308  1.00 2.00   ? 64  LEU A CD1 1 
ATOM   547  C CD2 . LEU A 1 64  ? -5.650  -10.541 10.016  1.00 2.00   ? 64  LEU A CD2 1 
ATOM   548  N N   . THR A 1 65  ? -2.450  -8.237  12.565  1.00 36.90  ? 65  THR A N   1 
ATOM   549  C CA  . THR A 1 65  ? -1.272  -7.430  12.287  1.00 36.90  ? 65  THR A CA  1 
ATOM   550  C C   . THR A 1 65  ? -0.713  -7.911  10.955  1.00 36.90  ? 65  THR A C   1 
ATOM   551  O O   . THR A 1 65  ? -0.849  -9.085  10.618  1.00 29.53  ? 65  THR A O   1 
ATOM   552  C CB  . THR A 1 65  ? -0.203  -7.605  13.378  1.00 29.53  ? 65  THR A CB  1 
ATOM   553  O OG1 . THR A 1 65  ? -0.034  -8.997  13.663  1.00 29.53  ? 65  THR A OG1 1 
ATOM   554  C CG2 . THR A 1 65  ? -0.619  -6.886  14.645  1.00 29.53  ? 65  THR A CG2 1 
ATOM   555  N N   . GLN A 1 66  ? -0.090  -6.994  10.216  1.00 44.79  ? 66  GLN A N   1 
ATOM   556  C CA  . GLN A 1 66  ? 0.492   -7.247  8.892   1.00 44.79  ? 66  GLN A CA  1 
ATOM   557  C C   . GLN A 1 66  ? -0.408  -6.584  7.848   1.00 44.79  ? 66  GLN A C   1 
ATOM   558  O O   . GLN A 1 66  ? -1.510  -7.063  7.577   1.00 32.49  ? 66  GLN A O   1 
ATOM   559  C CB  . GLN A 1 66  ? 0.596   -8.750  8.587   1.00 32.49  ? 66  GLN A CB  1 
ATOM   560  C CG  . GLN A 1 66  ? 1.620   -9.511  9.419   1.00 32.49  ? 66  GLN A CG  1 
ATOM   561  C CD  . GLN A 1 66  ? 2.992   -9.521  8.782   1.00 32.49  ? 66  GLN A CD  1 
ATOM   562  O OE1 . GLN A 1 66  ? 3.123   -9.400  7.567   1.00 32.49  ? 66  GLN A OE1 1 
ATOM   563  N NE2 . GLN A 1 66  ? 4.025   -9.663  9.603   1.00 32.49  ? 66  GLN A NE2 1 
ATOM   564  N N   . SER A 1 67  ? 0.062   -5.478  7.278   1.00 29.90  ? 67  SER A N   1 
ATOM   565  C CA  . SER A 1 67  ? -0.690  -4.738  6.265   1.00 29.90  ? 67  SER A CA  1 
ATOM   566  C C   . SER A 1 67  ? -1.583  -5.654  5.439   1.00 29.90  ? 67  SER A C   1 
ATOM   567  O O   . SER A 1 67  ? -2.797  -5.461  5.369   1.00 43.78  ? 67  SER A O   1 
ATOM   568  C CB  . SER A 1 67  ? 0.270   -3.994  5.337   1.00 43.78  ? 67  SER A CB  1 
ATOM   569  O OG  . SER A 1 67  ? 1.232   -4.878  4.786   1.00 43.78  ? 67  SER A OG  1 
ATOM   570  N N   . VAL A 1 68  ? -0.972  -6.657  4.822   1.00 4.40   ? 68  VAL A N   1 
ATOM   571  C CA  . VAL A 1 68  ? -1.699  -7.612  3.998   1.00 4.40   ? 68  VAL A CA  1 
ATOM   572  C C   . VAL A 1 68  ? -2.686  -8.437  4.818   1.00 4.40   ? 68  VAL A C   1 
ATOM   573  O O   . VAL A 1 68  ? -3.860  -8.551  4.466   1.00 15.20  ? 68  VAL A O   1 
ATOM   574  C CB  . VAL A 1 68  ? -0.732  -8.567  3.272   1.00 15.20  ? 68  VAL A CB  1 
ATOM   575  C CG1 . VAL A 1 68  ? -0.558  -8.121  1.836   1.00 15.20  ? 68  VAL A CG1 1 
ATOM   576  C CG2 . VAL A 1 68  ? 0.610   -8.601  3.988   1.00 15.20  ? 68  VAL A CG2 1 
ATOM   577  N N   . ALA A 1 69  ? -2.209  -9.027  5.904   1.00 40.72  ? 69  ALA A N   1 
ATOM   578  C CA  . ALA A 1 69  ? -3.085  -9.815  6.750   1.00 40.72  ? 69  ALA A CA  1 
ATOM   579  C C   . ALA A 1 69  ? -4.222  -8.917  7.227   1.00 40.72  ? 69  ALA A C   1 
ATOM   580  O O   . ALA A 1 69  ? -5.343  -9.371  7.432   1.00 64.26  ? 69  ALA A O   1 
ATOM   581  C CB  . ALA A 1 69  ? -2.314  -10.363 7.936   1.00 64.26  ? 69  ALA A CB  1 
ATOM   582  N N   . ILE A 1 70  ? -3.930  -7.633  7.391   1.00 6.91   ? 70  ILE A N   1 
ATOM   583  C CA  . ILE A 1 70  ? -4.934  -6.680  7.842   1.00 6.91   ? 70  ILE A CA  1 
ATOM   584  C C   . ILE A 1 70  ? -5.846  -6.286  6.676   1.00 6.91   ? 70  ILE A C   1 
ATOM   585  O O   . ILE A 1 70  ? -6.780  -5.501  6.834   1.00 7.06   ? 70  ILE A O   1 
ATOM   586  C CB  . ILE A 1 70  ? -4.248  -5.438  8.446   1.00 7.06   ? 70  ILE A CB  1 
ATOM   587  C CG1 . ILE A 1 70  ? -3.305  -5.889  9.569   1.00 7.06   ? 70  ILE A CG1 1 
ATOM   588  C CG2 . ILE A 1 70  ? -5.289  -4.440  8.931   1.00 7.06   ? 70  ILE A CG2 1 
ATOM   589  C CD1 . ILE A 1 70  ? -3.302  -5.013  10.798  1.00 7.06   ? 70  ILE A CD1 1 
ATOM   590  N N   . MET A 1 71  ? -5.570  -6.856  5.508   1.00 12.93  ? 71  MET A N   1 
ATOM   591  C CA  . MET A 1 71  ? -6.350  -6.587  4.305   1.00 12.93  ? 71  MET A CA  1 
ATOM   592  C C   . MET A 1 71  ? -7.101  -7.841  3.876   1.00 12.93  ? 71  MET A C   1 
ATOM   593  O O   . MET A 1 71  ? -8.311  -7.813  3.649   1.00 25.39  ? 71  MET A O   1 
ATOM   594  C CB  . MET A 1 71  ? -5.429  -6.142  3.167   1.00 25.39  ? 71  MET A CB  1 
ATOM   595  C CG  . MET A 1 71  ? -5.391  -4.645  2.920   1.00 25.39  ? 71  MET A CG  1 
ATOM   596  S SD  . MET A 1 71  ? -4.239  -4.217  1.606   1.00 25.39  ? 71  MET A SD  1 
ATOM   597  C CE  . MET A 1 71  ? -2.766  -5.048  2.153   1.00 25.39  ? 71  MET A CE  1 
ATOM   598  N N   . ARG A 1 72  ? -6.369  -8.944  3.765   1.00 26.50  ? 72  ARG A N   1 
ATOM   599  C CA  . ARG A 1 72  ? -6.947  -10.216 3.359   1.00 26.50  ? 72  ARG A CA  1 
ATOM   600  C C   . ARG A 1 72  ? -8.222  -10.533 4.128   1.00 26.50  ? 72  ARG A C   1 
ATOM   601  O O   . ARG A 1 72  ? -9.286  -10.714 3.537   1.00 19.39  ? 72  ARG A O   1 
ATOM   602  C CB  . ARG A 1 72  ? -5.933  -11.341 3.570   1.00 19.39  ? 72  ARG A CB  1 
ATOM   603  C CG  . ARG A 1 72  ? -4.897  -11.437 2.477   1.00 19.39  ? 72  ARG A CG  1 
ATOM   604  C CD  . ARG A 1 72  ? -5.502  -11.971 1.201   1.00 19.39  ? 72  ARG A CD  1 
ATOM   605  N NE  . ARG A 1 72  ? -4.766  -13.122 0.703   1.00 19.39  ? 72  ARG A NE  1 
ATOM   606  C CZ  . ARG A 1 72  ? -5.297  -14.325 0.531   1.00 19.39  ? 72  ARG A CZ  1 
ATOM   607  N NH1 . ARG A 1 72  ? -6.573  -14.534 0.819   1.00 19.39  ? 72  ARG A NH1 1 
ATOM   608  N NH2 . ARG A 1 72  ? -4.554  -15.320 0.068   1.00 19.39  ? 72  ARG A NH2 1 
ATOM   609  N N   . TYR A 1 73  ? -8.102  -10.596 5.450   1.00 75.43  ? 73  TYR A N   1 
ATOM   610  C CA  . TYR A 1 73  ? -9.228  -10.902 6.323   1.00 75.43  ? 73  TYR A CA  1 
ATOM   611  C C   . TYR A 1 73  ? -10.340 -9.860  6.235   1.00 75.43  ? 73  TYR A C   1 
ATOM   612  O O   . TYR A 1 73  ? -11.500 -10.150 6.539   1.00 34.38  ? 73  TYR A O   1 
ATOM   613  C CB  . TYR A 1 73  ? -8.732  -11.038 7.763   1.00 34.38  ? 73  TYR A CB  1 
ATOM   614  C CG  . TYR A 1 73  ? -9.622  -10.419 8.815   1.00 34.38  ? 73  TYR A CG  1 
ATOM   615  C CD1 . TYR A 1 73  ? -9.557  -9.057  9.096   1.00 34.38  ? 73  TYR A CD1 1 
ATOM   616  C CD2 . TYR A 1 73  ? -10.489 -11.206 9.571   1.00 34.38  ? 73  TYR A CD2 1 
ATOM   617  C CE1 . TYR A 1 73  ? -10.325 -8.493  10.105  1.00 34.38  ? 73  TYR A CE1 1 
ATOM   618  C CE2 . TYR A 1 73  ? -11.265 -10.652 10.586  1.00 34.38  ? 73  TYR A CE2 1 
ATOM   619  C CZ  . TYR A 1 73  ? -11.174 -9.293  10.850  1.00 34.38  ? 73  TYR A CZ  1 
ATOM   620  O OH  . TYR A 1 73  ? -11.913 -8.738  11.869  1.00 34.38  ? 73  TYR A OH  1 
ATOM   621  N N   . ILE A 1 74  ? -9.980  -8.643  5.831   1.00 50.81  ? 74  ILE A N   1 
ATOM   622  C CA  . ILE A 1 74  ? -10.964 -7.572  5.682   1.00 50.81  ? 74  ILE A CA  1 
ATOM   623  C C   . ILE A 1 74  ? -11.562 -7.659  4.286   1.00 50.81  ? 74  ILE A C   1 
ATOM   624  O O   . ILE A 1 74  ? -12.381 -6.832  3.893   1.00 14.19  ? 74  ILE A O   1 
ATOM   625  C CB  . ILE A 1 74  ? -10.333 -6.172  5.869   1.00 14.19  ? 74  ILE A CB  1 
ATOM   626  C CG1 . ILE A 1 74  ? -11.321 -5.255  6.598   1.00 14.19  ? 74  ILE A CG1 1 
ATOM   627  C CG2 . ILE A 1 74  ? -9.950  -5.580  4.522   1.00 14.19  ? 74  ILE A CG2 1 
ATOM   628  C CD1 . ILE A 1 74  ? -12.412 -4.673  5.714   1.00 14.19  ? 74  ILE A CD1 1 
ATOM   629  N N   . ALA A 1 75  ? -11.123 -8.660  3.535   1.00 34.10  ? 75  ALA A N   1 
ATOM   630  C CA  . ALA A 1 75  ? -11.624 -8.888  2.191   1.00 34.10  ? 75  ALA A CA  1 
ATOM   631  C C   . ALA A 1 75  ? -12.609 -10.042 2.298   1.00 34.10  ? 75  ALA A C   1 
ATOM   632  O O   . ALA A 1 75  ? -13.599 -10.107 1.565   1.00 51.68  ? 75  ALA A O   1 
ATOM   633  C CB  . ALA A 1 75  ? -10.486 -9.256  1.258   1.00 51.68  ? 75  ALA A CB  1 
ATOM   634  N N   . ASP A 1 76  ? -12.328 -10.952 3.226   1.00 31.30  ? 76  ASP A N   1 
ATOM   635  C CA  . ASP A 1 76  ? -13.190 -12.104 3.445   1.00 31.30  ? 76  ASP A CA  1 
ATOM   636  C C   . ASP A 1 76  ? -14.507 -11.605 4.003   1.00 31.30  ? 76  ASP A C   1 
ATOM   637  O O   . ASP A 1 76  ? -15.561 -12.194 3.767   1.00 43.01  ? 76  ASP A O   1 
ATOM   638  C CB  . ASP A 1 76  ? -12.540 -13.082 4.420   1.00 43.01  ? 76  ASP A CB  1 
ATOM   639  C CG  . ASP A 1 76  ? -12.036 -14.327 3.727   1.00 43.01  ? 76  ASP A CG  1 
ATOM   640  O OD1 . ASP A 1 76  ? -12.614 -14.692 2.679   1.00 43.01  ? 76  ASP A OD1 1 
ATOM   641  O OD2 . ASP A 1 76  ? -11.062 -14.935 4.218   1.00 43.01  ? 76  ASP A OD2 1 
ATOM   642  N N   . LYS A 1 77  ? -14.433 -10.506 4.746   1.00 9.97   ? 77  LYS A N   1 
ATOM   643  C CA  . LYS A 1 77  ? -15.615 -9.896  5.328   1.00 9.97   ? 77  LYS A CA  1 
ATOM   644  C C   . LYS A 1 77  ? -16.518 -9.477  4.177   1.00 9.97   ? 77  LYS A C   1 
ATOM   645  O O   . LYS A 1 77  ? -17.726 -9.326  4.340   1.00 29.36  ? 77  LYS A O   1 
ATOM   646  C CB  . LYS A 1 77  ? -15.227 -8.667  6.147   1.00 29.36  ? 77  LYS A CB  1 
ATOM   647  C CG  . LYS A 1 77  ? -14.601 -8.981  7.493   1.00 29.36  ? 77  LYS A CG  1 
ATOM   648  C CD  . LYS A 1 77  ? -14.970 -7.920  8.514   1.00 29.36  ? 77  LYS A CD  1 
ATOM   649  C CE  . LYS A 1 77  ? -15.393 -8.532  9.841   1.00 29.36  ? 77  LYS A CE  1 
ATOM   650  N NZ  . LYS A 1 77  ? -15.068 -9.980  9.935   1.00 29.36  ? 77  LYS A NZ  1 
ATOM   651  N N   . HIS A 1 78  ? -15.910 -9.287  3.011   1.00 12.23  ? 78  HIS A N   1 
ATOM   652  C CA  . HIS A 1 78  ? -16.626 -8.896  1.807   1.00 12.23  ? 78  HIS A CA  1 
ATOM   653  C C   . HIS A 1 78  ? -16.371 -9.946  0.730   1.00 12.23  ? 78  HIS A C   1 
ATOM   654  O O   . HIS A 1 78  ? -16.572 -9.695  -0.458  1.00 8.33   ? 78  HIS A O   1 
ATOM   655  C CB  . HIS A 1 78  ? -16.143 -7.521  1.326   1.00 8.33   ? 78  HIS A CB  1 
ATOM   656  C CG  . HIS A 1 78  ? -16.252 -6.441  2.358   1.00 8.33   ? 78  HIS A CG  1 
ATOM   657  N ND1 . HIS A 1 78  ? -17.461 -5.925  2.772   1.00 8.33   ? 78  HIS A ND1 1 
ATOM   658  C CD2 . HIS A 1 78  ? -15.304 -5.766  3.046   1.00 8.33   ? 78  HIS A CD2 1 
ATOM   659  C CE1 . HIS A 1 78  ? -17.251 -4.977  3.669   1.00 8.33   ? 78  HIS A CE1 1 
ATOM   660  N NE2 . HIS A 1 78  ? -15.949 -4.860  3.854   1.00 8.33   ? 78  HIS A NE2 1 
ATOM   661  N N   . GLY A 1 79  ? -15.917 -11.119 1.162   1.00 7.03   ? 79  GLY A N   1 
ATOM   662  C CA  . GLY A 1 79  ? -15.633 -12.210 0.243   1.00 7.03   ? 79  GLY A CA  1 
ATOM   663  C C   . GLY A 1 79  ? -15.178 -11.744 -1.125  1.00 7.03   ? 79  GLY A C   1 
ATOM   664  O O   . GLY A 1 79  ? -15.921 -11.850 -2.102  1.00 13.08  ? 79  GLY A O   1 
ATOM   665  N N   . MET A 1 80  ? -13.951 -11.231 -1.193  1.00 32.18  ? 80  MET A N   1 
ATOM   666  C CA  . MET A 1 80  ? -13.385 -10.727 -2.443  1.00 32.18  ? 80  MET A CA  1 
ATOM   667  C C   . MET A 1 80  ? -12.206 -11.560 -2.941  1.00 32.18  ? 80  MET A C   1 
ATOM   668  O O   . MET A 1 80  ? -11.859 -11.510 -4.120  1.00 37.28  ? 80  MET A O   1 
ATOM   669  C CB  . MET A 1 80  ? -12.926 -9.275  -2.258  1.00 37.28  ? 80  MET A CB  1 
ATOM   670  C CG  . MET A 1 80  ? -13.721 -8.243  -3.045  1.00 37.28  ? 80  MET A CG  1 
ATOM   671  S SD  . MET A 1 80  ? -14.171 -6.817  -2.035  1.00 37.28  ? 80  MET A SD  1 
ATOM   672  C CE  . MET A 1 80  ? -13.056 -5.553  -2.679  1.00 37.28  ? 80  MET A CE  1 
ATOM   673  N N   . LEU A 1 81  ? -11.595 -12.324 -2.045  1.00 24.62  ? 81  LEU A N   1 
ATOM   674  C CA  . LEU A 1 81  ? -10.443 -13.142 -2.403  1.00 24.62  ? 81  LEU A CA  1 
ATOM   675  C C   . LEU A 1 81  ? -10.796 -14.328 -3.297  1.00 24.62  ? 81  LEU A C   1 
ATOM   676  O O   . LEU A 1 81  ? -10.148 -15.371 -3.242  1.00 17.36  ? 81  LEU A O   1 
ATOM   677  C CB  . LEU A 1 81  ? -9.742  -13.625 -1.131  1.00 17.36  ? 81  LEU A CB  1 
ATOM   678  C CG  . LEU A 1 81  ? -9.886  -12.693 0.080   1.00 17.36  ? 81  LEU A CG  1 
ATOM   679  C CD1 . LEU A 1 81  ? -10.199 -13.505 1.325   1.00 17.36  ? 81  LEU A CD1 1 
ATOM   680  C CD2 . LEU A 1 81  ? -8.611  -11.898 0.271   1.00 17.36  ? 81  LEU A CD2 1 
ATOM   681  N N   . GLY A 1 82  ? -11.822 -14.156 -4.127  1.00 66.83  ? 82  GLY A N   1 
ATOM   682  C CA  . GLY A 1 82  ? -12.239 -15.216 -5.027  1.00 66.83  ? 82  GLY A CA  1 
ATOM   683  C C   . GLY A 1 82  ? -12.988 -16.332 -4.328  1.00 66.83  ? 82  GLY A C   1 
ATOM   684  O O   . GLY A 1 82  ? -13.333 -16.221 -3.149  1.00 23.11  ? 82  GLY A O   1 
ATOM   685  N N   . THR A 1 83  ? -13.242 -17.415 -5.057  1.00 23.91  ? 83  THR A N   1 
ATOM   686  C CA  . THR A 1 83  ? -13.957 -18.554 -4.497  1.00 23.91  ? 83  THR A CA  1 
ATOM   687  C C   . THR A 1 83  ? -13.324 -19.882 -4.873  1.00 23.91  ? 83  THR A C   1 
ATOM   688  O O   . THR A 1 83  ? -13.204 -20.779 -4.039  1.00 32.13  ? 83  THR A O   1 
ATOM   689  C CB  . THR A 1 83  ? -15.424 -18.589 -4.961  1.00 32.13  ? 83  THR A CB  1 
ATOM   690  O OG1 . THR A 1 83  ? -15.484 -19.009 -6.329  1.00 32.13  ? 83  THR A OG1 1 
ATOM   691  C CG2 . THR A 1 83  ? -16.058 -17.222 -4.821  1.00 32.13  ? 83  THR A CG2 1 
ATOM   692  N N   . THR A 1 84  ? -12.922 -20.011 -6.130  1.00 2.00   ? 84  THR A N   1 
ATOM   693  C CA  . THR A 1 84  ? -12.318 -21.249 -6.597  1.00 2.00   ? 84  THR A CA  1 
ATOM   694  C C   . THR A 1 84  ? -10.817 -21.268 -6.372  1.00 2.00   ? 84  THR A C   1 
ATOM   695  O O   . THR A 1 84  ? -10.110 -20.352 -6.781  1.00 53.03  ? 84  THR A O   1 
ATOM   696  C CB  . THR A 1 84  ? -12.599 -21.472 -8.091  1.00 53.03  ? 84  THR A CB  1 
ATOM   697  O OG1 . THR A 1 84  ? -13.874 -22.107 -8.243  1.00 53.03  ? 84  THR A OG1 1 
ATOM   698  C CG2 . THR A 1 84  ? -11.527 -22.357 -8.717  1.00 53.03  ? 84  THR A CG2 1 
ATOM   699  N N   . PRO A 1 85  ? -10.312 -22.315 -5.702  1.00 60.57  ? 85  PRO A N   1 
ATOM   700  C CA  . PRO A 1 85  ? -8.878  -22.438 -5.429  1.00 60.57  ? 85  PRO A CA  1 
ATOM   701  C C   . PRO A 1 85  ? -7.991  -21.866 -6.539  1.00 60.57  ? 85  PRO A C   1 
ATOM   702  O O   . PRO A 1 85  ? -7.008  -21.179 -6.262  1.00 100.00 ? 85  PRO A O   1 
ATOM   703  C CB  . PRO A 1 85  ? -8.673  -23.941 -5.242  1.00 100.00 ? 85  PRO A CB  1 
ATOM   704  C CG  . PRO A 1 85  ? -10.039 -24.498 -4.885  1.00 100.00 ? 85  PRO A CG  1 
ATOM   705  C CD  . PRO A 1 85  ? -11.082 -23.432 -5.125  1.00 100.00 ? 85  PRO A CD  1 
ATOM   706  N N   . GLU A 1 86  ? -8.342  -22.142 -7.790  1.00 43.36  ? 86  GLU A N   1 
ATOM   707  C CA  . GLU A 1 86  ? -7.564  -21.642 -8.917  1.00 43.36  ? 86  GLU A CA  1 
ATOM   708  C C   . GLU A 1 86  ? -7.499  -20.119 -8.878  1.00 43.36  ? 86  GLU A C   1 
ATOM   709  O O   . GLU A 1 86  ? -6.428  -19.529 -8.731  1.00 57.50  ? 86  GLU A O   1 
ATOM   710  C CB  . GLU A 1 86  ? -8.197  -22.103 -10.232 1.00 57.50  ? 86  GLU A CB  1 
ATOM   711  C CG  . GLU A 1 86  ? -8.821  -23.479 -10.147 1.00 57.50  ? 86  GLU A CG  1 
ATOM   712  C CD  . GLU A 1 86  ? -7.814  -24.542 -9.772  1.00 57.50  ? 86  GLU A CD  1 
ATOM   713  O OE1 . GLU A 1 86  ? -6.706  -24.531 -10.349 1.00 57.50  ? 86  GLU A OE1 1 
ATOM   714  O OE2 . GLU A 1 86  ? -8.126  -25.387 -8.904  1.00 57.50  ? 86  GLU A OE2 1 
ATOM   715  N N   . GLU A 1 87  ? -8.662  -19.491 -8.997  1.00 32.09  ? 87  GLU A N   1 
ATOM   716  C CA  . GLU A 1 87  ? -8.769  -18.042 -8.984  1.00 32.09  ? 87  GLU A CA  1 
ATOM   717  C C   . GLU A 1 87  ? -8.340  -17.440 -7.650  1.00 32.09  ? 87  GLU A C   1 
ATOM   718  O O   . GLU A 1 87  ? -7.827  -16.326 -7.607  1.00 49.61  ? 87  GLU A O   1 
ATOM   719  C CB  . GLU A 1 87  ? -10.210 -17.632 -9.294  1.00 49.61  ? 87  GLU A CB  1 
ATOM   720  C CG  . GLU A 1 87  ? -10.429 -16.137 -9.438  1.00 49.61  ? 87  GLU A CG  1 
ATOM   721  C CD  . GLU A 1 87  ? -11.874 -15.799 -9.734  1.00 49.61  ? 87  GLU A CD  1 
ATOM   722  O OE1 . GLU A 1 87  ? -12.451 -16.418 -10.652 1.00 49.61  ? 87  GLU A OE1 1 
ATOM   723  O OE2 . GLU A 1 87  ? -12.433 -14.917 -9.048  1.00 49.61  ? 87  GLU A OE2 1 
ATOM   724  N N   . ARG A 1 88  ? -8.560  -18.176 -6.564  1.00 53.78  ? 88  ARG A N   1 
ATOM   725  C CA  . ARG A 1 88  ? -8.191  -17.700 -5.235  1.00 53.78  ? 88  ARG A CA  1 
ATOM   726  C C   . ARG A 1 88  ? -6.676  -17.644 -5.101  1.00 53.78  ? 88  ARG A C   1 
ATOM   727  O O   . ARG A 1 88  ? -6.149  -17.018 -4.184  1.00 40.40  ? 88  ARG A O   1 
ATOM   728  C CB  . ARG A 1 88  ? -8.770  -18.620 -4.155  1.00 40.40  ? 88  ARG A CB  1 
ATOM   729  C CG  . ARG A 1 88  ? -8.902  -17.968 -2.777  1.00 40.40  ? 88  ARG A CG  1 
ATOM   730  C CD  . ARG A 1 88  ? -10.047 -18.565 -1.949  1.00 40.40  ? 88  ARG A CD  1 
ATOM   731  N NE  . ARG A 1 88  ? -9.825  -19.972 -1.623  1.00 40.40  ? 88  ARG A NE  1 
ATOM   732  C CZ  . ARG A 1 88  ? -10.154 -20.984 -2.420  1.00 40.40  ? 88  ARG A CZ  1 
ATOM   733  N NH1 . ARG A 1 88  ? -10.718 -20.749 -3.595  1.00 40.40  ? 88  ARG A NH1 1 
ATOM   734  N NH2 . ARG A 1 88  ? -9.915  -22.231 -2.044  1.00 40.40  ? 88  ARG A NH2 1 
ATOM   735  N N   . ALA A 1 89  ? -5.981  -18.305 -6.021  1.00 31.74  ? 89  ALA A N   1 
ATOM   736  C CA  . ALA A 1 89  ? -4.522  -18.326 -6.008  1.00 31.74  ? 89  ALA A CA  1 
ATOM   737  C C   . ALA A 1 89  ? -3.950  -17.134 -6.765  1.00 31.74  ? 89  ALA A C   1 
ATOM   738  O O   . ALA A 1 89  ? -2.871  -16.636 -6.435  1.00 28.84  ? 89  ALA A O   1 
ATOM   739  C CB  . ALA A 1 89  ? -4.013  -19.623 -6.624  1.00 28.84  ? 89  ALA A CB  1 
ATOM   740  N N   . ARG A 1 90  ? -4.678  -16.692 -7.787  1.00 44.81  ? 90  ARG A N   1 
ATOM   741  C CA  . ARG A 1 90  ? -4.264  -15.561 -8.611  1.00 44.81  ? 90  ARG A CA  1 
ATOM   742  C C   . ARG A 1 90  ? -4.338  -14.248 -7.838  1.00 44.81  ? 90  ARG A C   1 
ATOM   743  O O   . ARG A 1 90  ? -3.683  -13.279 -8.201  1.00 28.04  ? 90  ARG A O   1 
ATOM   744  C CB  . ARG A 1 90  ? -5.132  -15.474 -9.875  1.00 28.04  ? 90  ARG A CB  1 
ATOM   745  C CG  . ARG A 1 90  ? -4.596  -14.530 -10.945 1.00 28.04  ? 90  ARG A CG  1 
ATOM   746  C CD  . ARG A 1 90  ? -4.554  -15.184 -12.322 1.00 28.04  ? 90  ARG A CD  1 
ATOM   747  N NE  . ARG A 1 90  ? -3.885  -16.483 -12.298 1.00 28.04  ? 90  ARG A NE  1 
ATOM   748  C CZ  . ARG A 1 90  ? -3.542  -17.173 -13.382 1.00 28.04  ? 90  ARG A CZ  1 
ATOM   749  N NH1 . ARG A 1 90  ? -3.805  -16.690 -14.589 1.00 28.04  ? 90  ARG A NH1 1 
ATOM   750  N NH2 . ARG A 1 90  ? -2.943  -18.350 -13.256 1.00 28.04  ? 90  ARG A NH2 1 
ATOM   751  N N   . ILE A 1 91  ? -5.128  -14.213 -6.769  1.00 3.25   ? 91  ILE A N   1 
ATOM   752  C CA  . ILE A 1 91  ? -5.242  -12.995 -5.971  1.00 3.25   ? 91  ILE A CA  1 
ATOM   753  C C   . ILE A 1 91  ? -3.977  -12.794 -5.148  1.00 3.25   ? 91  ILE A C   1 
ATOM   754  O O   . ILE A 1 91  ? -3.428  -11.695 -5.099  1.00 21.51  ? 91  ILE A O   1 
ATOM   755  C CB  . ILE A 1 91  ? -6.466  -13.037 -5.014  1.00 21.51  ? 91  ILE A CB  1 
ATOM   756  C CG1 . ILE A 1 91  ? -7.747  -12.727 -5.802  1.00 21.51  ? 91  ILE A CG1 1 
ATOM   757  C CG2 . ILE A 1 91  ? -6.276  -12.042 -3.850  1.00 21.51  ? 91  ILE A CG2 1 
ATOM   758  C CD1 . ILE A 1 91  ? -8.117  -11.250 -5.849  1.00 21.51  ? 91  ILE A CD1 1 
ATOM   759  N N   . SER A 1 92  ? -3.509  -13.858 -4.504  1.00 58.15  ? 92  SER A N   1 
ATOM   760  C CA  . SER A 1 92  ? -2.303  -13.761 -3.690  1.00 58.15  ? 92  SER A CA  1 
ATOM   761  C C   . SER A 1 92  ? -1.051  -13.622 -4.552  1.00 58.15  ? 92  SER A C   1 
ATOM   762  O O   . SER A 1 92  ? -0.184  -12.795 -4.268  1.00 26.23  ? 92  SER A O   1 
ATOM   763  C CB  . SER A 1 92  ? -2.181  -14.975 -2.764  1.00 26.23  ? 92  SER A CB  1 
ATOM   764  O OG  . SER A 1 92  ? -2.432  -14.601 -1.418  1.00 26.23  ? 92  SER A OG  1 
ATOM   765  N N   . MET A 1 93  ? -0.958  -14.427 -5.607  1.00 6.40   ? 93  MET A N   1 
ATOM   766  C CA  . MET A 1 93  ? 0.187   -14.370 -6.508  1.00 6.40   ? 93  MET A CA  1 
ATOM   767  C C   . MET A 1 93  ? 0.517   -12.923 -6.857  1.00 6.40   ? 93  MET A C   1 
ATOM   768  O O   . MET A 1 93  ? 1.681   -12.548 -6.954  1.00 23.33  ? 93  MET A O   1 
ATOM   769  C CB  . MET A 1 93  ? -0.116  -15.143 -7.788  1.00 23.33  ? 93  MET A CB  1 
ATOM   770  C CG  . MET A 1 93  ? 0.608   -14.621 -9.009  1.00 23.33  ? 93  MET A CG  1 
ATOM   771  S SD  . MET A 1 93  ? 1.275   -15.949 -10.013 1.00 23.33  ? 93  MET A SD  1 
ATOM   772  C CE  . MET A 1 93  ? 0.944   -15.331 -11.651 1.00 23.33  ? 93  MET A CE  1 
ATOM   773  N N   . ILE A 1 94  ? -0.520  -12.115 -7.043  1.00 34.30  ? 94  ILE A N   1 
ATOM   774  C CA  . ILE A 1 94  ? -0.341  -10.711 -7.378  1.00 34.30  ? 94  ILE A CA  1 
ATOM   775  C C   . ILE A 1 94  ? 0.246   -9.924  -6.212  1.00 34.30  ? 94  ILE A C   1 
ATOM   776  O O   . ILE A 1 94  ? 1.265   -9.255  -6.370  1.00 39.04  ? 94  ILE A O   1 
ATOM   777  C CB  . ILE A 1 94  ? -1.674  -10.059 -7.795  1.00 39.04  ? 94  ILE A CB  1 
ATOM   778  C CG1 . ILE A 1 94  ? -2.371  -10.938 -8.834  1.00 39.04  ? 94  ILE A CG1 1 
ATOM   779  C CG2 . ILE A 1 94  ? -1.423  -8.657  -8.337  1.00 39.04  ? 94  ILE A CG2 1 
ATOM   780  C CD1 . ILE A 1 94  ? -2.274  -10.432 -10.250 1.00 39.04  ? 94  ILE A CD1 1 
ATOM   781  N N   . GLU A 1 95  ? -0.389  -9.998  -5.045  1.00 26.56  ? 95  GLU A N   1 
ATOM   782  C CA  . GLU A 1 95  ? 0.116   -9.278  -3.876  1.00 26.56  ? 95  GLU A CA  1 
ATOM   783  C C   . GLU A 1 95  ? 1.558   -9.701  -3.631  1.00 26.56  ? 95  GLU A C   1 
ATOM   784  O O   . GLU A 1 95  ? 2.298   -9.036  -2.906  1.00 17.77  ? 95  GLU A O   1 
ATOM   785  C CB  . GLU A 1 95  ? -0.730  -9.572  -2.635  1.00 17.77  ? 95  GLU A CB  1 
ATOM   786  C CG  . GLU A 1 95  ? -1.674  -10.746 -2.776  1.00 17.77  ? 95  GLU A CG  1 
ATOM   787  C CD  . GLU A 1 95  ? -2.537  -10.961 -1.538  1.00 17.77  ? 95  GLU A CD  1 
ATOM   788  O OE1 . GLU A 1 95  ? -2.178  -10.457 -0.452  1.00 17.77  ? 95  GLU A OE1 1 
ATOM   789  O OE2 . GLU A 1 95  ? -3.582  -11.639 -1.648  1.00 17.77  ? 95  GLU A OE2 1 
ATOM   790  N N   . GLY A 1 96  ? 1.943   -10.812 -4.250  1.00 15.45  ? 96  GLY A N   1 
ATOM   791  C CA  . GLY A 1 96  ? 3.299   -11.303 -4.120  1.00 15.45  ? 96  GLY A CA  1 
ATOM   792  C C   . GLY A 1 96  ? 4.217   -10.356 -4.860  1.00 15.45  ? 96  GLY A C   1 
ATOM   793  O O   . GLY A 1 96  ? 5.269   -9.970  -4.351  1.00 60.05  ? 96  GLY A O   1 
ATOM   794  N N   . ALA A 1 97  ? 3.808   -9.971  -6.067  1.00 18.92  ? 97  ALA A N   1 
ATOM   795  C CA  . ALA A 1 97  ? 4.587   -9.049  -6.882  1.00 18.92  ? 97  ALA A CA  1 
ATOM   796  C C   . ALA A 1 97  ? 4.169   -7.620  -6.561  1.00 18.92  ? 97  ALA A C   1 
ATOM   797  O O   . ALA A 1 97  ? 4.621   -6.672  -7.200  1.00 23.49  ? 97  ALA A O   1 
ATOM   798  C CB  . ALA A 1 97  ? 4.377   -9.342  -8.358  1.00 23.49  ? 97  ALA A CB  1 
ATOM   799  N N   . ALA A 1 98  ? 3.290   -7.478  -5.575  1.00 31.62  ? 98  ALA A N   1 
ATOM   800  C CA  . ALA A 1 98  ? 2.824   -6.168  -5.143  1.00 31.62  ? 98  ALA A CA  1 
ATOM   801  C C   . ALA A 1 98  ? 3.729   -5.748  -3.992  1.00 31.62  ? 98  ALA A C   1 
ATOM   802  O O   . ALA A 1 98  ? 3.858   -4.562  -3.682  1.00 24.28  ? 98  ALA A O   1 
ATOM   803  C CB  . ALA A 1 98  ? 1.374   -6.245  -4.681  1.00 24.28  ? 98  ALA A CB  1 
ATOM   804  N N   . MET A 1 99  ? 4.346   -6.739  -3.356  1.00 27.69  ? 99  MET A N   1 
ATOM   805  C CA  . MET A 1 99  ? 5.267   -6.490  -2.255  1.00 27.69  ? 99  MET A CA  1 
ATOM   806  C C   . MET A 1 99  ? 6.672   -6.608  -2.816  1.00 27.69  ? 99  MET A C   1 
ATOM   807  O O   . MET A 1 99  ? 7.598   -5.972  -2.319  1.00 24.41  ? 99  MET A O   1 
ATOM   808  C CB  . MET A 1 99  ? 5.064   -7.503  -1.126  1.00 24.41  ? 99  MET A CB  1 
ATOM   809  C CG  . MET A 1 99  ? 4.614   -6.878  0.188   1.00 24.41  ? 99  MET A CG  1 
ATOM   810  S SD  . MET A 1 99  ? 4.843   -5.090  0.239   1.00 24.41  ? 99  MET A SD  1 
ATOM   811  C CE  . MET A 1 99  ? 3.624   -4.619  1.475   1.00 24.41  ? 99  MET A CE  1 
ATOM   812  N N   . ASP A 1 100 ? 6.822   -7.427  -3.857  1.00 45.37  ? 100 ASP A N   1 
ATOM   813  C CA  . ASP A 1 100 ? 8.115   -7.614  -4.511  1.00 45.37  ? 100 ASP A CA  1 
ATOM   814  C C   . ASP A 1 100 ? 8.667   -6.226  -4.817  1.00 45.37  ? 100 ASP A C   1 
ATOM   815  O O   . ASP A 1 100 ? 9.867   -5.971  -4.683  1.00 45.20  ? 100 ASP A O   1 
ATOM   816  C CB  . ASP A 1 100 ? 7.946   -8.395  -5.819  1.00 45.20  ? 100 ASP A CB  1 
ATOM   817  C CG  . ASP A 1 100 ? 8.284   -9.871  -5.673  1.00 45.20  ? 100 ASP A CG  1 
ATOM   818  O OD1 . ASP A 1 100 ? 7.872   -10.482 -4.666  1.00 45.20  ? 100 ASP A OD1 1 
ATOM   819  O OD2 . ASP A 1 100 ? 8.959   -10.419 -6.574  1.00 45.20  ? 100 ASP A OD2 1 
ATOM   820  N N   . LEU A 1 101 ? 7.767   -5.337  -5.229  1.00 19.12  ? 101 LEU A N   1 
ATOM   821  C CA  . LEU A 1 101 ? 8.107   -3.959  -5.552  1.00 19.12  ? 101 LEU A CA  1 
ATOM   822  C C   . LEU A 1 101 ? 8.486   -3.209  -4.283  1.00 19.12  ? 101 LEU A C   1 
ATOM   823  O O   . LEU A 1 101 ? 9.664   -3.081  -3.956  1.00 26.74  ? 101 LEU A O   1 
ATOM   824  C CB  . LEU A 1 101 ? 6.909   -3.264  -6.204  1.00 26.74  ? 101 LEU A CB  1 
ATOM   825  C CG  . LEU A 1 101 ? 7.047   -2.771  -7.645  1.00 26.74  ? 101 LEU A CG  1 
ATOM   826  C CD1 . LEU A 1 101 ? 7.114   -3.955  -8.582  1.00 26.74  ? 101 LEU A CD1 1 
ATOM   827  C CD2 . LEU A 1 101 ? 5.856   -1.889  -7.997  1.00 26.74  ? 101 LEU A CD2 1 
ATOM   828  N N   . ARG A 1 102 ? 7.473   -2.722  -3.573  1.00 48.54  ? 102 ARG A N   1 
ATOM   829  C CA  . ARG A 1 102 ? 7.662   -1.967  -2.337  1.00 48.54  ? 102 ARG A CA  1 
ATOM   830  C C   . ARG A 1 102 ? 8.755   -2.536  -1.431  1.00 48.54  ? 102 ARG A C   1 
ATOM   831  O O   . ARG A 1 102 ? 9.424   -1.788  -0.717  1.00 48.28  ? 102 ARG A O   1 
ATOM   832  C CB  . ARG A 1 102 ? 6.340   -1.901  -1.569  1.00 48.28  ? 102 ARG A CB  1 
ATOM   833  C CG  . ARG A 1 102 ? 6.242   -0.729  -0.605  1.00 48.28  ? 102 ARG A CG  1 
ATOM   834  C CD  . ARG A 1 102 ? 4.858   -0.095  -0.632  1.00 48.28  ? 102 ARG A CD  1 
ATOM   835  N NE  . ARG A 1 102 ? 4.813   1.138   0.147   1.00 48.28  ? 102 ARG A NE  1 
ATOM   836  C CZ  . ARG A 1 102 ? 5.249   2.314   -0.289  1.00 48.28  ? 102 ARG A CZ  1 
ATOM   837  N NH1 . ARG A 1 102 ? 5.764   2.426   -1.507  1.00 48.28  ? 102 ARG A NH1 1 
ATOM   838  N NH2 . ARG A 1 102 ? 5.171   3.384   0.493   1.00 48.28  ? 102 ARG A NH2 1 
ATOM   839  N N   . ILE A 1 103 ? 8.930   -3.853  -1.443  1.00 43.32  ? 103 ILE A N   1 
ATOM   840  C CA  . ILE A 1 103 ? 9.955   -4.469  -0.612  1.00 43.32  ? 103 ILE A CA  1 
ATOM   841  C C   . ILE A 1 103 ? 11.324  -4.214  -1.230  1.00 43.32  ? 103 ILE A C   1 
ATOM   842  O O   . ILE A 1 103 ? 12.223  -3.689  -0.577  1.00 32.97  ? 103 ILE A O   1 
ATOM   843  C CB  . ILE A 1 103 ? 9.727   -6.004  -0.468  1.00 32.97  ? 103 ILE A CB  1 
ATOM   844  C CG1 . ILE A 1 103 ? 8.932   -6.304  0.808   1.00 32.97  ? 103 ILE A CG1 1 
ATOM   845  C CG2 . ILE A 1 103 ? 11.057  -6.736  -0.416  1.00 32.97  ? 103 ILE A CG2 1 
ATOM   846  C CD1 . ILE A 1 103 ? 9.121   -5.314  1.937   1.00 32.97  ? 103 ILE A CD1 1 
ATOM   847  N N   . GLY A 1 104 ? 11.475  -4.590  -2.497  1.00 14.23  ? 104 GLY A N   1 
ATOM   848  C CA  . GLY A 1 104 ? 12.738  -4.383  -3.179  1.00 14.23  ? 104 GLY A CA  1 
ATOM   849  C C   . GLY A 1 104 ? 13.149  -2.919  -3.206  1.00 14.23  ? 104 GLY A C   1 
ATOM   850  O O   . GLY A 1 104 ? 14.237  -2.580  -3.675  1.00 59.09  ? 104 GLY A O   1 
ATOM   851  N N   . PHE A 1 105 ? 12.275  -2.050  -2.706  1.00 50.78  ? 105 PHE A N   1 
ATOM   852  C CA  . PHE A 1 105 ? 12.543  -0.617  -2.671  1.00 50.78  ? 105 PHE A CA  1 
ATOM   853  C C   . PHE A 1 105 ? 12.536  -0.103  -1.231  1.00 50.78  ? 105 PHE A C   1 
ATOM   854  O O   . PHE A 1 105 ? 13.374  0.712   -0.851  1.00 46.03  ? 105 PHE A O   1 
ATOM   855  C CB  . PHE A 1 105 ? 11.482  0.146   -3.477  1.00 46.03  ? 105 PHE A CB  1 
ATOM   856  C CG  . PHE A 1 105 ? 11.599  -0.016  -4.970  1.00 46.03  ? 105 PHE A CG  1 
ATOM   857  C CD1 . PHE A 1 105 ? 12.246  -1.114  -5.528  1.00 46.03  ? 105 PHE A CD1 1 
ATOM   858  C CD2 . PHE A 1 105 ? 11.037  0.929   -5.825  1.00 46.03  ? 105 PHE A CD2 1 
ATOM   859  C CE1 . PHE A 1 105 ? 12.330  -1.274  -6.910  1.00 46.03  ? 105 PHE A CE1 1 
ATOM   860  C CE2 . PHE A 1 105 ? 11.114  0.779   -7.212  1.00 46.03  ? 105 PHE A CE2 1 
ATOM   861  C CZ  . PHE A 1 105 ? 11.764  -0.325  -7.754  1.00 46.03  ? 105 PHE A CZ  1 
ATOM   862  N N   . GLY A 1 106 ? 11.575  -0.577  -0.441  1.00 100.00 ? 106 GLY A N   1 
ATOM   863  C CA  . GLY A 1 106 ? 11.461  -0.160  0.945   1.00 100.00 ? 106 GLY A CA  1 
ATOM   864  C C   . GLY A 1 106 ? 12.782  -0.226  1.687   1.00 100.00 ? 106 GLY A C   1 
ATOM   865  O O   . GLY A 1 106 ? 13.125  0.678   2.455   1.00 49.89  ? 106 GLY A O   1 
ATOM   866  N N   . ARG A 1 107 ? 13.519  -1.303  1.459   1.00 75.23  ? 107 ARG A N   1 
ATOM   867  C CA  . ARG A 1 107 ? 14.815  -1.489  2.091   1.00 75.23  ? 107 ARG A CA  1 
ATOM   868  C C   . ARG A 1 107 ? 15.743  -0.337  1.713   1.00 75.23  ? 107 ARG A C   1 
ATOM   869  O O   . ARG A 1 107 ? 16.643  0.024   2.471   1.00 79.88  ? 107 ARG A O   1 
ATOM   870  C CB  . ARG A 1 107 ? 15.438  -2.815  1.635   1.00 79.88  ? 107 ARG A CB  1 
ATOM   871  C CG  . ARG A 1 107 ? 15.185  -3.174  0.169   1.00 79.88  ? 107 ARG A CG  1 
ATOM   872  C CD  . ARG A 1 107 ? 16.413  -3.810  -0.478  1.00 79.88  ? 107 ARG A CD  1 
ATOM   873  N NE  . ARG A 1 107 ? 16.290  -5.262  -0.595  1.00 79.88  ? 107 ARG A NE  1 
ATOM   874  C CZ  . ARG A 1 107 ? 17.223  -6.060  -1.105  1.00 79.88  ? 107 ARG A CZ  1 
ATOM   875  N NH1 . ARG A 1 107 ? 18.357  -5.552  -1.565  1.00 79.88  ? 107 ARG A NH1 1 
ATOM   876  N NH2 . ARG A 1 107 ? 17.024  -7.369  -1.159  1.00 79.88  ? 107 ARG A NH2 1 
ATOM   877  N N   . VAL A 1 108 ? 15.506  0.243   0.541   1.00 74.42  ? 108 VAL A N   1 
ATOM   878  C CA  . VAL A 1 108 ? 16.334  1.328   0.031   1.00 74.42  ? 108 VAL A CA  1 
ATOM   879  C C   . VAL A 1 108 ? 15.781  2.741   0.212   1.00 74.42  ? 108 VAL A C   1 
ATOM   880  O O   . VAL A 1 108 ? 16.399  3.702   -0.231  1.00 62.21  ? 108 VAL A O   1 
ATOM   881  C CB  . VAL A 1 108 ? 16.613  1.124   -1.491  1.00 62.21  ? 108 VAL A CB  1 
ATOM   882  C CG1 . VAL A 1 108 ? 16.673  -0.364  -1.827  1.00 62.21  ? 108 VAL A CG1 1 
ATOM   883  C CG2 . VAL A 1 108 ? 15.522  1.791   -2.317  1.00 62.21  ? 108 VAL A CG2 1 
ATOM   884  N N   . CYS A 1 109 ? 14.640  2.898   0.874   1.00 74.89  ? 109 CYS A N   1 
ATOM   885  C CA  . CYS A 1 109 ? 14.055  4.234   1.010   1.00 74.89  ? 109 CYS A CA  1 
ATOM   886  C C   . CYS A 1 109 ? 14.359  5.020   2.286   1.00 74.89  ? 109 CYS A C   1 
ATOM   887  O O   . CYS A 1 109 ? 13.973  6.183   2.407   1.00 61.20  ? 109 CYS A O   1 
ATOM   888  C CB  . CYS A 1 109 ? 12.541  4.150   0.794   1.00 61.20  ? 109 CYS A CB  1 
ATOM   889  S SG  . CYS A 1 109 ? 12.040  4.341   -0.952  1.00 61.20  ? 109 CYS A SG  1 
ATOM   890  N N   . TYR A 1 110 ? 15.061  4.400   3.229   1.00 100.00 ? 110 TYR A N   1 
ATOM   891  C CA  . TYR A 1 110 ? 15.400  5.074   4.474   1.00 100.00 ? 110 TYR A CA  1 
ATOM   892  C C   . TYR A 1 110 ? 16.914  5.226   4.670   1.00 100.00 ? 110 TYR A C   1 
ATOM   893  O O   . TYR A 1 110 ? 17.367  6.070   5.449   1.00 60.23  ? 110 TYR A O   1 
ATOM   894  C CB  . TYR A 1 110 ? 14.813  4.302   5.671   1.00 60.23  ? 110 TYR A CB  1 
ATOM   895  C CG  . TYR A 1 110 ? 13.323  3.988   5.587   1.00 60.23  ? 110 TYR A CG  1 
ATOM   896  C CD1 . TYR A 1 110 ? 12.841  2.966   4.758   1.00 60.23  ? 110 TYR A CD1 1 
ATOM   897  C CD2 . TYR A 1 110 ? 12.410  4.664   6.391   1.00 60.23  ? 110 TYR A CD2 1 
ATOM   898  C CE1 . TYR A 1 110 ? 11.487  2.625   4.741   1.00 60.23  ? 110 TYR A CE1 1 
ATOM   899  C CE2 . TYR A 1 110 ? 11.052  4.333   6.384   1.00 60.23  ? 110 TYR A CE2 1 
ATOM   900  C CZ  . TYR A 1 110 ? 10.603  3.312   5.558   1.00 60.23  ? 110 TYR A CZ  1 
ATOM   901  O OH  . TYR A 1 110 ? 9.277   2.959   5.556   1.00 60.23  ? 110 TYR A OH  1 
ATOM   902  N N   . ASN A 1 111 ? 17.693  4.419   3.962   1.00 76.00  ? 111 ASN A N   1 
ATOM   903  C CA  . ASN A 1 111 ? 19.151  4.466   4.090   1.00 76.00  ? 111 ASN A CA  1 
ATOM   904  C C   . ASN A 1 111 ? 19.815  5.601   3.309   1.00 76.00  ? 111 ASN A C   1 
ATOM   905  O O   . ASN A 1 111 ? 19.550  5.796   2.120   1.00 86.27  ? 111 ASN A O   1 
ATOM   906  C CB  . ASN A 1 111 ? 19.754  3.122   3.676   1.00 86.27  ? 111 ASN A CB  1 
ATOM   907  C CG  . ASN A 1 111 ? 20.103  3.061   2.200   1.00 86.27  ? 111 ASN A CG  1 
ATOM   908  O OD1 . ASN A 1 111 ? 19.332  3.496   1.344   1.00 86.27  ? 111 ASN A OD1 1 
ATOM   909  N ND2 . ASN A 1 111 ? 21.272  2.516   1.901   1.00 86.27  ? 111 ASN A ND2 1 
ATOM   910  N N   . PRO A 1 112 ? 20.680  6.371   3.978   1.00 97.91  ? 112 PRO A N   1 
ATOM   911  C CA  . PRO A 1 112 ? 21.403  7.504   3.377   1.00 97.91  ? 112 PRO A CA  1 
ATOM   912  C C   . PRO A 1 112 ? 21.918  7.259   1.970   1.00 97.91  ? 112 PRO A C   1 
ATOM   913  O O   . PRO A 1 112 ? 21.674  8.042   1.062   1.00 73.57  ? 112 PRO A O   1 
ATOM   914  C CB  . PRO A 1 112 ? 22.554  7.761   4.348   1.00 73.57  ? 112 PRO A CB  1 
ATOM   915  C CG  . PRO A 1 112 ? 22.104  7.204   5.647   1.00 73.57  ? 112 PRO A CG  1 
ATOM   916  C CD  . PRO A 1 112 ? 21.009  6.197   5.403   1.00 73.57  ? 112 PRO A CD  1 
ATOM   917  N N   . LYS A 1 113 ? 22.634  6.150   1.800   1.00 56.25  ? 113 LYS A N   1 
ATOM   918  C CA  . LYS A 1 113 ? 23.232  5.825   0.515   1.00 56.25  ? 113 LYS A CA  1 
ATOM   919  C C   . LYS A 1 113 ? 22.342  5.052   -0.450  1.00 56.25  ? 113 LYS A C   1 
ATOM   920  O O   . LYS A 1 113 ? 22.842  4.302   -1.290  1.00 81.62  ? 113 LYS A O   1 
ATOM   921  C CB  . LYS A 1 113 ? 24.541  5.057   0.741   1.00 81.62  ? 113 LYS A CB  1 
ATOM   922  C CG  . LYS A 1 113 ? 24.957  4.940   2.203   1.00 81.62  ? 113 LYS A CG  1 
ATOM   923  C CD  . LYS A 1 113 ? 25.277  6.299   2.818   1.00 81.62  ? 113 LYS A CD  1 
ATOM   924  C CE  . LYS A 1 113 ? 26.636  6.290   3.492   1.00 81.62  ? 113 LYS A CE  1 
ATOM   925  N NZ  . LYS A 1 113 ? 27.646  7.048   2.706   1.00 81.62  ? 113 LYS A NZ  1 
ATOM   926  N N   . PHE A 1 114 ? 21.033  5.241   -0.342  1.00 56.15  ? 114 PHE A N   1 
ATOM   927  C CA  . PHE A 1 114 ? 20.115  4.562   -1.247  1.00 56.15  ? 114 PHE A CA  1 
ATOM   928  C C   . PHE A 1 114 ? 20.518  4.892   -2.682  1.00 56.15  ? 114 PHE A C   1 
ATOM   929  O O   . PHE A 1 114 ? 20.586  4.009   -3.537  1.00 92.97  ? 114 PHE A O   1 
ATOM   930  C CB  . PHE A 1 114 ? 18.675  5.027   -0.996  1.00 92.97  ? 114 PHE A CB  1 
ATOM   931  C CG  . PHE A 1 114 ? 18.462  6.502   -1.194  1.00 92.97  ? 114 PHE A CG  1 
ATOM   932  C CD1 . PHE A 1 114 ? 19.190  7.430   -0.455  1.00 92.97  ? 114 PHE A CD1 1 
ATOM   933  C CD2 . PHE A 1 114 ? 17.523  6.963   -2.115  1.00 92.97  ? 114 PHE A CD2 1 
ATOM   934  C CE1 . PHE A 1 114 ? 18.990  8.797   -0.629  1.00 92.97  ? 114 PHE A CE1 1 
ATOM   935  C CE2 . PHE A 1 114 ? 17.313  8.331   -2.298  1.00 92.97  ? 114 PHE A CE2 1 
ATOM   936  C CZ  . PHE A 1 114 ? 18.047  9.250   -1.553  1.00 92.97  ? 114 PHE A CZ  1 
ATOM   937  N N   . GLU A 1 115 ? 20.796  6.172   -2.921  1.00 57.75  ? 115 GLU A N   1 
ATOM   938  C CA  . GLU A 1 115 ? 21.200  6.675   -4.234  1.00 57.75  ? 115 GLU A CA  1 
ATOM   939  C C   . GLU A 1 115 ? 22.066  5.697   -5.020  1.00 57.75  ? 115 GLU A C   1 
ATOM   940  O O   . GLU A 1 115 ? 21.754  5.356   -6.160  1.00 66.33  ? 115 GLU A O   1 
ATOM   941  C CB  . GLU A 1 115 ? 21.954  7.998   -4.071  1.00 66.33  ? 115 GLU A CB  1 
ATOM   942  C CG  . GLU A 1 115 ? 22.534  8.220   -2.677  1.00 66.33  ? 115 GLU A CG  1 
ATOM   943  C CD  . GLU A 1 115 ? 23.927  7.629   -2.517  1.00 66.33  ? 115 GLU A CD  1 
ATOM   944  O OE1 . GLU A 1 115 ? 24.033  6.404   -2.294  1.00 66.33  ? 115 GLU A OE1 1 
ATOM   945  O OE2 . GLU A 1 115 ? 24.914  8.389   -2.617  1.00 66.33  ? 115 GLU A OE2 1 
ATOM   946  N N   . GLU A 1 116 ? 23.163  5.261   -4.406  1.00 97.74  ? 116 GLU A N   1 
ATOM   947  C CA  . GLU A 1 116 ? 24.077  4.318   -5.040  1.00 97.74  ? 116 GLU A CA  1 
ATOM   948  C C   . GLU A 1 116 ? 23.306  3.084   -5.494  1.00 97.74  ? 116 GLU A C   1 
ATOM   949  O O   . GLU A 1 116 ? 23.436  2.643   -6.637  1.00 100.00 ? 116 GLU A O   1 
ATOM   950  C CB  . GLU A 1 116 ? 25.171  3.903   -4.053  1.00 100.00 ? 116 GLU A CB  1 
ATOM   951  C CG  . GLU A 1 116 ? 26.485  4.646   -4.219  1.00 100.00 ? 116 GLU A CG  1 
ATOM   952  C CD  . GLU A 1 116 ? 27.089  5.069   -2.889  1.00 100.00 ? 116 GLU A CD  1 
ATOM   953  O OE1 . GLU A 1 116 ? 27.711  4.220   -2.217  1.00 100.00 ? 116 GLU A OE1 1 
ATOM   954  O OE2 . GLU A 1 116 ? 26.940  6.254   -2.516  1.00 100.00 ? 116 GLU A OE2 1 
ATOM   955  N N   . VAL A 1 117 ? 22.501  2.532   -4.590  1.00 84.94  ? 117 VAL A N   1 
ATOM   956  C CA  . VAL A 1 117 ? 21.703  1.347   -4.889  1.00 84.94  ? 117 VAL A CA  1 
ATOM   957  C C   . VAL A 1 117 ? 20.528  1.710   -5.795  1.00 84.94  ? 117 VAL A C   1 
ATOM   958  O O   . VAL A 1 117 ? 19.928  0.847   -6.437  1.00 83.61  ? 117 VAL A O   1 
ATOM   959  C CB  . VAL A 1 117 ? 21.153  0.700   -3.596  1.00 83.61  ? 117 VAL A CB  1 
ATOM   960  C CG1 . VAL A 1 117 ? 20.811  -0.761  -3.855  1.00 83.61  ? 117 VAL A CG1 1 
ATOM   961  C CG2 . VAL A 1 117 ? 22.180  0.825   -2.466  1.00 83.61  ? 117 VAL A CG2 1 
ATOM   962  N N   . LYS A 1 118 ? 20.212  3.000   -5.839  1.00 88.26  ? 118 LYS A N   1 
ATOM   963  C CA  . LYS A 1 118 ? 19.120  3.514   -6.657  1.00 88.26  ? 118 LYS A CA  1 
ATOM   964  C C   . LYS A 1 118 ? 19.607  3.689   -8.096  1.00 88.26  ? 118 LYS A C   1 
ATOM   965  O O   . LYS A 1 118 ? 18.921  3.324   -9.051  1.00 61.12  ? 118 LYS A O   1 
ATOM   966  C CB  . LYS A 1 118 ? 18.653  4.862   -6.089  1.00 61.12  ? 118 LYS A CB  1 
ATOM   967  C CG  . LYS A 1 118 ? 17.539  5.541   -6.871  1.00 61.12  ? 118 LYS A CG  1 
ATOM   968  C CD  . LYS A 1 118 ? 17.654  7.058   -6.780  1.00 61.12  ? 118 LYS A CD  1 
ATOM   969  C CE  . LYS A 1 118 ? 17.369  7.731   -8.121  1.00 61.12  ? 118 LYS A CE  1 
ATOM   970  N NZ  . LYS A 1 118 ? 16.875  9.137   -7.960  1.00 61.12  ? 118 LYS A NZ  1 
ATOM   971  N N   . GLU A 1 119 ? 20.811  4.239   -8.225  1.00 87.09  ? 119 GLU A N   1 
ATOM   972  C CA  . GLU A 1 119 ? 21.444  4.506   -9.513  1.00 87.09  ? 119 GLU A CA  1 
ATOM   973  C C   . GLU A 1 119 ? 21.211  3.481   -10.628 1.00 87.09  ? 119 GLU A C   1 
ATOM   974  O O   . GLU A 1 119 ? 20.634  3.811   -11.666 1.00 85.26  ? 119 GLU A O   1 
ATOM   975  C CB  . GLU A 1 119 ? 22.954  4.713   -9.308  1.00 85.26  ? 119 GLU A CB  1 
ATOM   976  C CG  . GLU A 1 119 ? 23.852  3.923   -10.263 1.00 85.26  ? 119 GLU A CG  1 
ATOM   977  C CD  . GLU A 1 119 ? 24.963  4.763   -10.869 1.00 85.26  ? 119 GLU A CD  1 
ATOM   978  O OE1 . GLU A 1 119 ? 25.272  5.836   -10.309 1.00 85.26  ? 119 GLU A OE1 1 
ATOM   979  O OE2 . GLU A 1 119 ? 25.528  4.348   -11.906 1.00 85.26  ? 119 GLU A OE2 1 
ATOM   980  N N   . GLU A 1 120 ? 21.648  2.244   -10.422 1.00 11.02  ? 120 GLU A N   1 
ATOM   981  C CA  . GLU A 1 120 ? 21.511  1.225   -11.458 1.00 11.02  ? 120 GLU A CA  1 
ATOM   982  C C   . GLU A 1 120 ? 20.293  0.313   -11.392 1.00 11.02  ? 120 GLU A C   1 
ATOM   983  O O   . GLU A 1 120 ? 20.012  -0.409  -12.349 1.00 84.48  ? 120 GLU A O   1 
ATOM   984  C CB  . GLU A 1 120 ? 22.772  0.363   -11.499 1.00 84.48  ? 120 GLU A CB  1 
ATOM   985  C CG  . GLU A 1 120 ? 23.868  0.920   -12.383 1.00 84.48  ? 120 GLU A CG  1 
ATOM   986  C CD  . GLU A 1 120 ? 25.236  0.779   -11.755 1.00 84.48  ? 120 GLU A CD  1 
ATOM   987  O OE1 . GLU A 1 120 ? 25.611  -0.361  -11.408 1.00 84.48  ? 120 GLU A OE1 1 
ATOM   988  O OE2 . GLU A 1 120 ? 25.935  1.804   -11.607 1.00 84.48  ? 120 GLU A OE2 1 
ATOM   989  N N   . TYR A 1 121 ? 19.570  0.327   -10.278 1.00 53.45  ? 121 TYR A N   1 
ATOM   990  C CA  . TYR A 1 121 ? 18.402  -0.536  -10.165 1.00 53.45  ? 121 TYR A CA  1 
ATOM   991  C C   . TYR A 1 121 ? 17.315  -0.140  -11.155 1.00 53.45  ? 121 TYR A C   1 
ATOM   992  O O   . TYR A 1 121 ? 16.517  -0.974  -11.583 1.00 100.00 ? 121 TYR A O   1 
ATOM   993  C CB  . TYR A 1 121 ? 17.841  -0.516  -8.742  1.00 100.00 ? 121 TYR A CB  1 
ATOM   994  C CG  . TYR A 1 121 ? 17.036  -1.756  -8.409  1.00 100.00 ? 121 TYR A CG  1 
ATOM   995  C CD1 . TYR A 1 121 ? 17.422  -3.012  -8.891  1.00 100.00 ? 121 TYR A CD1 1 
ATOM   996  C CD2 . TYR A 1 121 ? 15.878  -1.676  -7.632  1.00 100.00 ? 121 TYR A CD2 1 
ATOM   997  C CE1 . TYR A 1 121 ? 16.675  -4.152  -8.611  1.00 100.00 ? 121 TYR A CE1 1 
ATOM   998  C CE2 . TYR A 1 121 ? 15.124  -2.813  -7.346  1.00 100.00 ? 121 TYR A CE2 1 
ATOM   999  C CZ  . TYR A 1 121 ? 15.528  -4.046  -7.839  1.00 100.00 ? 121 TYR A CZ  1 
ATOM   1000 O OH  . TYR A 1 121 ? 14.788  -5.172  -7.553  1.00 100.00 ? 121 TYR A OH  1 
ATOM   1001 N N   . VAL A 1 122 ? 17.289  1.133   -11.531 1.00 9.11   ? 122 VAL A N   1 
ATOM   1002 C CA  . VAL A 1 122 ? 16.295  1.613   -12.478 1.00 9.11   ? 122 VAL A CA  1 
ATOM   1003 C C   . VAL A 1 122 ? 16.429  0.889   -13.816 1.00 9.11   ? 122 VAL A C   1 
ATOM   1004 O O   . VAL A 1 122 ? 15.612  1.075   -14.717 1.00 66.98  ? 122 VAL A O   1 
ATOM   1005 C CB  . VAL A 1 122 ? 16.430  3.127   -12.713 1.00 66.98  ? 122 VAL A CB  1 
ATOM   1006 C CG1 . VAL A 1 122 ? 15.129  3.674   -13.285 1.00 66.98  ? 122 VAL A CG1 1 
ATOM   1007 C CG2 . VAL A 1 122 ? 16.787  3.830   -11.405 1.00 66.98  ? 122 VAL A CG2 1 
ATOM   1008 N N   . LYS A 1 123 ? 17.471  0.071   -13.941 1.00 38.30  ? 123 LYS A N   1 
ATOM   1009 C CA  . LYS A 1 123 ? 17.708  -0.700  -15.156 1.00 38.30  ? 123 LYS A CA  1 
ATOM   1010 C C   . LYS A 1 123 ? 16.676  -1.812  -15.187 1.00 38.30  ? 123 LYS A C   1 
ATOM   1011 O O   . LYS A 1 123 ? 16.215  -2.236  -16.250 1.00 76.46  ? 123 LYS A O   1 
ATOM   1012 C CB  . LYS A 1 123 ? 19.111  -1.308  -15.129 1.00 76.46  ? 123 LYS A CB  1 
ATOM   1013 C CG  . LYS A 1 123 ? 19.191  -2.711  -15.723 1.00 76.46  ? 123 LYS A CG  1 
ATOM   1014 C CD  . LYS A 1 123 ? 20.186  -2.763  -16.868 1.00 76.46  ? 123 LYS A CD  1 
ATOM   1015 C CE  . LYS A 1 123 ? 19.628  -3.521  -18.065 1.00 76.46  ? 123 LYS A CE  1 
ATOM   1016 N NZ  . LYS A 1 123 ? 20.624  -4.484  -18.622 1.00 76.46  ? 123 LYS A NZ  1 
ATOM   1017 N N   . GLU A 1 124 ? 16.326  -2.281  -13.995 1.00 29.31  ? 124 GLU A N   1 
ATOM   1018 C CA  . GLU A 1 124 ? 15.351  -3.345  -13.837 1.00 29.31  ? 124 GLU A CA  1 
ATOM   1019 C C   . GLU A 1 124 ? 13.952  -2.772  -13.644 1.00 29.31  ? 124 GLU A C   1 
ATOM   1020 O O   . GLU A 1 124 ? 12.962  -3.428  -13.967 1.00 63.26  ? 124 GLU A O   1 
ATOM   1021 C CB  . GLU A 1 124 ? 15.726  -4.226  -12.641 1.00 63.26  ? 124 GLU A CB  1 
ATOM   1022 C CG  . GLU A 1 124 ? 17.013  -5.006  -12.840 1.00 63.26  ? 124 GLU A CG  1 
ATOM   1023 C CD  . GLU A 1 124 ? 16.933  -5.983  -14.002 1.00 63.26  ? 124 GLU A CD  1 
ATOM   1024 O OE1 . GLU A 1 124 ? 15.815  -6.218  -14.509 1.00 63.26  ? 124 GLU A OE1 1 
ATOM   1025 O OE2 . GLU A 1 124 ? 17.988  -6.518  -14.406 1.00 63.26  ? 124 GLU A OE2 1 
ATOM   1026 N N   . LEU A 1 125 ? 13.876  -1.546  -13.130 1.00 48.57  ? 125 LEU A N   1 
ATOM   1027 C CA  . LEU A 1 125 ? 12.588  -0.896  -12.896 1.00 48.57  ? 125 LEU A CA  1 
ATOM   1028 C C   . LEU A 1 125 ? 11.664  -0.911  -14.116 1.00 48.57  ? 125 LEU A C   1 
ATOM   1029 O O   . LEU A 1 125 ? 10.453  -1.062  -13.973 1.00 30.62  ? 125 LEU A O   1 
ATOM   1030 C CB  . LEU A 1 125 ? 12.787  0.544   -12.408 1.00 30.62  ? 125 LEU A CB  1 
ATOM   1031 C CG  . LEU A 1 125 ? 11.893  0.913   -11.216 1.00 30.62  ? 125 LEU A CG  1 
ATOM   1032 C CD1 . LEU A 1 125 ? 12.545  1.983   -10.352 1.00 30.62  ? 125 LEU A CD1 1 
ATOM   1033 C CD2 . LEU A 1 125 ? 10.554  1.398   -11.739 1.00 30.62  ? 125 LEU A CD2 1 
ATOM   1034 N N   . PRO A 1 126 ? 12.213  -0.739  -15.330 1.00 11.27  ? 126 PRO A N   1 
ATOM   1035 C CA  . PRO A 1 126 ? 11.316  -0.770  -16.489 1.00 11.27  ? 126 PRO A CA  1 
ATOM   1036 C C   . PRO A 1 126 ? 10.947  -2.227  -16.735 1.00 11.27  ? 126 PRO A C   1 
ATOM   1037 O O   . PRO A 1 126 ? 9.805   -2.554  -17.051 1.00 58.04  ? 126 PRO A O   1 
ATOM   1038 C CB  . PRO A 1 126 ? 12.167  -0.201  -17.616 1.00 58.04  ? 126 PRO A CB  1 
ATOM   1039 C CG  . PRO A 1 126 ? 13.558  -0.567  -17.236 1.00 58.04  ? 126 PRO A CG  1 
ATOM   1040 C CD  . PRO A 1 126 ? 13.613  -0.516  -15.728 1.00 58.04  ? 126 PRO A CD  1 
ATOM   1041 N N   . LYS A 1 127 ? 11.939  -3.098  -16.568 1.00 98.63  ? 127 LYS A N   1 
ATOM   1042 C CA  . LYS A 1 127 ? 11.760  -4.533  -16.755 1.00 98.63  ? 127 LYS A CA  1 
ATOM   1043 C C   . LYS A 1 127 ? 10.602  -5.056  -15.904 1.00 98.63  ? 127 LYS A C   1 
ATOM   1044 O O   . LYS A 1 127 ? 9.682   -5.694  -16.418 1.00 100.00 ? 127 LYS A O   1 
ATOM   1045 C CB  . LYS A 1 127 ? 13.054  -5.279  -16.394 1.00 100.00 ? 127 LYS A CB  1 
ATOM   1046 C CG  . LYS A 1 127 ? 14.330  -4.675  -16.997 1.00 100.00 ? 127 LYS A CG  1 
ATOM   1047 C CD  . LYS A 1 127 ? 15.261  -5.750  -17.568 1.00 100.00 ? 127 LYS A CD  1 
ATOM   1048 C CE  . LYS A 1 127 ? 16.671  -5.207  -17.800 1.00 100.00 ? 127 LYS A CE  1 
ATOM   1049 N NZ  . LYS A 1 127 ? 17.732  -6.176  -17.389 1.00 100.00 ? 127 LYS A NZ  1 
ATOM   1050 N N   . THR A 1 128 ? 10.649  -4.785  -14.603 1.00 14.92  ? 128 THR A N   1 
ATOM   1051 C CA  . THR A 1 128 ? 9.589   -5.226  -13.707 1.00 14.92  ? 128 THR A CA  1 
ATOM   1052 C C   . THR A 1 128 ? 8.251   -4.683  -14.201 1.00 14.92  ? 128 THR A C   1 
ATOM   1053 O O   . THR A 1 128 ? 7.264   -5.418  -14.290 1.00 34.45  ? 128 THR A O   1 
ATOM   1054 C CB  . THR A 1 128 ? 9.832   -4.736  -12.258 1.00 34.45  ? 128 THR A CB  1 
ATOM   1055 O OG1 . THR A 1 128 ? 9.121   -3.511  -12.031 1.00 34.45  ? 128 THR A OG1 1 
ATOM   1056 C CG2 . THR A 1 128 ? 11.314  -4.513  -12.016 1.00 34.45  ? 128 THR A CG2 1 
ATOM   1057 N N   . LEU A 1 129 ? 8.230   -3.395  -14.532 1.00 18.70  ? 129 LEU A N   1 
ATOM   1058 C CA  . LEU A 1 129 ? 7.020   -2.751  -15.022 1.00 18.70  ? 129 LEU A CA  1 
ATOM   1059 C C   . LEU A 1 129 ? 6.776   -3.101  -16.482 1.00 18.70  ? 129 LEU A C   1 
ATOM   1060 O O   . LEU A 1 129 ? 5.807   -2.643  -17.087 1.00 5.91   ? 129 LEU A O   1 
ATOM   1061 C CB  . LEU A 1 129 ? 7.124   -1.235  -14.855 1.00 5.91   ? 129 LEU A CB  1 
ATOM   1062 C CG  . LEU A 1 129 ? 7.079   -0.774  -13.398 1.00 5.91   ? 129 LEU A CG  1 
ATOM   1063 C CD1 . LEU A 1 129 ? 7.403   0.704   -13.318 1.00 5.91   ? 129 LEU A CD1 1 
ATOM   1064 C CD2 . LEU A 1 129 ? 5.706   -1.055  -12.820 1.00 5.91   ? 129 LEU A CD2 1 
ATOM   1065 N N   . LYS A 1 130 ? 7.666   -3.911  -17.049 1.00 37.02  ? 130 LYS A N   1 
ATOM   1066 C CA  . LYS A 1 130 ? 7.522   -4.337  -18.436 1.00 37.02  ? 130 LYS A CA  1 
ATOM   1067 C C   . LYS A 1 130 ? 6.539   -5.495  -18.451 1.00 37.02  ? 130 LYS A C   1 
ATOM   1068 O O   . LYS A 1 130 ? 5.710   -5.620  -19.355 1.00 80.06  ? 130 LYS A O   1 
ATOM   1069 C CB  . LYS A 1 130 ? 8.865   -4.798  -19.013 1.00 80.06  ? 130 LYS A CB  1 
ATOM   1070 C CG  . LYS A 1 130 ? 8.758   -5.416  -20.406 1.00 80.06  ? 130 LYS A CG  1 
ATOM   1071 C CD  . LYS A 1 130 ? 7.941   -4.530  -21.344 1.00 80.06  ? 130 LYS A CD  1 
ATOM   1072 C CE  . LYS A 1 130 ? 6.897   -5.332  -22.107 1.00 80.06  ? 130 LYS A CE  1 
ATOM   1073 N NZ  . LYS A 1 130 ? 7.500   -6.505  -22.800 1.00 80.06  ? 130 LYS A NZ  1 
ATOM   1074 N N   . MET A 1 131 ? 6.645   -6.337  -17.429 1.00 47.86  ? 131 MET A N   1 
ATOM   1075 C CA  . MET A 1 131 ? 5.778   -7.493  -17.276 1.00 47.86  ? 131 MET A CA  1 
ATOM   1076 C C   . MET A 1 131 ? 4.629   -7.118  -16.349 1.00 47.86  ? 131 MET A C   1 
ATOM   1077 O O   . MET A 1 131 ? 3.591   -7.771  -16.340 1.00 47.00  ? 131 MET A O   1 
ATOM   1078 C CB  . MET A 1 131 ? 6.579   -8.669  -16.699 1.00 47.00  ? 131 MET A CB  1 
ATOM   1079 C CG  . MET A 1 131 ? 6.003   -9.296  -15.431 1.00 47.00  ? 131 MET A CG  1 
ATOM   1080 S SD  . MET A 1 131 ? 6.850   -8.780  -13.911 1.00 47.00  ? 131 MET A SD  1 
ATOM   1081 C CE  . MET A 1 131 ? 7.389   -10.372 -13.253 1.00 47.00  ? 131 MET A CE  1 
ATOM   1082 N N   . TRP A 1 132 ? 4.822   -6.061  -15.570 1.00 16.11  ? 132 TRP A N   1 
ATOM   1083 C CA  . TRP A 1 132 ? 3.795   -5.604  -14.647 1.00 16.11  ? 132 TRP A CA  1 
ATOM   1084 C C   . TRP A 1 132 ? 2.643   -4.976  -15.421 1.00 16.11  ? 132 TRP A C   1 
ATOM   1085 O O   . TRP A 1 132 ? 1.476   -5.157  -15.075 1.00 58.76  ? 132 TRP A O   1 
ATOM   1086 C CB  . TRP A 1 132 ? 4.376   -4.587  -13.665 1.00 58.76  ? 132 TRP A CB  1 
ATOM   1087 C CG  . TRP A 1 132 ? 3.968   -4.805  -12.241 1.00 58.76  ? 132 TRP A CG  1 
ATOM   1088 C CD1 . TRP A 1 132 ? 4.562   -4.276  -11.135 1.00 58.76  ? 132 TRP A CD1 1 
ATOM   1089 C CD2 . TRP A 1 132 ? 2.857   -5.585  -11.768 1.00 58.76  ? 132 TRP A CD2 1 
ATOM   1090 N NE1 . TRP A 1 132 ? 3.895   -4.671  -10.004 1.00 58.76  ? 132 TRP A NE1 1 
ATOM   1091 C CE2 . TRP A 1 132 ? 2.846   -5.473  -10.361 1.00 58.76  ? 132 TRP A CE2 1 
ATOM   1092 C CE3 . TRP A 1 132 ? 1.874   -6.362  -12.393 1.00 58.76  ? 132 TRP A CE3 1 
ATOM   1093 C CZ2 . TRP A 1 132 ? 1.885   -6.113  -9.567  1.00 58.76  ? 132 TRP A CZ2 1 
ATOM   1094 C CZ3 . TRP A 1 132 ? 0.919   -6.997  -11.604 1.00 58.76  ? 132 TRP A CZ3 1 
ATOM   1095 C CH2 . TRP A 1 132 ? 0.933   -6.867  -10.205 1.00 58.76  ? 132 TRP A CH2 1 
ATOM   1096 N N   . SER A 1 133 ? 2.976   -4.230  -16.468 1.00 82.74  ? 133 SER A N   1 
ATOM   1097 C CA  . SER A 1 133 ? 1.961   -3.590  -17.294 1.00 82.74  ? 133 SER A CA  1 
ATOM   1098 C C   . SER A 1 133 ? 1.550   -4.563  -18.393 1.00 82.74  ? 133 SER A C   1 
ATOM   1099 O O   . SER A 1 133 ? 0.369   -4.675  -18.724 1.00 51.78  ? 133 SER A O   1 
ATOM   1100 C CB  . SER A 1 133 ? 2.507   -2.298  -17.901 1.00 51.78  ? 133 SER A CB  1 
ATOM   1101 O OG  . SER A 1 133 ? 3.318   -1.614  -16.963 1.00 51.78  ? 133 SER A OG  1 
ATOM   1102 N N   . ASP A 1 134 ? 2.533   -5.269  -18.952 1.00 36.81  ? 134 ASP A N   1 
ATOM   1103 C CA  . ASP A 1 134 ? 2.269   -6.255  -19.995 1.00 36.81  ? 134 ASP A CA  1 
ATOM   1104 C C   . ASP A 1 134 ? 1.191   -7.174  -19.436 1.00 36.81  ? 134 ASP A C   1 
ATOM   1105 O O   . ASP A 1 134 ? 0.268   -7.585  -20.139 1.00 37.65  ? 134 ASP A O   1 
ATOM   1106 C CB  . ASP A 1 134 ? 3.530   -7.076  -20.288 1.00 37.65  ? 134 ASP A CB  1 
ATOM   1107 C CG  . ASP A 1 134 ? 4.011   -6.925  -21.719 1.00 37.65  ? 134 ASP A CG  1 
ATOM   1108 O OD1 . ASP A 1 134 ? 3.866   -5.822  -22.285 1.00 37.65  ? 134 ASP A OD1 1 
ATOM   1109 O OD2 . ASP A 1 134 ? 4.534   -7.912  -22.279 1.00 37.65  ? 134 ASP A OD2 1 
ATOM   1110 N N   . PHE A 1 135 ? 1.329   -7.486  -18.152 1.00 21.81  ? 135 PHE A N   1 
ATOM   1111 C CA  . PHE A 1 135 ? 0.384   -8.339  -17.457 1.00 21.81  ? 135 PHE A CA  1 
ATOM   1112 C C   . PHE A 1 135 ? -0.925  -7.582  -17.291 1.00 21.81  ? 135 PHE A C   1 
ATOM   1113 O O   . PHE A 1 135 ? -2.004  -8.161  -17.419 1.00 30.53  ? 135 PHE A O   1 
ATOM   1114 C CB  . PHE A 1 135 ? 0.936   -8.733  -16.089 1.00 30.53  ? 135 PHE A CB  1 
ATOM   1115 C CG  . PHE A 1 135 ? -0.084  -9.340  -15.184 1.00 30.53  ? 135 PHE A CG  1 
ATOM   1116 C CD1 . PHE A 1 135 ? -0.572  -10.617 -15.430 1.00 30.53  ? 135 PHE A CD1 1 
ATOM   1117 C CD2 . PHE A 1 135 ? -0.578  -8.630  -14.098 1.00 30.53  ? 135 PHE A CD2 1 
ATOM   1118 C CE1 . PHE A 1 135 ? -1.541  -11.177 -14.608 1.00 30.53  ? 135 PHE A CE1 1 
ATOM   1119 C CE2 . PHE A 1 135 ? -1.545  -9.181  -13.270 1.00 30.53  ? 135 PHE A CE2 1 
ATOM   1120 C CZ  . PHE A 1 135 ? -2.030  -10.458 -13.525 1.00 30.53  ? 135 PHE A CZ  1 
ATOM   1121 N N   . LEU A 1 136 ? -0.829  -6.287  -17.003 1.00 9.79   ? 136 LEU A N   1 
ATOM   1122 C CA  . LEU A 1 136 ? -2.018  -5.461  -16.850 1.00 9.79   ? 136 LEU A CA  1 
ATOM   1123 C C   . LEU A 1 136 ? -2.730  -5.502  -18.194 1.00 9.79   ? 136 LEU A C   1 
ATOM   1124 O O   . LEU A 1 136 ? -3.876  -5.077  -18.318 1.00 25.34  ? 136 LEU A O   1 
ATOM   1125 C CB  . LEU A 1 136 ? -1.630  -4.023  -16.500 1.00 25.34  ? 136 LEU A CB  1 
ATOM   1126 C CG  . LEU A 1 136 ? -2.700  -3.093  -15.914 1.00 25.34  ? 136 LEU A CG  1 
ATOM   1127 C CD1 . LEU A 1 136 ? -3.347  -2.326  -17.052 1.00 25.34  ? 136 LEU A CD1 1 
ATOM   1128 C CD2 . LEU A 1 136 ? -3.747  -3.880  -15.129 1.00 25.34  ? 136 LEU A CD2 1 
ATOM   1129 N N   . GLY A 1 137 ? -2.017  -6.021  -19.192 1.00 66.71  ? 137 GLY A N   1 
ATOM   1130 C CA  . GLY A 1 137 ? -2.532  -6.174  -20.543 1.00 66.71  ? 137 GLY A CA  1 
ATOM   1131 C C   . GLY A 1 137 ? -3.475  -5.133  -21.110 1.00 66.71  ? 137 GLY A C   1 
ATOM   1132 O O   . GLY A 1 137 ? -3.045  -4.183  -21.763 1.00 40.76  ? 137 GLY A O   1 
ATOM   1133 N N   . ASP A 1 138 ? -4.770  -5.319  -20.879 1.00 45.08  ? 138 ASP A N   1 
ATOM   1134 C CA  . ASP A 1 138 ? -5.768  -4.395  -21.395 1.00 45.08  ? 138 ASP A CA  1 
ATOM   1135 C C   . ASP A 1 138 ? -7.027  -4.353  -20.536 1.00 45.08  ? 138 ASP A C   1 
ATOM   1136 O O   . ASP A 1 138 ? -8.002  -3.693  -20.891 1.00 100.00 ? 138 ASP A O   1 
ATOM   1137 C CB  . ASP A 1 138 ? -6.141  -4.795  -22.825 1.00 100.00 ? 138 ASP A CB  1 
ATOM   1138 C CG  . ASP A 1 138 ? -6.684  -3.636  -23.630 1.00 100.00 ? 138 ASP A CG  1 
ATOM   1139 O OD1 . ASP A 1 138 ? -5.891  -2.735  -23.984 1.00 100.00 ? 138 ASP A OD1 1 
ATOM   1140 O OD2 . ASP A 1 138 ? -7.904  -3.623  -23.908 1.00 100.00 ? 138 ASP A OD2 1 
ATOM   1141 N N   . ARG A 1 139 ? -7.000  -5.054  -19.408 1.00 21.64  ? 139 ARG A N   1 
ATOM   1142 C CA  . ARG A 1 139 ? -8.150  -5.105  -18.509 1.00 21.64  ? 139 ARG A CA  1 
ATOM   1143 C C   . ARG A 1 139 ? -8.301  -3.871  -17.615 1.00 21.64  ? 139 ARG A C   1 
ATOM   1144 O O   . ARG A 1 139 ? -7.362  -3.097  -17.431 1.00 55.31  ? 139 ARG A O   1 
ATOM   1145 C CB  . ARG A 1 139 ? -8.073  -6.369  -17.652 1.00 55.31  ? 139 ARG A CB  1 
ATOM   1146 C CG  . ARG A 1 139 ? -8.126  -7.658  -18.461 1.00 55.31  ? 139 ARG A CG  1 
ATOM   1147 C CD  . ARG A 1 139 ? -7.431  -8.802  -17.736 1.00 55.31  ? 139 ARG A CD  1 
ATOM   1148 N NE  . ARG A 1 139 ? -8.372  -9.626  -16.980 1.00 55.31  ? 139 ARG A NE  1 
ATOM   1149 C CZ  . ARG A 1 139 ? -8.542  -10.933 -17.168 1.00 55.31  ? 139 ARG A CZ  1 
ATOM   1150 N NH1 . ARG A 1 139 ? -7.833  -11.572 -18.090 1.00 55.31  ? 139 ARG A NH1 1 
ATOM   1151 N NH2 . ARG A 1 139 ? -9.424  -11.600 -16.436 1.00 55.31  ? 139 ARG A NH2 1 
ATOM   1152 N N   . HIS A 1 140 ? -9.497  -3.699  -17.064 1.00 50.47  ? 140 HIS A N   1 
ATOM   1153 C CA  . HIS A 1 140 ? -9.802  -2.565  -16.198 1.00 50.47  ? 140 HIS A CA  1 
ATOM   1154 C C   . HIS A 1 140 ? -8.956  -2.534  -14.926 1.00 50.47  ? 140 HIS A C   1 
ATOM   1155 O O   . HIS A 1 140 ? -8.407  -1.499  -14.549 1.00 70.93  ? 140 HIS A O   1 
ATOM   1156 C CB  . HIS A 1 140 ? -11.286 -2.596  -15.818 1.00 70.93  ? 140 HIS A CB  1 
ATOM   1157 C CG  . HIS A 1 140 ? -11.949 -1.256  -15.855 1.00 70.93  ? 140 HIS A CG  1 
ATOM   1158 N ND1 . HIS A 1 140 ? -13.073 -0.959  -15.113 1.00 70.93  ? 140 HIS A ND1 1 
ATOM   1159 C CD2 . HIS A 1 140 ? -11.648 -0.132  -16.546 1.00 70.93  ? 140 HIS A CD2 1 
ATOM   1160 C CE1 . HIS A 1 140 ? -13.434 0.290   -15.346 1.00 70.93  ? 140 HIS A CE1 1 
ATOM   1161 N NE2 . HIS A 1 140 ? -12.585 0.814   -16.213 1.00 70.93  ? 140 HIS A NE2 1 
ATOM   1162 N N   . TYR A 1 141 ? -8.861  -3.677  -14.262 1.00 62.13  ? 141 TYR A N   1 
ATOM   1163 C CA  . TYR A 1 141 ? -8.092  -3.766  -13.032 1.00 62.13  ? 141 TYR A CA  1 
ATOM   1164 C C   . TYR A 1 141 ? -7.216  -5.015  -13.007 1.00 62.13  ? 141 TYR A C   1 
ATOM   1165 O O   . TYR A 1 141 ? -7.425  -5.952  -13.779 1.00 33.52  ? 141 TYR A O   1 
ATOM   1166 C CB  . TYR A 1 141 ? -9.041  -3.753  -11.837 1.00 33.52  ? 141 TYR A CB  1 
ATOM   1167 C CG  . TYR A 1 141 ? -9.872  -2.493  -11.746 1.00 33.52  ? 141 TYR A CG  1 
ATOM   1168 C CD1 . TYR A 1 141 ? -11.045 -2.353  -12.486 1.00 33.52  ? 141 TYR A CD1 1 
ATOM   1169 C CD2 . TYR A 1 141 ? -9.489  -1.441  -10.916 1.00 33.52  ? 141 TYR A CD2 1 
ATOM   1170 C CE1 . TYR A 1 141 ? -11.819 -1.193  -12.401 1.00 33.52  ? 141 TYR A CE1 1 
ATOM   1171 C CE2 . TYR A 1 141 ? -10.254 -0.280  -10.824 1.00 33.52  ? 141 TYR A CE2 1 
ATOM   1172 C CZ  . TYR A 1 141 ? -11.415 -0.163  -11.567 1.00 33.52  ? 141 TYR A CZ  1 
ATOM   1173 O OH  . TYR A 1 141 ? -12.170 0.981   -11.466 1.00 33.52  ? 141 TYR A OH  1 
ATOM   1174 N N   . LEU A 1 142 ? -6.237  -5.017  -12.109 1.00 26.72  ? 142 LEU A N   1 
ATOM   1175 C CA  . LEU A 1 142 ? -5.298  -6.127  -11.974 1.00 26.72  ? 142 LEU A CA  1 
ATOM   1176 C C   . LEU A 1 142 ? -5.886  -7.523  -12.180 1.00 26.72  ? 142 LEU A C   1 
ATOM   1177 O O   . LEU A 1 142 ? -5.474  -8.250  -13.089 1.00 29.97  ? 142 LEU A O   1 
ATOM   1178 C CB  . LEU A 1 142 ? -4.616  -6.062  -10.605 1.00 29.97  ? 142 LEU A CB  1 
ATOM   1179 C CG  . LEU A 1 142 ? -3.128  -6.422  -10.511 1.00 29.97  ? 142 LEU A CG  1 
ATOM   1180 C CD1 . LEU A 1 142 ? -2.417  -6.078  -11.813 1.00 29.97  ? 142 LEU A CD1 1 
ATOM   1181 C CD2 . LEU A 1 142 ? -2.499  -5.662  -9.348  1.00 29.97  ? 142 LEU A CD2 1 
ATOM   1182 N N   . THR A 1 143 ? -6.851  -7.892  -11.341 1.00 47.27  ? 143 THR A N   1 
ATOM   1183 C CA  . THR A 1 143 ? -7.475  -9.217  -11.388 1.00 47.27  ? 143 THR A CA  1 
ATOM   1184 C C   . THR A 1 143 ? -8.716  -9.417  -12.266 1.00 47.27  ? 143 THR A C   1 
ATOM   1185 O O   . THR A 1 143 ? -9.501  -10.326 -11.998 1.00 55.35  ? 143 THR A O   1 
ATOM   1186 C CB  . THR A 1 143 ? -7.862  -9.690  -9.964  1.00 55.35  ? 143 THR A CB  1 
ATOM   1187 O OG1 . THR A 1 143 ? -8.339  -8.579  -9.196  1.00 55.35  ? 143 THR A OG1 1 
ATOM   1188 C CG2 . THR A 1 143 ? -6.669  -10.291 -9.262  1.00 55.35  ? 143 THR A CG2 1 
ATOM   1189 N N   . GLY A 1 144 ? -8.896  -8.601  -13.304 1.00 59.41  ? 144 GLY A N   1 
ATOM   1190 C CA  . GLY A 1 144 ? -10.068 -8.760  -14.159 1.00 59.41  ? 144 GLY A CA  1 
ATOM   1191 C C   . GLY A 1 144 ? -10.839 -7.491  -14.513 1.00 59.41  ? 144 GLY A C   1 
ATOM   1192 O O   . GLY A 1 144 ? -10.482 -6.787  -15.460 1.00 35.98  ? 144 GLY A O   1 
ATOM   1193 N N   . SER A 1 145 ? -11.906 -7.195  -13.774 1.00 28.96  ? 145 SER A N   1 
ATOM   1194 C CA  . SER A 1 145 ? -12.700 -6.000  -14.052 1.00 28.96  ? 145 SER A CA  1 
ATOM   1195 C C   . SER A 1 145 ? -13.262 -5.305  -12.811 1.00 28.96  ? 145 SER A C   1 
ATOM   1196 O O   . SER A 1 145 ? -14.021 -4.347  -12.931 1.00 31.42  ? 145 SER A O   1 
ATOM   1197 C CB  . SER A 1 145 ? -13.848 -6.339  -15.013 1.00 31.42  ? 145 SER A CB  1 
ATOM   1198 O OG  . SER A 1 145 ? -15.100 -5.917  -14.494 1.00 31.42  ? 145 SER A OG  1 
ATOM   1199 N N   . SER A 1 146 ? -12.898 -5.782  -11.624 1.00 33.03  ? 146 SER A N   1 
ATOM   1200 C CA  . SER A 1 146 ? -13.377 -5.167  -10.388 1.00 33.03  ? 146 SER A CA  1 
ATOM   1201 C C   . SER A 1 146 ? -12.252 -4.953  -9.374  1.00 33.03  ? 146 SER A C   1 
ATOM   1202 O O   . SER A 1 146 ? -11.517 -5.879  -9.041  1.00 47.67  ? 146 SER A O   1 
ATOM   1203 C CB  . SER A 1 146 ? -14.482 -6.013  -9.755  1.00 47.67  ? 146 SER A CB  1 
ATOM   1204 O OG  . SER A 1 146 ? -15.591 -5.206  -9.398  1.00 47.67  ? 146 SER A OG  1 
ATOM   1205 N N   . VAL A 1 147 ? -12.139 -3.726  -8.879  1.00 13.78  ? 147 VAL A N   1 
ATOM   1206 C CA  . VAL A 1 147 ? -11.107 -3.360  -7.924  1.00 13.78  ? 147 VAL A CA  1 
ATOM   1207 C C   . VAL A 1 147 ? -11.023 -4.254  -6.695  1.00 13.78  ? 147 VAL A C   1 
ATOM   1208 O O   . VAL A 1 147 ? -11.894 -4.209  -5.827  1.00 80.00  ? 147 VAL A O   1 
ATOM   1209 C CB  . VAL A 1 147 ? -11.301 -1.923  -7.433  1.00 80.00  ? 147 VAL A CB  1 
ATOM   1210 C CG1 . VAL A 1 147 ? -9.995  -1.171  -7.509  1.00 80.00  ? 147 VAL A CG1 1 
ATOM   1211 C CG2 . VAL A 1 147 ? -12.377 -1.232  -8.250  1.00 80.00  ? 147 VAL A CG2 1 
ATOM   1212 N N   . SER A 1 148 ? -9.964  -5.056  -6.621  1.00 62.07  ? 148 SER A N   1 
ATOM   1213 C CA  . SER A 1 148 ? -9.742  -5.947  -5.486  1.00 62.07  ? 148 SER A CA  1 
ATOM   1214 C C   . SER A 1 148 ? -8.636  -5.360  -4.616  1.00 62.07  ? 148 SER A C   1 
ATOM   1215 O O   . SER A 1 148 ? -7.924  -4.450  -5.038  1.00 46.88  ? 148 SER A O   1 
ATOM   1216 C CB  . SER A 1 148 ? -9.334  -7.343  -5.968  1.00 46.88  ? 148 SER A CB  1 
ATOM   1217 O OG  . SER A 1 148 ? -7.955  -7.395  -6.282  1.00 46.88  ? 148 SER A OG  1 
ATOM   1218 N N   . HIS A 1 149 ? -8.494  -5.884  -3.403  1.00 32.86  ? 149 HIS A N   1 
ATOM   1219 C CA  . HIS A 1 149 ? -7.486  -5.400  -2.467  1.00 32.86  ? 149 HIS A CA  1 
ATOM   1220 C C   . HIS A 1 149 ? -6.081  -5.262  -3.040  1.00 32.86  ? 149 HIS A C   1 
ATOM   1221 O O   . HIS A 1 149 ? -5.344  -4.355  -2.660  1.00 50.76  ? 149 HIS A O   1 
ATOM   1222 C CB  . HIS A 1 149 ? -7.475  -6.284  -1.208  1.00 50.76  ? 149 HIS A CB  1 
ATOM   1223 C CG  . HIS A 1 149 ? -6.409  -7.338  -1.194  1.00 50.76  ? 149 HIS A CG  1 
ATOM   1224 N ND1 . HIS A 1 149 ? -6.328  -8.339  -2.142  1.00 50.76  ? 149 HIS A ND1 1 
ATOM   1225 C CD2 . HIS A 1 149 ? -5.404  -7.575  -0.313  1.00 50.76  ? 149 HIS A CD2 1 
ATOM   1226 C CE1 . HIS A 1 149 ? -5.326  -9.146  -1.843  1.00 50.76  ? 149 HIS A CE1 1 
ATOM   1227 N NE2 . HIS A 1 149 ? -4.748  -8.707  -0.743  1.00 50.76  ? 149 HIS A NE2 1 
ATOM   1228 N N   . VAL A 1 150 ? -5.710  -6.145  -3.959  1.00 13.00  ? 150 VAL A N   1 
ATOM   1229 C CA  . VAL A 1 150 ? -4.379  -6.089  -4.552  1.00 13.00  ? 150 VAL A CA  1 
ATOM   1230 C C   . VAL A 1 150 ? -4.167  -4.863  -5.439  1.00 13.00  ? 150 VAL A C   1 
ATOM   1231 O O   . VAL A 1 150 ? -3.036  -4.401  -5.608  1.00 57.40  ? 150 VAL A O   1 
ATOM   1232 C CB  . VAL A 1 150 ? -4.093  -7.334  -5.420  1.00 57.40  ? 150 VAL A CB  1 
ATOM   1233 C CG1 . VAL A 1 150 ? -2.617  -7.449  -5.683  1.00 57.40  ? 150 VAL A CG1 1 
ATOM   1234 C CG2 . VAL A 1 150 ? -4.588  -8.588  -4.733  1.00 57.40  ? 150 VAL A CG2 1 
ATOM   1235 N N   . ASP A 1 151 ? -5.255  -4.344  -6.003  1.00 45.21  ? 151 ASP A N   1 
ATOM   1236 C CA  . ASP A 1 151 ? -5.173  -3.191  -6.896  1.00 45.21  ? 151 ASP A CA  1 
ATOM   1237 C C   . ASP A 1 151 ? -4.650  -1.905  -6.259  1.00 45.21  ? 151 ASP A C   1 
ATOM   1238 O O   . ASP A 1 151 ? -3.983  -1.121  -6.927  1.00 21.09  ? 151 ASP A O   1 
ATOM   1239 C CB  . ASP A 1 151 ? -6.536  -2.937  -7.550  1.00 21.09  ? 151 ASP A CB  1 
ATOM   1240 C CG  . ASP A 1 151 ? -6.702  -3.680  -8.873  1.00 21.09  ? 151 ASP A CG  1 
ATOM   1241 O OD1 . ASP A 1 151 ? -6.194  -3.188  -9.903  1.00 21.09  ? 151 ASP A OD1 1 
ATOM   1242 O OD2 . ASP A 1 151 ? -7.341  -4.752  -8.876  1.00 21.09  ? 151 ASP A OD2 1 
ATOM   1243 N N   . PHE A 1 152 ? -4.948  -1.675  -4.984  1.00 27.79  ? 152 PHE A N   1 
ATOM   1244 C CA  . PHE A 1 152 ? -4.448  -0.471  -4.319  1.00 27.79  ? 152 PHE A CA  1 
ATOM   1245 C C   . PHE A 1 152 ? -3.015  -0.700  -3.868  1.00 27.79  ? 152 PHE A C   1 
ATOM   1246 O O   . PHE A 1 152 ? -2.295  0.242   -3.544  1.00 35.72  ? 152 PHE A O   1 
ATOM   1247 C CB  . PHE A 1 152 ? -5.299  -0.103  -3.104  1.00 35.72  ? 152 PHE A CB  1 
ATOM   1248 C CG  . PHE A 1 152 ? -6.696  0.315   -3.450  1.00 35.72  ? 152 PHE A CG  1 
ATOM   1249 C CD1 . PHE A 1 152 ? -7.183  0.183   -4.749  1.00 35.72  ? 152 PHE A CD1 1 
ATOM   1250 C CD2 . PHE A 1 152 ? -7.540  0.812   -2.467  1.00 35.72  ? 152 PHE A CD2 1 
ATOM   1251 C CE1 . PHE A 1 152 ? -8.485  0.536   -5.061  1.00 35.72  ? 152 PHE A CE1 1 
ATOM   1252 C CE2 . PHE A 1 152 ? -8.846  1.170   -2.764  1.00 35.72  ? 152 PHE A CE2 1 
ATOM   1253 C CZ  . PHE A 1 152 ? -9.321  1.030   -4.065  1.00 35.72  ? 152 PHE A CZ  1 
ATOM   1254 N N   . MET A 1 153 ? -2.612  -1.965  -3.836  1.00 39.84  ? 153 MET A N   1 
ATOM   1255 C CA  . MET A 1 153 ? -1.252  -2.319  -3.456  1.00 39.84  ? 153 MET A CA  1 
ATOM   1256 C C   . MET A 1 153 ? -0.348  -1.768  -4.556  1.00 39.84  ? 153 MET A C   1 
ATOM   1257 O O   . MET A 1 153 ? 0.561   -0.974  -4.303  1.00 34.96  ? 153 MET A O   1 
ATOM   1258 C CB  . MET A 1 153 ? -1.101  -3.845  -3.379  1.00 34.96  ? 153 MET A CB  1 
ATOM   1259 C CG  . MET A 1 153 ? -0.324  -4.350  -2.166  1.00 34.96  ? 153 MET A CG  1 
ATOM   1260 S SD  . MET A 1 153 ? -0.794  -6.016  -1.663  1.00 34.96  ? 153 MET A SD  1 
ATOM   1261 C CE  . MET A 1 153 ? -2.446  -5.709  -1.085  1.00 34.96  ? 153 MET A CE  1 
ATOM   1262 N N   . LEU A 1 154 ? -0.630  -2.196  -5.784  1.00 26.30  ? 154 LEU A N   1 
ATOM   1263 C CA  . LEU A 1 154 ? 0.122   -1.786  -6.961  1.00 26.30  ? 154 LEU A CA  1 
ATOM   1264 C C   . LEU A 1 154 ? -0.086  -0.326  -7.342  1.00 26.30  ? 154 LEU A C   1 
ATOM   1265 O O   . LEU A 1 154 ? 0.668   0.221   -8.142  1.00 9.45   ? 154 LEU A O   1 
ATOM   1266 C CB  . LEU A 1 154 ? -0.250  -2.666  -8.154  1.00 9.45   ? 154 LEU A CB  1 
ATOM   1267 C CG  . LEU A 1 154 ? 0.512   -2.413  -9.456  1.00 9.45   ? 154 LEU A CG  1 
ATOM   1268 C CD1 . LEU A 1 154 ? 2.010   -2.473  -9.215  1.00 9.45   ? 154 LEU A CD1 1 
ATOM   1269 C CD2 . LEU A 1 154 ? 0.105   -3.450  -10.476 1.00 9.45   ? 154 LEU A CD2 1 
ATOM   1270 N N   . TYR A 1 155 ? -1.111  0.304   -6.781  1.00 9.85   ? 155 TYR A N   1 
ATOM   1271 C CA  . TYR A 1 155 ? -1.377  1.701   -7.091  1.00 9.85   ? 155 TYR A CA  1 
ATOM   1272 C C   . TYR A 1 155 ? -0.489  2.609   -6.256  1.00 9.85   ? 155 TYR A C   1 
ATOM   1273 O O   . TYR A 1 155 ? 0.177   3.490   -6.789  1.00 10.31  ? 155 TYR A O   1 
ATOM   1274 C CB  . TYR A 1 155 ? -2.852  2.042   -6.839  1.00 10.31  ? 155 TYR A CB  1 
ATOM   1275 C CG  . TYR A 1 155 ? -3.108  3.496   -6.510  1.00 10.31  ? 155 TYR A CG  1 
ATOM   1276 C CD1 . TYR A 1 155 ? -3.047  3.948   -5.197  1.00 10.31  ? 155 TYR A CD1 1 
ATOM   1277 C CD2 . TYR A 1 155 ? -3.421  4.414   -7.509  1.00 10.31  ? 155 TYR A CD2 1 
ATOM   1278 C CE1 . TYR A 1 155 ? -3.289  5.276   -4.881  1.00 10.31  ? 155 TYR A CE1 1 
ATOM   1279 C CE2 . TYR A 1 155 ? -3.666  5.751   -7.201  1.00 10.31  ? 155 TYR A CE2 1 
ATOM   1280 C CZ  . TYR A 1 155 ? -3.597  6.167   -5.884  1.00 10.31  ? 155 TYR A CZ  1 
ATOM   1281 O OH  . TYR A 1 155 ? -3.841  7.477   -5.553  1.00 10.31  ? 155 TYR A OH  1 
ATOM   1282 N N   . GLU A 1 156 ? -0.468  2.384   -4.947  1.00 5.08   ? 156 GLU A N   1 
ATOM   1283 C CA  . GLU A 1 156 ? 0.342   3.209   -4.064  1.00 5.08   ? 156 GLU A CA  1 
ATOM   1284 C C   . GLU A 1 156 ? 1.829   3.038   -4.310  1.00 5.08   ? 156 GLU A C   1 
ATOM   1285 O O   . GLU A 1 156 ? 2.634   3.831   -3.830  1.00 23.07  ? 156 GLU A O   1 
ATOM   1286 C CB  . GLU A 1 156 ? 0.029   2.916   -2.603  1.00 23.07  ? 156 GLU A CB  1 
ATOM   1287 C CG  . GLU A 1 156 ? -0.669  4.067   -1.904  1.00 23.07  ? 156 GLU A CG  1 
ATOM   1288 C CD  . GLU A 1 156 ? 0.303   5.082   -1.324  1.00 23.07  ? 156 GLU A CD  1 
ATOM   1289 O OE1 . GLU A 1 156 ? 1.395   4.672   -0.867  1.00 23.07  ? 156 GLU A OE1 1 
ATOM   1290 O OE2 . GLU A 1 156 ? -0.031  6.288   -1.322  1.00 23.07  ? 156 GLU A OE2 1 
ATOM   1291 N N   . THR A 1 157 ? 2.199   2.000   -5.051  1.00 2.00   ? 157 THR A N   1 
ATOM   1292 C CA  . THR A 1 157 ? 3.605   1.777   -5.346  1.00 2.00   ? 157 THR A CA  1 
ATOM   1293 C C   . THR A 1 157 ? 3.967   2.628   -6.555  1.00 2.00   ? 157 THR A C   1 
ATOM   1294 O O   . THR A 1 157 ? 5.074   3.166   -6.648  1.00 64.15  ? 157 THR A O   1 
ATOM   1295 C CB  . THR A 1 157 ? 3.894   0.301   -5.666  1.00 64.15  ? 157 THR A CB  1 
ATOM   1296 O OG1 . THR A 1 157 ? 3.260   -0.049  -6.902  1.00 64.15  ? 157 THR A OG1 1 
ATOM   1297 C CG2 . THR A 1 157 ? 3.376   -0.599  -4.557  1.00 64.15  ? 157 THR A CG2 1 
ATOM   1298 N N   . LEU A 1 158 ? 3.019   2.752   -7.475  1.00 5.86   ? 158 LEU A N   1 
ATOM   1299 C CA  . LEU A 1 158 ? 3.212   3.550   -8.675  1.00 5.86   ? 158 LEU A CA  1 
ATOM   1300 C C   . LEU A 1 158 ? 3.239   5.029   -8.304  1.00 5.86   ? 158 LEU A C   1 
ATOM   1301 O O   . LEU A 1 158 ? 4.192   5.742   -8.612  1.00 28.33  ? 158 LEU A O   1 
ATOM   1302 C CB  . LEU A 1 158 ? 2.080   3.283   -9.670  1.00 28.33  ? 158 LEU A CB  1 
ATOM   1303 C CG  . LEU A 1 158 ? 2.155   1.989   -10.480 1.00 28.33  ? 158 LEU A CG  1 
ATOM   1304 C CD1 . LEU A 1 158 ? 1.269   2.135   -11.701 1.00 28.33  ? 158 LEU A CD1 1 
ATOM   1305 C CD2 . LEU A 1 158 ? 3.585   1.684   -10.899 1.00 28.33  ? 158 LEU A CD2 1 
ATOM   1306 N N   . ASP A 1 159 ? 2.187   5.493   -7.639  1.00 9.07   ? 159 ASP A N   1 
ATOM   1307 C CA  . ASP A 1 159 ? 2.134   6.883   -7.220  1.00 9.07   ? 159 ASP A CA  1 
ATOM   1308 C C   . ASP A 1 159 ? 3.297   7.109   -6.270  1.00 9.07   ? 159 ASP A C   1 
ATOM   1309 O O   . ASP A 1 159 ? 3.590   8.241   -5.891  1.00 63.09  ? 159 ASP A O   1 
ATOM   1310 C CB  . ASP A 1 159 ? 0.818   7.190   -6.506  1.00 63.09  ? 159 ASP A CB  1 
ATOM   1311 C CG  . ASP A 1 159 ? 0.607   8.681   -6.280  1.00 63.09  ? 159 ASP A CG  1 
ATOM   1312 O OD1 . ASP A 1 159 ? 0.043   9.341   -7.176  1.00 63.09  ? 159 ASP A OD1 1 
ATOM   1313 O OD2 . ASP A 1 159 ? 1.002   9.193   -5.207  1.00 63.09  ? 159 ASP A OD2 1 
ATOM   1314 N N   . SER A 1 160 ? 3.956   6.020   -5.886  1.00 52.48  ? 160 SER A N   1 
ATOM   1315 C CA  . SER A 1 160 ? 5.109   6.096   -4.994  1.00 52.48  ? 160 SER A CA  1 
ATOM   1316 C C   . SER A 1 160 ? 6.346   6.431   -5.820  1.00 52.48  ? 160 SER A C   1 
ATOM   1317 O O   . SER A 1 160 ? 7.210   7.193   -5.379  1.00 65.82  ? 160 SER A O   1 
ATOM   1318 C CB  . SER A 1 160 ? 5.312   4.768   -4.257  1.00 65.82  ? 160 SER A CB  1 
ATOM   1319 O OG  . SER A 1 160 ? 5.457   4.978   -2.860  1.00 65.82  ? 160 SER A OG  1 
ATOM   1320 N N   . ILE A 1 161 ? 6.426   5.855   -7.017  1.00 29.28  ? 161 ILE A N   1 
ATOM   1321 C CA  . ILE A 1 161 ? 7.551   6.113   -7.904  1.00 29.28  ? 161 ILE A CA  1 
ATOM   1322 C C   . ILE A 1 161 ? 7.295   7.421   -8.659  1.00 29.28  ? 161 ILE A C   1 
ATOM   1323 O O   . ILE A 1 161 ? 8.216   8.020   -9.213  1.00 44.92  ? 161 ILE A O   1 
ATOM   1324 C CB  . ILE A 1 161 ? 7.761   4.954   -8.918  1.00 44.92  ? 161 ILE A CB  1 
ATOM   1325 C CG1 . ILE A 1 161 ? 6.413   4.430   -9.408  1.00 44.92  ? 161 ILE A CG1 1 
ATOM   1326 C CG2 . ILE A 1 161 ? 8.541   3.821   -8.268  1.00 44.92  ? 161 ILE A CG2 1 
ATOM   1327 C CD1 . ILE A 1 161 ? 6.391   4.075   -10.876 1.00 44.92  ? 161 ILE A CD1 1 
ATOM   1328 N N   . ARG A 1 162 ? 6.036   7.860   -8.663  1.00 57.26  ? 162 ARG A N   1 
ATOM   1329 C CA  . ARG A 1 162 ? 5.632   9.103   -9.323  1.00 57.26  ? 162 ARG A CA  1 
ATOM   1330 C C   . ARG A 1 162 ? 6.394   10.266  -8.684  1.00 57.26  ? 162 ARG A C   1 
ATOM   1331 O O   . ARG A 1 162 ? 6.304   11.413  -9.127  1.00 44.09  ? 162 ARG A O   1 
ATOM   1332 C CB  . ARG A 1 162 ? 4.109   9.305   -9.165  1.00 44.09  ? 162 ARG A CB  1 
ATOM   1333 C CG  . ARG A 1 162 ? 3.609   10.759  -9.205  1.00 44.09  ? 162 ARG A CG  1 
ATOM   1334 C CD  . ARG A 1 162 ? 2.149   10.870  -9.682  1.00 44.09  ? 162 ARG A CD  1 
ATOM   1335 N NE  . ARG A 1 162 ? 2.037   11.577  -10.960 1.00 44.09  ? 162 ARG A NE  1 
ATOM   1336 C CZ  . ARG A 1 162 ? 1.324   12.683  -11.163 1.00 44.09  ? 162 ARG A CZ  1 
ATOM   1337 N NH1 . ARG A 1 162 ? 0.649   13.244  -10.169 1.00 44.09  ? 162 ARG A NH1 1 
ATOM   1338 N NH2 . ARG A 1 162 ? 1.308   13.244  -12.366 1.00 44.09  ? 162 ARG A NH2 1 
ATOM   1339 N N   . TYR A 1 163 ? 7.163   9.947   -7.649  1.00 11.72  ? 163 TYR A N   1 
ATOM   1340 C CA  . TYR A 1 163 ? 7.924   10.951  -6.925  1.00 11.72  ? 163 TYR A CA  1 
ATOM   1341 C C   . TYR A 1 163 ? 9.441   10.808  -7.039  1.00 11.72  ? 163 TYR A C   1 
ATOM   1342 O O   . TYR A 1 163 ? 10.183  11.602  -6.465  1.00 40.88  ? 163 TYR A O   1 
ATOM   1343 C CB  . TYR A 1 163 ? 7.492   10.941  -5.457  1.00 40.88  ? 163 TYR A CB  1 
ATOM   1344 C CG  . TYR A 1 163 ? 6.138   11.584  -5.220  1.00 40.88  ? 163 TYR A CG  1 
ATOM   1345 C CD1 . TYR A 1 163 ? 5.031   11.248  -6.004  1.00 40.88  ? 163 TYR A CD1 1 
ATOM   1346 C CD2 . TYR A 1 163 ? 5.967   12.541  -4.222  1.00 40.88  ? 163 TYR A CD2 1 
ATOM   1347 C CE1 . TYR A 1 163 ? 3.793   11.855  -5.801  1.00 40.88  ? 163 TYR A CE1 1 
ATOM   1348 C CE2 . TYR A 1 163 ? 4.735   13.153  -4.011  1.00 40.88  ? 163 TYR A CE2 1 
ATOM   1349 C CZ  . TYR A 1 163 ? 3.653   12.808  -4.802  1.00 40.88  ? 163 TYR A CZ  1 
ATOM   1350 O OH  . TYR A 1 163 ? 2.435   13.417  -4.597  1.00 40.88  ? 163 TYR A OH  1 
ATOM   1351 N N   . LEU A 1 164 ? 9.907   9.800   -7.771  1.00 9.62   ? 164 LEU A N   1 
ATOM   1352 C CA  . LEU A 1 164 ? 11.347  9.612   -7.956  1.00 9.62   ? 164 LEU A CA  1 
ATOM   1353 C C   . LEU A 1 164 ? 11.701  8.713   -9.130  1.00 9.62   ? 164 LEU A C   1 
ATOM   1354 O O   . LEU A 1 164 ? 12.746  8.059   -9.136  1.00 82.77  ? 164 LEU A O   1 
ATOM   1355 C CB  . LEU A 1 164 ? 11.999  9.062   -6.691  1.00 82.77  ? 164 LEU A CB  1 
ATOM   1356 C CG  . LEU A 1 164 ? 13.464  9.476   -6.510  1.00 82.77  ? 164 LEU A CG  1 
ATOM   1357 C CD1 . LEU A 1 164 ? 13.534  10.864  -5.882  1.00 82.77  ? 164 LEU A CD1 1 
ATOM   1358 C CD2 . LEU A 1 164 ? 14.182  8.453   -5.645  1.00 82.77  ? 164 LEU A CD2 1 
ATOM   1359 N N   . ALA A 1 165 ? 10.818  8.689   -10.120 1.00 58.69  ? 165 ALA A N   1 
ATOM   1360 C CA  . ALA A 1 165 ? 11.014  7.907   -11.332 1.00 58.69  ? 165 ALA A CA  1 
ATOM   1361 C C   . ALA A 1 165 ? 9.938   8.241   -12.367 1.00 58.69  ? 165 ALA A C   1 
ATOM   1362 O O   . ALA A 1 165 ? 9.635   7.420   -13.238 1.00 25.93  ? 165 ALA A O   1 
ATOM   1363 C CB  . ALA A 1 165 ? 10.986  6.418   -11.006 1.00 25.93  ? 165 ALA A CB  1 
ATOM   1364 N N   . PRO A 1 166 ? 9.358   9.460   -12.299 1.00 8.38   ? 166 PRO A N   1 
ATOM   1365 C CA  . PRO A 1 166 ? 8.319   9.807   -13.275 1.00 8.38   ? 166 PRO A CA  1 
ATOM   1366 C C   . PRO A 1 166 ? 8.808   9.573   -14.695 1.00 8.38   ? 166 PRO A C   1 
ATOM   1367 O O   . PRO A 1 166 ? 8.065   9.097   -15.551 1.00 12.31  ? 166 PRO A O   1 
ATOM   1368 C CB  . PRO A 1 166 ? 8.036   11.283  -12.994 1.00 12.31  ? 166 PRO A CB  1 
ATOM   1369 C CG  . PRO A 1 166 ? 8.437   11.476  -11.573 1.00 12.31  ? 166 PRO A CG  1 
ATOM   1370 C CD  . PRO A 1 166 ? 9.628   10.585  -11.382 1.00 12.31  ? 166 PRO A CD  1 
ATOM   1371 N N   . HIS A 1 167 ? 10.072  9.912   -14.926 1.00 27.33  ? 167 HIS A N   1 
ATOM   1372 C CA  . HIS A 1 167 ? 10.709  9.738   -16.223 1.00 27.33  ? 167 HIS A CA  1 
ATOM   1373 C C   . HIS A 1 167 ? 10.371  8.348   -16.750 1.00 27.33  ? 167 HIS A C   1 
ATOM   1374 O O   . HIS A 1 167 ? 10.152  8.161   -17.949 1.00 96.20  ? 167 HIS A O   1 
ATOM   1375 C CB  . HIS A 1 167 ? 12.223  9.843   -16.068 1.00 96.20  ? 167 HIS A CB  1 
ATOM   1376 C CG  . HIS A 1 167 ? 12.826  8.640   -15.419 1.00 96.20  ? 167 HIS A CG  1 
ATOM   1377 N ND1 . HIS A 1 167 ? 12.368  8.153   -14.208 1.00 96.20  ? 167 HIS A ND1 1 
ATOM   1378 C CD2 . HIS A 1 167 ? 13.757  7.763   -15.850 1.00 96.20  ? 167 HIS A CD2 1 
ATOM   1379 C CE1 . HIS A 1 167 ? 12.993  7.026   -13.930 1.00 96.20  ? 167 HIS A CE1 1 
ATOM   1380 N NE2 . HIS A 1 167 ? 13.842  6.763   -14.908 1.00 96.20  ? 167 HIS A NE2 1 
ATOM   1381 N N   . CYS A 1 168 ? 10.340  7.375   -15.843 1.00 41.52  ? 168 CYS A N   1 
ATOM   1382 C CA  . CYS A 1 168 ? 10.047  6.002   -16.221 1.00 41.52  ? 168 CYS A CA  1 
ATOM   1383 C C   . CYS A 1 168 ? 8.590   5.627   -15.975 1.00 41.52  ? 168 CYS A C   1 
ATOM   1384 O O   . CYS A 1 168 ? 8.063   4.724   -16.626 1.00 29.32  ? 168 CYS A O   1 
ATOM   1385 C CB  . CYS A 1 168 ? 10.981  5.040   -15.481 1.00 29.32  ? 168 CYS A CB  1 
ATOM   1386 S SG  . CYS A 1 168 ? 12.455  4.558   -16.447 1.00 29.32  ? 168 CYS A SG  1 
ATOM   1387 N N   . LEU A 1 169 ? 7.938   6.314   -15.042 1.00 2.00   ? 169 LEU A N   1 
ATOM   1388 C CA  . LEU A 1 169 ? 6.535   6.028   -14.769 1.00 2.00   ? 169 LEU A CA  1 
ATOM   1389 C C   . LEU A 1 169 ? 5.769   6.254   -16.063 1.00 2.00   ? 169 LEU A C   1 
ATOM   1390 O O   . LEU A 1 169 ? 4.802   5.554   -16.354 1.00 27.25  ? 169 LEU A O   1 
ATOM   1391 C CB  . LEU A 1 169 ? 5.991   6.951   -13.676 1.00 27.25  ? 169 LEU A CB  1 
ATOM   1392 C CG  . LEU A 1 169 ? 4.477   6.929   -13.428 1.00 27.25  ? 169 LEU A CG  1 
ATOM   1393 C CD1 . LEU A 1 169 ? 3.967   5.495   -13.363 1.00 27.25  ? 169 LEU A CD1 1 
ATOM   1394 C CD2 . LEU A 1 169 ? 4.171   7.652   -12.130 1.00 27.25  ? 169 LEU A CD2 1 
ATOM   1395 N N   . ASP A 1 170 ? 6.215   7.236   -16.842 1.00 23.52  ? 170 ASP A N   1 
ATOM   1396 C CA  . ASP A 1 170 ? 5.590   7.549   -18.123 1.00 23.52  ? 170 ASP A CA  1 
ATOM   1397 C C   . ASP A 1 170 ? 6.077   6.544   -19.159 1.00 23.52  ? 170 ASP A C   1 
ATOM   1398 O O   . ASP A 1 170 ? 5.382   6.243   -20.127 1.00 43.56  ? 170 ASP A O   1 
ATOM   1399 C CB  . ASP A 1 170 ? 5.965   8.966   -18.576 1.00 43.56  ? 170 ASP A CB  1 
ATOM   1400 C CG  . ASP A 1 170 ? 5.573   10.028  -17.563 1.00 43.56  ? 170 ASP A CG  1 
ATOM   1401 O OD1 . ASP A 1 170 ? 4.644   9.776   -16.769 1.00 43.56  ? 170 ASP A OD1 1 
ATOM   1402 O OD2 . ASP A 1 170 ? 6.191   11.114  -17.560 1.00 43.56  ? 170 ASP A OD2 1 
ATOM   1403 N N   . GLU A 1 171 ? 7.278   6.025   -18.938 1.00 16.43  ? 171 GLU A N   1 
ATOM   1404 C CA  . GLU A 1 171 ? 7.874   5.053   -19.845 1.00 16.43  ? 171 GLU A CA  1 
ATOM   1405 C C   . GLU A 1 171 ? 6.913   3.920   -20.200 1.00 16.43  ? 171 GLU A C   1 
ATOM   1406 O O   . GLU A 1 171 ? 7.026   3.320   -21.270 1.00 60.79  ? 171 GLU A O   1 
ATOM   1407 C CB  . GLU A 1 171 ? 9.147   4.465   -19.231 1.00 60.79  ? 171 GLU A CB  1 
ATOM   1408 C CG  . GLU A 1 171 ? 9.650   3.212   -19.932 1.00 60.79  ? 171 GLU A CG  1 
ATOM   1409 C CD  . GLU A 1 171 ? 10.666  2.437   -19.109 1.00 60.79  ? 171 GLU A CD  1 
ATOM   1410 O OE1 . GLU A 1 171 ? 10.702  2.609   -17.871 1.00 60.79  ? 171 GLU A OE1 1 
ATOM   1411 O OE2 . GLU A 1 171 ? 11.434  1.651   -19.707 1.00 60.79  ? 171 GLU A OE2 1 
ATOM   1412 N N   . PHE A 1 172 ? 5.976   3.621   -19.305 1.00 52.17  ? 172 PHE A N   1 
ATOM   1413 C CA  . PHE A 1 172 ? 5.023   2.549   -19.560 1.00 52.17  ? 172 PHE A CA  1 
ATOM   1414 C C   . PHE A 1 172 ? 3.584   3.023   -19.682 1.00 52.17  ? 172 PHE A C   1 
ATOM   1415 O O   . PHE A 1 172 ? 2.996   3.530   -18.727 1.00 42.15  ? 172 PHE A O   1 
ATOM   1416 C CB  . PHE A 1 172 ? 5.142   1.472   -18.486 1.00 42.15  ? 172 PHE A CB  1 
ATOM   1417 C CG  . PHE A 1 172 ? 6.134   0.407   -18.834 1.00 42.15  ? 172 PHE A CG  1 
ATOM   1418 C CD1 . PHE A 1 172 ? 5.942   -0.386  -19.962 1.00 42.15  ? 172 PHE A CD1 1 
ATOM   1419 C CD2 . PHE A 1 172 ? 7.295   0.240   -18.086 1.00 42.15  ? 172 PHE A CD2 1 
ATOM   1420 C CE1 . PHE A 1 172 ? 6.891   -1.326  -20.348 1.00 42.15  ? 172 PHE A CE1 1 
ATOM   1421 C CE2 . PHE A 1 172 ? 8.251   -0.698  -18.466 1.00 42.15  ? 172 PHE A CE2 1 
ATOM   1422 C CZ  . PHE A 1 172 ? 8.049   -1.481  -19.601 1.00 42.15  ? 172 PHE A CZ  1 
ATOM   1423 N N   . PRO A 1 173 ? 2.993   2.833   -20.873 1.00 92.29  ? 173 PRO A N   1 
ATOM   1424 C CA  . PRO A 1 173 ? 1.621   3.218   -21.227 1.00 92.29  ? 173 PRO A CA  1 
ATOM   1425 C C   . PRO A 1 173 ? 0.522   2.696   -20.308 1.00 92.29  ? 173 PRO A C   1 
ATOM   1426 O O   . PRO A 1 173 ? 0.004   3.438   -19.475 1.00 26.80  ? 173 PRO A O   1 
ATOM   1427 C CB  . PRO A 1 173 ? 1.456   2.710   -22.661 1.00 26.80  ? 173 PRO A CB  1 
ATOM   1428 C CG  . PRO A 1 173 ? 2.536   1.682   -22.837 1.00 26.80  ? 173 PRO A CG  1 
ATOM   1429 C CD  . PRO A 1 173 ? 3.673   2.160   -21.994 1.00 26.80  ? 173 PRO A CD  1 
ATOM   1430 N N   . LYS A 1 174 ? 0.164   1.426   -20.474 1.00 32.05  ? 174 LYS A N   1 
ATOM   1431 C CA  . LYS A 1 174 ? -0.886  0.816   -19.665 1.00 32.05  ? 174 LYS A CA  1 
ATOM   1432 C C   . LYS A 1 174 ? -0.884  1.338   -18.232 1.00 32.05  ? 174 LYS A C   1 
ATOM   1433 O O   . LYS A 1 174 ? -1.765  2.103   -17.840 1.00 55.43  ? 174 LYS A O   1 
ATOM   1434 C CB  . LYS A 1 174 ? -0.725  -0.704  -19.649 1.00 55.43  ? 174 LYS A CB  1 
ATOM   1435 C CG  . LYS A 1 174 ? -1.647  -1.435  -20.604 1.00 55.43  ? 174 LYS A CG  1 
ATOM   1436 C CD  . LYS A 1 174 ? -0.854  -2.109  -21.707 1.00 55.43  ? 174 LYS A CD  1 
ATOM   1437 C CE  . LYS A 1 174 ? -1.439  -1.819  -23.083 1.00 55.43  ? 174 LYS A CE  1 
ATOM   1438 N NZ  . LYS A 1 174 ? -2.585  -0.869  -23.041 1.00 55.43  ? 174 LYS A NZ  1 
ATOM   1439 N N   . LEU A 1 175 ? 0.119   0.925   -17.462 1.00 82.55  ? 175 LEU A N   1 
ATOM   1440 C CA  . LEU A 1 175 ? 0.253   1.329   -16.066 1.00 82.55  ? 175 LEU A CA  1 
ATOM   1441 C C   . LEU A 1 175 ? 0.010   2.823   -15.859 1.00 82.55  ? 175 LEU A C   1 
ATOM   1442 O O   . LEU A 1 175 ? -0.435  3.243   -14.789 1.00 39.20  ? 175 LEU A O   1 
ATOM   1443 C CB  . LEU A 1 175 ? 1.648   0.954   -15.545 1.00 39.20  ? 175 LEU A CB  1 
ATOM   1444 C CG  . LEU A 1 175 ? 1.871   -0.429  -14.915 1.00 39.20  ? 175 LEU A CG  1 
ATOM   1445 C CD1 . LEU A 1 175 ? 2.537   -0.248  -13.565 1.00 39.20  ? 175 LEU A CD1 1 
ATOM   1446 C CD2 . LEU A 1 175 ? 0.560   -1.188  -14.763 1.00 39.20  ? 175 LEU A CD2 1 
ATOM   1447 N N   . LYS A 1 176 ? 0.300   3.620   -16.885 1.00 56.79  ? 176 LYS A N   1 
ATOM   1448 C CA  . LYS A 1 176 ? 0.104   5.064   -16.817 1.00 56.79  ? 176 LYS A CA  1 
ATOM   1449 C C   . LYS A 1 176 ? -1.384  5.400   -16.673 1.00 56.79  ? 176 LYS A C   1 
ATOM   1450 O O   . LYS A 1 176 ? -1.774  6.162   -15.784 1.00 44.48  ? 176 LYS A O   1 
ATOM   1451 C CB  . LYS A 1 176 ? 0.680   5.729   -18.073 1.00 44.48  ? 176 LYS A CB  1 
ATOM   1452 C CG  . LYS A 1 176 ? 0.936   7.222   -17.945 1.00 44.48  ? 176 LYS A CG  1 
ATOM   1453 C CD  . LYS A 1 176 ? 2.374   7.513   -17.548 1.00 44.48  ? 176 LYS A CD  1 
ATOM   1454 C CE  . LYS A 1 176 ? 2.464   7.941   -16.092 1.00 44.48  ? 176 LYS A CE  1 
ATOM   1455 N NZ  . LYS A 1 176 ? 1.990   9.340   -15.878 1.00 44.48  ? 176 LYS A NZ  1 
ATOM   1456 N N   . GLU A 1 177 ? -2.208  4.826   -17.551 1.00 37.94  ? 177 GLU A N   1 
ATOM   1457 C CA  . GLU A 1 177 ? -3.658  5.046   -17.526 1.00 37.94  ? 177 GLU A CA  1 
ATOM   1458 C C   . GLU A 1 177 ? -4.200  4.568   -16.185 1.00 37.94  ? 177 GLU A C   1 
ATOM   1459 O O   . GLU A 1 177 ? -5.100  5.184   -15.607 1.00 70.22  ? 177 GLU A O   1 
ATOM   1460 C CB  . GLU A 1 177 ? -4.341  4.269   -18.668 1.00 70.22  ? 177 GLU A CB  1 
ATOM   1461 C CG  . GLU A 1 177 ? -5.879  4.364   -18.693 1.00 70.22  ? 177 GLU A CG  1 
ATOM   1462 C CD  . GLU A 1 177 ? -6.522  3.680   -19.909 1.00 70.22  ? 177 GLU A CD  1 
ATOM   1463 O OE1 . GLU A 1 177 ? -5.788  3.116   -20.752 1.00 70.22  ? 177 GLU A OE1 1 
ATOM   1464 O OE2 . GLU A 1 177 ? -7.769  3.709   -20.017 1.00 70.22  ? 177 GLU A OE2 1 
ATOM   1465 N N   . PHE A 1 178 ? -3.629  3.469   -15.701 1.00 60.09  ? 178 PHE A N   1 
ATOM   1466 C CA  . PHE A 1 178 ? -4.018  2.864   -14.432 1.00 60.09  ? 178 PHE A CA  1 
ATOM   1467 C C   . PHE A 1 178 ? -4.194  3.899   -13.328 1.00 60.09  ? 178 PHE A C   1 
ATOM   1468 O O   . PHE A 1 178 ? -5.315  4.180   -12.905 1.00 20.61  ? 178 PHE A O   1 
ATOM   1469 C CB  . PHE A 1 178 ? -2.968  1.832   -14.003 1.00 20.61  ? 178 PHE A CB  1 
ATOM   1470 C CG  . PHE A 1 178 ? -3.471  0.831   -13.001 1.00 20.61  ? 178 PHE A CG  1 
ATOM   1471 C CD1 . PHE A 1 178 ? -3.779  1.222   -11.701 1.00 20.61  ? 178 PHE A CD1 1 
ATOM   1472 C CD2 . PHE A 1 178 ? -3.651  -0.497  -13.359 1.00 20.61  ? 178 PHE A CD2 1 
ATOM   1473 C CE1 . PHE A 1 178 ? -4.258  0.308   -10.770 1.00 20.61  ? 178 PHE A CE1 1 
ATOM   1474 C CE2 . PHE A 1 178 ? -4.129  -1.419  -12.438 1.00 20.61  ? 178 PHE A CE2 1 
ATOM   1475 C CZ  . PHE A 1 178 ? -4.435  -1.015  -11.139 1.00 20.61  ? 178 PHE A CZ  1 
ATOM   1476 N N   . LYS A 1 179 ? -3.077  4.454   -12.868 1.00 4.28   ? 179 LYS A N   1 
ATOM   1477 C CA  . LYS A 1 179 ? -3.067  5.450   -11.802 1.00 4.28   ? 179 LYS A CA  1 
ATOM   1478 C C   . LYS A 1 179 ? -4.292  6.365   -11.787 1.00 4.28   ? 179 LYS A C   1 
ATOM   1479 O O   . LYS A 1 179 ? -4.809  6.698   -10.723 1.00 76.35  ? 179 LYS A O   1 
ATOM   1480 C CB  . LYS A 1 179 ? -1.797  6.306   -11.896 1.00 76.35  ? 179 LYS A CB  1 
ATOM   1481 C CG  . LYS A 1 179 ? -0.652  5.846   -10.992 1.00 76.35  ? 179 LYS A CG  1 
ATOM   1482 C CD  . LYS A 1 179 ? -0.577  6.675   -9.712  1.00 76.35  ? 179 LYS A CD  1 
ATOM   1483 C CE  . LYS A 1 179 ? 0.163   7.991   -9.929  1.00 76.35  ? 179 LYS A CE  1 
ATOM   1484 N NZ  . LYS A 1 179 ? -0.747  9.165   -9.807  1.00 76.35  ? 179 LYS A NZ  1 
ATOM   1485 N N   . SER A 1 180 ? -4.756  6.764   -12.967 1.00 100.00 ? 180 SER A N   1 
ATOM   1486 C CA  . SER A 1 180 ? -5.910  7.653   -13.073 1.00 100.00 ? 180 SER A CA  1 
ATOM   1487 C C   . SER A 1 180 ? -7.239  6.989   -12.712 1.00 100.00 ? 180 SER A C   1 
ATOM   1488 O O   . SER A 1 180 ? -8.105  7.612   -12.091 1.00 59.52  ? 180 SER A O   1 
ATOM   1489 C CB  . SER A 1 180 ? -5.994  8.224   -14.490 1.00 59.52  ? 180 SER A CB  1 
ATOM   1490 O OG  . SER A 1 180 ? -5.131  9.338   -14.640 1.00 59.52  ? 180 SER A OG  1 
ATOM   1491 N N   . ARG A 1 181 ? -7.402  5.729   -13.106 1.00 64.36  ? 181 ARG A N   1 
ATOM   1492 C CA  . ARG A 1 181 ? -8.634  5.004   -12.823 1.00 64.36  ? 181 ARG A CA  1 
ATOM   1493 C C   . ARG A 1 181 ? -8.909  4.891   -11.327 1.00 64.36  ? 181 ARG A C   1 
ATOM   1494 O O   . ARG A 1 181 ? -10.014 5.187   -10.872 1.00 36.04  ? 181 ARG A O   1 
ATOM   1495 C CB  . ARG A 1 181 ? -8.591  3.605   -13.438 1.00 36.04  ? 181 ARG A CB  1 
ATOM   1496 C CG  . ARG A 1 181 ? -9.911  2.856   -13.308 1.00 36.04  ? 181 ARG A CG  1 
ATOM   1497 C CD  . ARG A 1 181 ? -10.356 2.283   -14.637 1.00 36.04  ? 181 ARG A CD  1 
ATOM   1498 N NE  . ARG A 1 181 ? -9.271  1.552   -15.279 1.00 36.04  ? 181 ARG A NE  1 
ATOM   1499 C CZ  . ARG A 1 181 ? -8.988  1.629   -16.573 1.00 36.04  ? 181 ARG A CZ  1 
ATOM   1500 N NH1 . ARG A 1 181 ? -9.709  2.410   -17.362 1.00 36.04  ? 181 ARG A NH1 1 
ATOM   1501 N NH2 . ARG A 1 181 ? -7.977  0.934   -17.076 1.00 36.04  ? 181 ARG A NH2 1 
ATOM   1502 N N   . ILE A 1 182 ? -7.915  4.449   -10.564 1.00 9.50   ? 182 ILE A N   1 
ATOM   1503 C CA  . ILE A 1 182 ? -8.097  4.327   -9.126  1.00 9.50   ? 182 ILE A CA  1 
ATOM   1504 C C   . ILE A 1 182 ? -8.449  5.715   -8.623  1.00 9.50   ? 182 ILE A C   1 
ATOM   1505 O O   . ILE A 1 182 ? -9.397  5.888   -7.862  1.00 40.82  ? 182 ILE A O   1 
ATOM   1506 C CB  . ILE A 1 182 ? -6.813  3.842   -8.427  1.00 40.82  ? 182 ILE A CB  1 
ATOM   1507 C CG1 . ILE A 1 182 ? -6.267  2.603   -9.142  1.00 40.82  ? 182 ILE A CG1 1 
ATOM   1508 C CG2 . ILE A 1 182 ? -7.105  3.530   -6.964  1.00 40.82  ? 182 ILE A CG2 1 
ATOM   1509 C CD1 . ILE A 1 182 ? -7.144  1.368   -9.006  1.00 40.82  ? 182 ILE A CD1 1 
ATOM   1510 N N   . GLU A 1 183 ? -7.688  6.705   -9.076  1.00 30.80  ? 183 GLU A N   1 
ATOM   1511 C CA  . GLU A 1 183 ? -7.916  8.093   -8.689  1.00 30.80  ? 183 GLU A CA  1 
ATOM   1512 C C   . GLU A 1 183 ? -9.315  8.508   -9.125  1.00 30.80  ? 183 GLU A C   1 
ATOM   1513 O O   . GLU A 1 183 ? -9.867  9.499   -8.642  1.00 58.18  ? 183 GLU A O   1 
ATOM   1514 C CB  . GLU A 1 183 ? -6.876  9.002   -9.354  1.00 58.18  ? 183 GLU A CB  1 
ATOM   1515 C CG  . GLU A 1 183 ? -5.693  9.376   -8.467  1.00 58.18  ? 183 GLU A CG  1 
ATOM   1516 C CD  . GLU A 1 183 ? -4.349  9.161   -9.151  1.00 58.18  ? 183 GLU A CD  1 
ATOM   1517 O OE1 . GLU A 1 183 ? -4.288  9.242   -10.397 1.00 58.18  ? 183 GLU A OE1 1 
ATOM   1518 O OE2 . GLU A 1 183 ? -3.351  8.908   -8.442  1.00 58.18  ? 183 GLU A OE2 1 
ATOM   1519 N N   . ALA A 1 184 ? -9.883  7.734   -10.040 1.00 32.17  ? 184 ALA A N   1 
ATOM   1520 C CA  . ALA A 1 184 ? -11.212 8.015   -10.559 1.00 32.17  ? 184 ALA A CA  1 
ATOM   1521 C C   . ALA A 1 184 ? -12.324 7.493   -9.653  1.00 32.17  ? 184 ALA A C   1 
ATOM   1522 O O   . ALA A 1 184 ? -13.212 8.247   -9.262  1.00 74.44  ? 184 ALA A O   1 
ATOM   1523 C CB  . ALA A 1 184 ? -11.357 7.422   -11.955 1.00 74.44  ? 184 ALA A CB  1 
ATOM   1524 N N   . LEU A 1 185 ? -12.273 6.205   -9.326  1.00 21.52  ? 185 LEU A N   1 
ATOM   1525 C CA  . LEU A 1 185 ? -13.284 5.578   -8.481  1.00 21.52  ? 185 LEU A CA  1 
ATOM   1526 C C   . LEU A 1 185 ? -13.850 6.489   -7.396  1.00 21.52  ? 185 LEU A C   1 
ATOM   1527 O O   . LEU A 1 185 ? -13.124 7.258   -6.775  1.00 8.42   ? 185 LEU A O   1 
ATOM   1528 C CB  . LEU A 1 185 ? -12.727 4.307   -7.834  1.00 8.42   ? 185 LEU A CB  1 
ATOM   1529 C CG  . LEU A 1 185 ? -12.787 3.051   -8.708  1.00 8.42   ? 185 LEU A CG  1 
ATOM   1530 C CD1 . LEU A 1 185 ? -11.812 2.016   -8.181  1.00 8.42   ? 185 LEU A CD1 1 
ATOM   1531 C CD2 . LEU A 1 185 ? -14.199 2.496   -8.730  1.00 8.42   ? 185 LEU A CD2 1 
ATOM   1532 N N   . PRO A 1 186 ? -15.170 6.401   -7.167  1.00 34.99  ? 186 PRO A N   1 
ATOM   1533 C CA  . PRO A 1 186 ? -16.001 7.135   -6.207  1.00 34.99  ? 186 PRO A CA  1 
ATOM   1534 C C   . PRO A 1 186 ? -15.311 7.650   -4.944  1.00 34.99  ? 186 PRO A C   1 
ATOM   1535 O O   . PRO A 1 186 ? -14.441 8.513   -5.018  1.00 100.00 ? 186 PRO A O   1 
ATOM   1536 C CB  . PRO A 1 186 ? -17.116 6.144   -5.894  1.00 100.00 ? 186 PRO A CB  1 
ATOM   1537 C CG  . PRO A 1 186 ? -17.293 5.386   -7.192  1.00 100.00 ? 186 PRO A CG  1 
ATOM   1538 C CD  . PRO A 1 186 ? -15.983 5.456   -7.953  1.00 100.00 ? 186 PRO A CD  1 
ATOM   1539 N N   . LYS A 1 187 ? -15.707 7.122   -3.788  1.00 22.81  ? 187 LYS A N   1 
ATOM   1540 C CA  . LYS A 1 187 ? -15.144 7.548   -2.510  1.00 22.81  ? 187 LYS A CA  1 
ATOM   1541 C C   . LYS A 1 187 ? -13.619 7.493   -2.459  1.00 22.81  ? 187 LYS A C   1 
ATOM   1542 O O   . LYS A 1 187 ? -12.996 8.198   -1.666  1.00 32.38  ? 187 LYS A O   1 
ATOM   1543 C CB  . LYS A 1 187 ? -15.733 6.712   -1.367  1.00 32.38  ? 187 LYS A CB  1 
ATOM   1544 C CG  . LYS A 1 187 ? -15.796 7.421   -0.004  1.00 32.38  ? 187 LYS A CG  1 
ATOM   1545 C CD  . LYS A 1 187 ? -15.375 8.889   -0.070  1.00 32.38  ? 187 LYS A CD  1 
ATOM   1546 C CE  . LYS A 1 187 ? -16.490 9.812   0.386   1.00 32.38  ? 187 LYS A CE  1 
ATOM   1547 N NZ  . LYS A 1 187 ? -17.539 9.947   -0.659  1.00 32.38  ? 187 LYS A NZ  1 
ATOM   1548 N N   . ILE A 1 188 ? -13.015 6.651   -3.291  1.00 16.55  ? 188 ILE A N   1 
ATOM   1549 C CA  . ILE A 1 188 ? -11.561 6.566   -3.324  1.00 16.55  ? 188 ILE A CA  1 
ATOM   1550 C C   . ILE A 1 188 ? -11.068 7.943   -3.747  1.00 16.55  ? 188 ILE A C   1 
ATOM   1551 O O   . ILE A 1 188 ? -10.206 8.540   -3.101  1.00 46.79  ? 188 ILE A O   1 
ATOM   1552 C CB  . ILE A 1 188 ? -11.072 5.510   -4.353  1.00 46.79  ? 188 ILE A CB  1 
ATOM   1553 C CG1 . ILE A 1 188 ? -10.643 4.237   -3.625  1.00 46.79  ? 188 ILE A CG1 1 
ATOM   1554 C CG2 . ILE A 1 188 ? -9.888  6.049   -5.157  1.00 46.79  ? 188 ILE A CG2 1 
ATOM   1555 C CD1 . ILE A 1 188 ? -9.436  4.423   -2.744  1.00 46.79  ? 188 ILE A CD1 1 
ATOM   1556 N N   . LYS A 1 189 ? -11.639 8.442   -4.840  1.00 75.20  ? 189 LYS A N   1 
ATOM   1557 C CA  . LYS A 1 189 ? -11.292 9.752   -5.374  1.00 75.20  ? 189 LYS A CA  1 
ATOM   1558 C C   . LYS A 1 189 ? -11.576 10.825  -4.333  1.00 75.20  ? 189 LYS A C   1 
ATOM   1559 O O   . LYS A 1 189 ? -10.739 11.683  -4.074  1.00 65.08  ? 189 LYS A O   1 
ATOM   1560 C CB  . LYS A 1 189 ? -12.100 10.032  -6.644  1.00 65.08  ? 189 LYS A CB  1 
ATOM   1561 C CG  . LYS A 1 189 ? -12.172 11.500  -7.044  1.00 65.08  ? 189 LYS A CG  1 
ATOM   1562 C CD  . LYS A 1 189 ? -13.594 11.912  -7.400  1.00 65.08  ? 189 LYS A CD  1 
ATOM   1563 C CE  . LYS A 1 189 ? -13.798 13.409  -7.224  1.00 65.08  ? 189 LYS A CE  1 
ATOM   1564 N NZ  . LYS A 1 189 ? -14.710 13.715  -6.090  1.00 65.08  ? 189 LYS A NZ  1 
ATOM   1565 N N   . ALA A 1 190 ? -12.765 10.771  -3.740  1.00 11.29  ? 190 ALA A N   1 
ATOM   1566 C CA  . ALA A 1 190 ? -13.154 11.738  -2.720  1.00 11.29  ? 190 ALA A CA  1 
ATOM   1567 C C   . ALA A 1 190 ? -12.200 11.634  -1.533  1.00 11.29  ? 190 ALA A C   1 
ATOM   1568 O O   . ALA A 1 190 ? -11.909 12.629  -0.869  1.00 53.93  ? 190 ALA A O   1 
ATOM   1569 C CB  . ALA A 1 190 ? -14.587 11.476  -2.274  1.00 53.93  ? 190 ALA A CB  1 
ATOM   1570 N N   . TYR A 1 191 ? -11.714 10.423  -1.272  1.00 32.06  ? 191 TYR A N   1 
ATOM   1571 C CA  . TYR A 1 191 ? -10.780 10.189  -0.175  1.00 32.06  ? 191 TYR A CA  1 
ATOM   1572 C C   . TYR A 1 191 ? -9.491  10.939  -0.474  1.00 32.06  ? 191 TYR A C   1 
ATOM   1573 O O   . TYR A 1 191 ? -8.870  11.510  0.419   1.00 26.04  ? 191 TYR A O   1 
ATOM   1574 C CB  . TYR A 1 191 ? -10.486 8.691   -0.024  1.00 26.04  ? 191 TYR A CB  1 
ATOM   1575 C CG  . TYR A 1 191 ? -9.446  8.361   1.030   1.00 26.04  ? 191 TYR A CG  1 
ATOM   1576 C CD1 . TYR A 1 191 ? -9.380  9.081   2.225   1.00 26.04  ? 191 TYR A CD1 1 
ATOM   1577 C CD2 . TYR A 1 191 ? -8.526  7.332   0.832   1.00 26.04  ? 191 TYR A CD2 1 
ATOM   1578 C CE1 . TYR A 1 191 ? -8.426  8.781   3.199   1.00 26.04  ? 191 TYR A CE1 1 
ATOM   1579 C CE2 . TYR A 1 191 ? -7.568  7.024   1.801   1.00 26.04  ? 191 TYR A CE2 1 
ATOM   1580 C CZ  . TYR A 1 191 ? -7.525  7.753   2.979   1.00 26.04  ? 191 TYR A CZ  1 
ATOM   1581 O OH  . TYR A 1 191 ? -6.586  7.451   3.938   1.00 26.04  ? 191 TYR A OH  1 
ATOM   1582 N N   . MET A 1 192 ? -9.103  10.930  -1.746  1.00 22.59  ? 192 MET A N   1 
ATOM   1583 C CA  . MET A 1 192 ? -7.895  11.605  -2.200  1.00 22.59  ? 192 MET A CA  1 
ATOM   1584 C C   . MET A 1 192 ? -8.078  13.117  -2.146  1.00 22.59  ? 192 MET A C   1 
ATOM   1585 O O   . MET A 1 192 ? -7.512  13.853  -2.956  1.00 54.46  ? 192 MET A O   1 
ATOM   1586 C CB  . MET A 1 192 ? -7.577  11.191  -3.634  1.00 54.46  ? 192 MET A CB  1 
ATOM   1587 C CG  . MET A 1 192 ? -7.690  9.707   -3.892  1.00 54.46  ? 192 MET A CG  1 
ATOM   1588 S SD  . MET A 1 192 ? -6.717  9.243   -5.324  1.00 54.46  ? 192 MET A SD  1 
ATOM   1589 C CE  . MET A 1 192 ? -5.117  9.935   -4.867  1.00 54.46  ? 192 MET A CE  1 
ATOM   1590 N N   . GLU A 1 193 ? -8.881  13.575  -1.195  1.00 2.00   ? 193 GLU A N   1 
ATOM   1591 C CA  . GLU A 1 193 ? -9.149  14.995  -1.048  1.00 2.00   ? 193 GLU A CA  1 
ATOM   1592 C C   . GLU A 1 193 ? -9.717  15.291  0.331   1.00 2.00   ? 193 GLU A C   1 
ATOM   1593 O O   . GLU A 1 193 ? -9.649  16.421  0.810   1.00 43.67  ? 193 GLU A O   1 
ATOM   1594 C CB  . GLU A 1 193 ? -10.140 15.451  -2.125  1.00 43.67  ? 193 GLU A CB  1 
ATOM   1595 C CG  . GLU A 1 193 ? -10.658 14.326  -3.014  1.00 43.67  ? 193 GLU A CG  1 
ATOM   1596 C CD  . GLU A 1 193 ? -11.977 14.652  -3.688  1.00 43.67  ? 193 GLU A CD  1 
ATOM   1597 O OE1 . GLU A 1 193 ? -12.814 15.345  -3.070  1.00 43.67  ? 193 GLU A OE1 1 
ATOM   1598 O OE2 . GLU A 1 193 ? -12.176 14.212  -4.840  1.00 43.67  ? 193 GLU A OE2 1 
ATOM   1599 N N   . SER A 1 194 ? -10.273 14.261  0.960   1.00 66.16  ? 194 SER A N   1 
ATOM   1600 C CA  . SER A 1 194 ? -10.879 14.377  2.282   1.00 66.16  ? 194 SER A CA  1 
ATOM   1601 C C   . SER A 1 194 ? -9.942  14.926  3.355   1.00 66.16  ? 194 SER A C   1 
ATOM   1602 O O   . SER A 1 194 ? -8.724  14.982  3.174   1.00 81.71  ? 194 SER A O   1 
ATOM   1603 C CB  . SER A 1 194 ? -11.415 13.014  2.725   1.00 81.71  ? 194 SER A CB  1 
ATOM   1604 O OG  . SER A 1 194 ? -10.601 11.963  2.235   1.00 81.71  ? 194 SER A OG  1 
ATOM   1605 N N   . LYS A 1 195 ? -10.533 15.323  4.477   1.00 55.45  ? 195 LYS A N   1 
ATOM   1606 C CA  . LYS A 1 195 ? -9.802  15.877  5.614   1.00 55.45  ? 195 LYS A CA  1 
ATOM   1607 C C   . LYS A 1 195 ? -8.883  14.845  6.275   1.00 55.45  ? 195 LYS A C   1 
ATOM   1608 O O   . LYS A 1 195 ? -8.020  15.196  7.085   1.00 42.05  ? 195 LYS A O   1 
ATOM   1609 C CB  . LYS A 1 195 ? -10.801 16.390  6.658   1.00 42.05  ? 195 LYS A CB  1 
ATOM   1610 C CG  . LYS A 1 195 ? -11.262 17.824  6.472   1.00 42.05  ? 195 LYS A CG  1 
ATOM   1611 C CD  . LYS A 1 195 ? -12.014 18.306  7.708   1.00 42.05  ? 195 LYS A CD  1 
ATOM   1612 C CE  . LYS A 1 195 ? -11.102 19.083  8.646   1.00 42.05  ? 195 LYS A CE  1 
ATOM   1613 N NZ  . LYS A 1 195 ? -11.490 18.916  10.073  1.00 42.05  ? 195 LYS A NZ  1 
ATOM   1614 N N   . ARG A 1 196 ? -9.063  13.578  5.919   1.00 19.20  ? 196 ARG A N   1 
ATOM   1615 C CA  . ARG A 1 196 ? -8.281  12.499  6.515   1.00 19.20  ? 196 ARG A CA  1 
ATOM   1616 C C   . ARG A 1 196 ? -7.400  11.715  5.544   1.00 19.20  ? 196 ARG A C   1 
ATOM   1617 O O   . ARG A 1 196 ? -7.328  10.486  5.623   1.00 73.15  ? 196 ARG A O   1 
ATOM   1618 C CB  . ARG A 1 196 ? -9.227  11.535  7.234   1.00 73.15  ? 196 ARG A CB  1 
ATOM   1619 C CG  . ARG A 1 196 ? -10.702 11.833  6.989   1.00 73.15  ? 196 ARG A CG  1 
ATOM   1620 C CD  . ARG A 1 196 ? -11.602 10.776  7.603   1.00 73.15  ? 196 ARG A CD  1 
ATOM   1621 N NE  . ARG A 1 196 ? -12.495 11.338  8.612   1.00 73.15  ? 196 ARG A NE  1 
ATOM   1622 C CZ  . ARG A 1 196 ? -13.000 10.652  9.632   1.00 73.15  ? 196 ARG A CZ  1 
ATOM   1623 N NH1 . ARG A 1 196 ? -12.696 9.370   9.791   1.00 73.15  ? 196 ARG A NH1 1 
ATOM   1624 N NH2 . ARG A 1 196 ? -13.801 11.251  10.503  1.00 73.15  ? 196 ARG A NH2 1 
ATOM   1625 N N   . PHE A 1 197 ? -6.727  12.412  4.636   1.00 52.22  ? 197 PHE A N   1 
ATOM   1626 C CA  . PHE A 1 197 ? -5.851  11.737  3.681   1.00 52.22  ? 197 PHE A CA  1 
ATOM   1627 C C   . PHE A 1 197 ? -4.391  12.042  3.980   1.00 52.22  ? 197 PHE A C   1 
ATOM   1628 O O   . PHE A 1 197 ? -4.052  13.145  4.409   1.00 27.64  ? 197 PHE A O   1 
ATOM   1629 C CB  . PHE A 1 197 ? -6.170  12.163  2.246   1.00 27.64  ? 197 PHE A CB  1 
ATOM   1630 C CG  . PHE A 1 197 ? -5.564  11.265  1.199   1.00 27.64  ? 197 PHE A CG  1 
ATOM   1631 C CD1 . PHE A 1 197 ? -4.211  11.340  0.892   1.00 27.64  ? 197 PHE A CD1 1 
ATOM   1632 C CD2 . PHE A 1 197 ? -6.345  10.329  0.532   1.00 27.64  ? 197 PHE A CD2 1 
ATOM   1633 C CE1 . PHE A 1 197 ? -3.645  10.496  -0.062  1.00 27.64  ? 197 PHE A CE1 1 
ATOM   1634 C CE2 . PHE A 1 197 ? -5.790  9.481   -0.423  1.00 27.64  ? 197 PHE A CE2 1 
ATOM   1635 C CZ  . PHE A 1 197 ? -4.438  9.563   -0.719  1.00 27.64  ? 197 PHE A CZ  1 
ATOM   1636 N N   . ILE A 1 198 ? -3.530  11.057  3.749   1.00 29.88  ? 198 ILE A N   1 
ATOM   1637 C CA  . ILE A 1 198 ? -2.104  11.224  3.985   1.00 29.88  ? 198 ILE A CA  1 
ATOM   1638 C C   . ILE A 1 198 ? -1.396  11.515  2.669   1.00 29.88  ? 198 ILE A C   1 
ATOM   1639 O O   . ILE A 1 198 ? -1.275  10.640  1.811   1.00 27.76  ? 198 ILE A O   1 
ATOM   1640 C CB  . ILE A 1 198 ? -1.502  9.958   4.624   1.00 27.76  ? 198 ILE A CB  1 
ATOM   1641 C CG1 . ILE A 1 198 ? -1.936  9.877   6.093   1.00 27.76  ? 198 ILE A CG1 1 
ATOM   1642 C CG2 . ILE A 1 198 ? 0.019   9.959   4.464   1.00 27.76  ? 198 ILE A CG2 1 
ATOM   1643 C CD1 . ILE A 1 198 ? -0.813  9.574   7.086   1.00 27.76  ? 198 ILE A CD1 1 
ATOM   1644 N N   . LYS A 1 199 ? -0.935  12.750  2.511   1.00 48.10  ? 199 LYS A N   1 
ATOM   1645 C CA  . LYS A 1 199 ? -0.246  13.148  1.292   1.00 48.10  ? 199 LYS A CA  1 
ATOM   1646 C C   . LYS A 1 199 ? 1.259   12.958  1.403   1.00 48.10  ? 199 LYS A C   1 
ATOM   1647 O O   . LYS A 1 199 ? 1.861   12.226  0.617   1.00 33.51  ? 199 LYS A O   1 
ATOM   1648 C CB  . LYS A 1 199 ? -0.553  14.609  0.965   1.00 33.51  ? 199 LYS A CB  1 
ATOM   1649 C CG  . LYS A 1 199 ? -0.253  14.986  -0.475  1.00 33.51  ? 199 LYS A CG  1 
ATOM   1650 C CD  . LYS A 1 199 ? -1.297  14.409  -1.419  1.00 33.51  ? 199 LYS A CD  1 
ATOM   1651 C CE  . LYS A 1 199 ? -0.656  13.754  -2.629  1.00 33.51  ? 199 LYS A CE  1 
ATOM   1652 N NZ  . LYS A 1 199 ? -1.074  14.429  -3.886  1.00 33.51  ? 199 LYS A NZ  1 
ATOM   1653 N N   . TRP A 1 200 ? 1.862   13.624  2.383   1.00 57.93  ? 200 TRP A N   1 
ATOM   1654 C CA  . TRP A 1 200 ? 3.301   13.541  2.607   1.00 57.93  ? 200 TRP A CA  1 
ATOM   1655 C C   . TRP A 1 200 ? 3.613   13.248  4.076   1.00 57.93  ? 200 TRP A C   1 
ATOM   1656 O O   . TRP A 1 200 ? 2.947   13.763  4.976   1.00 25.53  ? 200 TRP A O   1 
ATOM   1657 C CB  . TRP A 1 200 ? 3.968   14.855  2.187   1.00 25.53  ? 200 TRP A CB  1 
ATOM   1658 C CG  . TRP A 1 200 ? 5.397   14.717  1.746   1.00 25.53  ? 200 TRP A CG  1 
ATOM   1659 C CD1 . TRP A 1 200 ? 6.459   15.449  2.187   1.00 25.53  ? 200 TRP A CD1 1 
ATOM   1660 C CD2 . TRP A 1 200 ? 5.914   13.818  0.756   1.00 25.53  ? 200 TRP A CD2 1 
ATOM   1661 N NE1 . TRP A 1 200 ? 7.607   15.067  1.534   1.00 25.53  ? 200 TRP A NE1 1 
ATOM   1662 C CE2 . TRP A 1 200 ? 7.301   14.067  0.649   1.00 25.53  ? 200 TRP A CE2 1 
ATOM   1663 C CE3 . TRP A 1 200 ? 5.340   12.826  -0.050  1.00 25.53  ? 200 TRP A CE3 1 
ATOM   1664 C CZ2 . TRP A 1 200 ? 8.126   13.360  -0.236  1.00 25.53  ? 200 TRP A CZ2 1 
ATOM   1665 C CZ3 . TRP A 1 200 ? 6.161   12.122  -0.932  1.00 25.53  ? 200 TRP A CZ3 1 
ATOM   1666 C CH2 . TRP A 1 200 ? 7.540   12.396  -1.016  1.00 25.53  ? 200 TRP A CH2 1 
ATOM   1667 N N   . PRO A 1 201 ? 4.636   12.413  4.333   1.00 21.68  ? 201 PRO A N   1 
ATOM   1668 C CA  . PRO A 1 201 ? 5.458   11.783  3.293   1.00 21.68  ? 201 PRO A CA  1 
ATOM   1669 C C   . PRO A 1 201 ? 4.788   10.584  2.644   1.00 21.68  ? 201 PRO A C   1 
ATOM   1670 O O   . PRO A 1 201 ? 3.591   10.611  2.360   1.00 48.08  ? 201 PRO A O   1 
ATOM   1671 C CB  . PRO A 1 201 ? 6.741   11.394  4.022   1.00 48.08  ? 201 PRO A CB  1 
ATOM   1672 C CG  . PRO A 1 201 ? 6.409   11.411  5.479   1.00 48.08  ? 201 PRO A CG  1 
ATOM   1673 C CD  . PRO A 1 201 ? 5.051   12.017  5.688   1.00 48.08  ? 201 PRO A CD  1 
ATOM   1674 N N   . LEU A 1 202 ? 5.562   9.532   2.405   1.00 49.89  ? 202 LEU A N   1 
ATOM   1675 C CA  . LEU A 1 202 ? 5.028   8.325   1.783   1.00 49.89  ? 202 LEU A CA  1 
ATOM   1676 C C   . LEU A 1 202 ? 5.914   7.138   2.134   1.00 49.89  ? 202 LEU A C   1 
ATOM   1677 O O   . LEU A 1 202 ? 5.702   6.019   1.660   1.00 22.21  ? 202 LEU A O   1 
ATOM   1678 C CB  . LEU A 1 202 ? 4.948   8.513   0.260   1.00 22.21  ? 202 LEU A CB  1 
ATOM   1679 C CG  . LEU A 1 202 ? 5.856   7.720   -0.686  1.00 22.21  ? 202 LEU A CG  1 
ATOM   1680 C CD1 . LEU A 1 202 ? 5.355   7.868   -2.108  1.00 22.21  ? 202 LEU A CD1 1 
ATOM   1681 C CD2 . LEU A 1 202 ? 7.280   8.220   -0.582  1.00 22.21  ? 202 LEU A CD2 1 
ATOM   1682 N N   . ASN A 1 203 ? 6.904   7.400   2.981   1.00 27.07  ? 203 ASN A N   1 
ATOM   1683 C CA  . ASN A 1 203 ? 7.845   6.380   3.414   1.00 27.07  ? 203 ASN A CA  1 
ATOM   1684 C C   . ASN A 1 203 ? 8.228   6.555   4.883   1.00 27.07  ? 203 ASN A C   1 
ATOM   1685 O O   . ASN A 1 203 ? 8.552   5.582   5.558   1.00 40.07  ? 203 ASN A O   1 
ATOM   1686 C CB  . ASN A 1 203 ? 9.099   6.426   2.539   1.00 40.07  ? 203 ASN A CB  1 
ATOM   1687 C CG  . ASN A 1 203 ? 8.870   5.836   1.162   1.00 40.07  ? 203 ASN A CG  1 
ATOM   1688 O OD1 . ASN A 1 203 ? 7.950   5.042   0.962   1.00 40.07  ? 203 ASN A OD1 1 
ATOM   1689 N ND2 . ASN A 1 203 ? 9.704   6.222   0.203   1.00 40.07  ? 203 ASN A ND2 1 
ATOM   1690 N N   . GLY A 1 204 ? 8.188   7.791   5.378   1.00 100.00 ? 204 GLY A N   1 
ATOM   1691 C CA  . GLY A 1 204 ? 8.533   8.031   6.771   1.00 100.00 ? 204 GLY A CA  1 
ATOM   1692 C C   . GLY A 1 204 ? 9.604   9.085   6.989   1.00 100.00 ? 204 GLY A C   1 
ATOM   1693 O O   . GLY A 1 204 ? 10.696  8.985   6.428   1.00 47.58  ? 204 GLY A O   1 
ATOM   1694 N N   . TRP A 1 205 ? 9.300   10.083  7.821   1.00 76.37  ? 205 TRP A N   1 
ATOM   1695 C CA  . TRP A 1 205 ? 10.235  11.173  8.104   1.00 76.37  ? 205 TRP A CA  1 
ATOM   1696 C C   . TRP A 1 205 ? 11.689  10.734  8.130   1.00 76.37  ? 205 TRP A C   1 
ATOM   1697 O O   . TRP A 1 205 ? 12.506  11.220  7.349   1.00 47.00  ? 205 TRP A O   1 
ATOM   1698 C CB  . TRP A 1 205 ? 9.920   11.849  9.440   1.00 47.00  ? 205 TRP A CB  1 
ATOM   1699 C CG  . TRP A 1 205 ? 8.556   11.600  9.973   1.00 47.00  ? 205 TRP A CG  1 
ATOM   1700 C CD1 . TRP A 1 205 ? 7.519   12.486  10.018  1.00 47.00  ? 205 TRP A CD1 1 
ATOM   1701 C CD2 . TRP A 1 205 ? 8.089   10.405  10.602  1.00 47.00  ? 205 TRP A CD2 1 
ATOM   1702 N NE1 . TRP A 1 205 ? 6.434   11.914  10.638  1.00 47.00  ? 205 TRP A NE1 1 
ATOM   1703 C CE2 . TRP A 1 205 ? 6.760   10.630  11.009  1.00 47.00  ? 205 TRP A CE2 1 
ATOM   1704 C CE3 . TRP A 1 205 ? 8.672   9.153   10.861  1.00 47.00  ? 205 TRP A CE3 1 
ATOM   1705 C CZ2 . TRP A 1 205 ? 5.996   9.657   11.665  1.00 47.00  ? 205 TRP A CZ2 1 
ATOM   1706 C CZ3 . TRP A 1 205 ? 7.915   8.186   11.514  1.00 47.00  ? 205 TRP A CZ3 1 
ATOM   1707 C CH2 . TRP A 1 205 ? 6.593   8.444   11.907  1.00 47.00  ? 205 TRP A CH2 1 
ATOM   1708 N N   . ALA A 1 206 ? 12.014  9.822   9.039   1.00 41.88  ? 206 ALA A N   1 
ATOM   1709 C CA  . ALA A 1 206 ? 13.378  9.327   9.156   1.00 41.88  ? 206 ALA A CA  1 
ATOM   1710 C C   . ALA A 1 206 ? 13.791  8.539   7.908   1.00 41.88  ? 206 ALA A C   1 
ATOM   1711 O O   . ALA A 1 206 ? 13.777  7.304   7.899   1.00 60.84  ? 206 ALA A O   1 
ATOM   1712 C CB  . ALA A 1 206 ? 13.507  8.463   10.402  1.00 60.84  ? 206 ALA A CB  1 
ATOM   1713 N N   . ALA A 1 207 ? 14.145  9.275   6.857   1.00 100.00 ? 207 ALA A N   1 
ATOM   1714 C CA  . ALA A 1 207 ? 14.574  8.708   5.578   1.00 100.00 ? 207 ALA A CA  1 
ATOM   1715 C C   . ALA A 1 207 ? 14.916  9.851   4.619   1.00 100.00 ? 207 ALA A C   1 
ATOM   1716 O O   . ALA A 1 207 ? 14.530  11.000  4.853   1.00 24.34  ? 207 ALA A O   1 
ATOM   1717 C CB  . ALA A 1 207 ? 13.471  7.830   4.984   1.00 24.34  ? 207 ALA A CB  1 
ATOM   1718 N N   . SER A 1 208 ? 15.635  9.538   3.543   1.00 100.00 ? 208 SER A N   1 
ATOM   1719 C CA  . SER A 1 208 ? 16.028  10.553  2.566   1.00 100.00 ? 208 SER A CA  1 
ATOM   1720 C C   . SER A 1 208 ? 15.006  10.753  1.444   1.00 100.00 ? 208 SER A C   1 
ATOM   1721 O O   . SER A 1 208 ? 14.612  11.885  1.155   1.00 56.28  ? 208 SER A O   1 
ATOM   1722 C CB  . SER A 1 208 ? 17.391  10.208  1.952   1.00 56.28  ? 208 SER A CB  1 
ATOM   1723 O OG  . SER A 1 208 ? 18.220  9.505   2.864   1.00 56.28  ? 208 SER A OG  1 
ATOM   1724 N N   . PHE A 1 209 ? 14.581  9.664   0.811   1.00 82.83  ? 209 PHE A N   1 
ATOM   1725 C CA  . PHE A 1 209 ? 13.617  9.755   -0.281  1.00 82.83  ? 209 PHE A CA  1 
ATOM   1726 C C   . PHE A 1 209 ? 12.199  9.390   0.149   1.00 82.83  ? 209 PHE A C   1 
ATOM   1727 O O   . PHE A 1 209 ? 11.986  8.444   0.909   1.00 84.93  ? 209 PHE A O   1 
ATOM   1728 C CB  . PHE A 1 209 ? 14.054  8.858   -1.448  1.00 84.93  ? 209 PHE A CB  1 
ATOM   1729 C CG  . PHE A 1 209 ? 12.931  8.471   -2.376  1.00 84.93  ? 209 PHE A CG  1 
ATOM   1730 C CD1 . PHE A 1 209 ? 12.041  9.426   -2.858  1.00 84.93  ? 209 PHE A CD1 1 
ATOM   1731 C CD2 . PHE A 1 209 ? 12.757  7.146   -2.754  1.00 84.93  ? 209 PHE A CD2 1 
ATOM   1732 C CE1 . PHE A 1 209 ? 10.993  9.066   -3.691  1.00 84.93  ? 209 PHE A CE1 1 
ATOM   1733 C CE2 . PHE A 1 209 ? 11.712  6.775   -3.590  1.00 84.93  ? 209 PHE A CE2 1 
ATOM   1734 C CZ  . PHE A 1 209 ? 10.829  7.736   -4.061  1.00 84.93  ? 209 PHE A CZ  1 
ATOM   1735 N N   . GLY A 1 210 ? 11.236  10.156  -0.354  1.00 49.19  ? 210 GLY A N   1 
ATOM   1736 C CA  . GLY A 1 210 ? 9.843   9.917   -0.034  1.00 49.19  ? 210 GLY A CA  1 
ATOM   1737 C C   . GLY A 1 210 ? 9.529   10.235  1.412   1.00 49.19  ? 210 GLY A C   1 
ATOM   1738 O O   . GLY A 1 210 ? 8.367   10.268  1.817   1.00 70.65  ? 210 GLY A O   1 
ATOM   1739 N N   . ALA A 1 211 ? 10.583  10.468  2.189   1.00 58.45  ? 211 ALA A N   1 
ATOM   1740 C CA  . ALA A 1 211 ? 10.462  10.783  3.605   1.00 58.45  ? 211 ALA A CA  1 
ATOM   1741 C C   . ALA A 1 211 ? 10.251  12.277  3.816   1.00 58.45  ? 211 ALA A C   1 
ATOM   1742 O O   . ALA A 1 211 ? 9.758   12.977  2.931   1.00 16.86  ? 211 ALA A O   1 
ATOM   1743 C CB  . ALA A 1 211 ? 11.709  10.340  4.327   1.00 16.86  ? 211 ALA A CB  1 
ATOM   1744 N N   . GLY A 1 212 ? 10.630  12.759  4.996   1.00 33.94  ? 212 GLY A N   1 
ATOM   1745 C CA  . GLY A 1 212 ? 10.487  14.171  5.300   1.00 33.94  ? 212 GLY A CA  1 
ATOM   1746 C C   . GLY A 1 212 ? 9.155   14.522  5.936   1.00 33.94  ? 212 GLY A C   1 
ATOM   1747 O O   . GLY A 1 212 ? 8.160   13.829  5.721   1.00 13.31  ? 212 GLY A O   1 
ATOM   1748 N N   . ASP A 1 213 ? 9.140   15.596  6.725   1.00 100.00 ? 213 ASP A N   1 
ATOM   1749 C CA  . ASP A 1 213 ? 7.925   16.059  7.399   1.00 100.00 ? 213 ASP A CA  1 
ATOM   1750 C C   . ASP A 1 213 ? 6.996   16.627  6.340   1.00 100.00 ? 213 ASP A C   1 
ATOM   1751 O O   . ASP A 1 213 ? 6.026   15.987  5.926   1.00 91.11  ? 213 ASP A O   1 
ATOM   1752 C CB  . ASP A 1 213 ? 8.274   17.146  8.430   1.00 91.11  ? 213 ASP A CB  1 
ATOM   1753 C CG  . ASP A 1 213 ? 7.041   17.846  9.003   1.00 91.11  ? 213 ASP A CG  1 
ATOM   1754 O OD1 . ASP A 1 213 ? 6.205   17.176  9.649   1.00 91.11  ? 213 ASP A OD1 1 
ATOM   1755 O OD2 . ASP A 1 213 ? 6.914   19.077  8.816   1.00 91.11  ? 213 ASP A OD2 1 
ATOM   1756 N N   . ALA A 1 214 ? 7.310   17.840  5.904   1.00 27.24  ? 214 ALA A N   1 
ATOM   1757 C CA  . ALA A 1 214 ? 6.538   18.524  4.884   1.00 27.24  ? 214 ALA A CA  1 
ATOM   1758 C C   . ALA A 1 214 ? 7.319   18.420  3.579   1.00 27.24  ? 214 ALA A C   1 
ATOM   1759 O O   . ALA A 1 214 ? 7.223   19.339  2.741   1.00 66.23  ? 214 ALA A O   1 
ATOM   1760 C CB  . ALA A 1 214 ? 6.351   19.973  5.276   1.00 66.23  ? 214 ALA A CB  1 
HETATM 1761 N N1  . GSH B 2 .   ? 6.134   -6.550  6.093   1.00 24.72  ? 300 GSH A N1  1 
HETATM 1762 C CA1 . GSH B 2 .   ? 5.575   -5.717  7.260   1.00 24.72  ? 300 GSH A CA1 1 
HETATM 1763 C C1  . GSH B 2 .   ? 4.096   -5.971  7.472   1.00 24.72  ? 300 GSH A C1  1 
HETATM 1764 O O11 . GSH B 2 .   ? 3.492   -6.804  6.815   1.00 24.72  ? 300 GSH A O11 1 
HETATM 1765 O O12 . GSH B 2 .   ? 3.491   -5.249  8.397   1.00 24.72  ? 300 GSH A O12 1 
HETATM 1766 C CB1 . GSH B 2 .   ? 6.269   -6.179  8.583   1.00 24.72  ? 300 GSH A CB1 1 
HETATM 1767 C CG1 . GSH B 2 .   ? 6.318   -5.050  9.504   1.00 24.72  ? 300 GSH A CG1 1 
HETATM 1768 C CD1 . GSH B 2 .   ? 7.216   -3.930  9.487   1.00 24.72  ? 300 GSH A CD1 1 
HETATM 1769 O OE1 . GSH B 2 .   ? 8.437   -4.225  9.185   1.00 24.72  ? 300 GSH A OE1 1 
HETATM 1770 N N2  . GSH B 2 .   ? 6.786   -2.834  10.136  1.00 24.72  ? 300 GSH A N2  1 
HETATM 1771 C CA2 . GSH B 2 .   ? 7.347   -1.498  10.049  1.00 24.72  ? 300 GSH A CA2 1 
HETATM 1772 C C2  . GSH B 2 .   ? 7.155   -0.779  11.420  1.00 24.72  ? 300 GSH A C2  1 
HETATM 1773 O O2  . GSH B 2 .   ? 6.872   0.482   11.309  1.00 24.72  ? 300 GSH A O2  1 
HETATM 1774 C CB2 . GSH B 2 .   ? 7.049   -0.683  8.796   1.00 24.72  ? 300 GSH A CB2 1 
HETATM 1775 S SG2 . GSH B 2 .   ? 8.390   -0.494  7.679   1.00 24.72  ? 300 GSH A SG2 1 
HETATM 1776 N N3  . GSH B 2 .   ? 7.900   -1.277  12.398  1.00 24.72  ? 300 GSH A N3  1 
HETATM 1777 C CA3 . GSH B 2 .   ? 7.802   -0.981  13.834  1.00 24.72  ? 300 GSH A CA3 1 
HETATM 1778 C C3  . GSH B 2 .   ? 8.358   -2.021  14.738  1.00 24.72  ? 300 GSH A C3  1 
HETATM 1779 O O31 . GSH B 2 .   ? 9.479   -2.639  14.555  1.00 24.72  ? 300 GSH A O31 1 
HETATM 1780 O O32 . GSH B 2 .   ? 7.797   -2.226  15.979  1.00 24.72  ? 300 GSH A O32 1 
HETATM 1781 O O   . HOH C 3 .   ? -2.481  9.202   24.297  1.00 31.90  ? 301 HOH A O   1 
HETATM 1782 O O   . HOH C 3 .   ? 14.502  6.503   27.505  1.00 31.90  ? 302 HOH A O   1 
HETATM 1783 O O   . HOH C 3 .   ? -18.634 -15.754 11.933  1.00 31.90  ? 303 HOH A O   1 
HETATM 1784 O O   . HOH C 3 .   ? -20.900 1.434   14.532  1.00 31.90  ? 304 HOH A O   1 
HETATM 1785 O O   . HOH C 3 .   ? 1.379   -2.820  2.544   1.00 31.90  ? 305 HOH A O   1 
HETATM 1786 O O   . HOH C 3 .   ? -12.110 -11.066 -7.758  1.00 31.90  ? 306 HOH A O   1 
HETATM 1787 O O   . HOH C 3 .   ? -5.566  10.499  9.634   1.00 31.90  ? 307 HOH A O   1 
HETATM 1788 O O   . HOH C 3 .   ? 21.712  -3.615  -8.986  1.00 31.90  ? 308 HOH A O   1 
HETATM 1789 O O   . HOH C 3 .   ? -19.090 8.929   13.539  1.00 31.90  ? 309 HOH A O   1 
HETATM 1790 O O   . HOH C 3 .   ? 3.329   14.535  12.920  1.00 31.90  ? 310 HOH A O   1 
HETATM 1791 O O   . HOH C 3 .   ? 9.582   11.739  27.633  1.00 31.90  ? 311 HOH A O   1 
HETATM 1792 O O   . HOH C 3 .   ? 11.522  -5.893  -22.658 1.00 31.90  ? 312 HOH A O   1 
HETATM 1793 O O   . HOH C 3 .   ? 6.267   13.771  13.102  1.00 31.90  ? 313 HOH A O   1 
HETATM 1794 O O   . HOH C 3 .   ? -3.200  13.293  -10.413 1.00 31.90  ? 314 HOH A O   1 
HETATM 1795 O O   . HOH C 3 .   ? 11.490  1.256   12.966  1.00 31.90  ? 315 HOH A O   1 
HETATM 1796 O O   . HOH C 3 .   ? -20.276 -2.877  4.656   1.00 31.90  ? 316 HOH A O   1 
HETATM 1797 O O   . HOH C 3 .   ? -12.609 9.633   5.208   1.00 31.90  ? 317 HOH A O   1 
HETATM 1798 O O   . HOH C 3 .   ? -11.786 -3.971  20.451  1.00 31.90  ? 318 HOH A O   1 
HETATM 1799 O O   . HOH C 3 .   ? -10.492 -7.826  -10.464 1.00 31.90  ? 319 HOH A O   1 
HETATM 1800 O O   . HOH C 3 .   ? 2.224   15.050  20.591  1.00 31.90  ? 320 HOH A O   1 
HETATM 1801 O O   . HOH C 3 .   ? 1.736   -0.641  27.206  1.00 31.90  ? 321 HOH A O   1 
HETATM 1802 O O   . HOH C 3 .   ? -6.506  17.452  -3.875  1.00 31.90  ? 322 HOH A O   1 
HETATM 1803 O O   . HOH C 3 .   ? 17.522  9.324   12.129  1.00 31.90  ? 323 HOH A O   1 
HETATM 1804 O O   . HOH C 3 .   ? -18.461 -9.895  19.676  1.00 31.90  ? 324 HOH A O   1 
HETATM 1805 O O   . HOH C 3 .   ? -3.339  0.350   29.023  1.00 31.90  ? 325 HOH A O   1 
HETATM 1806 O O   . HOH C 3 .   ? -7.951  11.834  -12.060 1.00 31.90  ? 326 HOH A O   1 
HETATM 1807 O O   . HOH C 3 .   ? -2.077  -19.055 -16.028 1.00 31.90  ? 327 HOH A O   1 
HETATM 1808 O O   . HOH C 3 .   ? -18.426 -2.486  -4.017  1.00 31.90  ? 328 HOH A O   1 
HETATM 1809 O O   . HOH C 3 .   ? 18.250  11.681  -5.418  1.00 31.90  ? 329 HOH A O   1 
HETATM 1810 O O   . HOH C 3 .   ? -5.789  0.158   21.145  1.00 31.90  ? 330 HOH A O   1 
# 
